data_5ECI
#
_entry.id   5ECI
#
_cell.length_a   53.889
_cell.length_b   53.858
_cell.length_c   195.396
_cell.angle_alpha   92.520
_cell.angle_beta   97.020
_cell.angle_gamma   113.580
#
_symmetry.space_group_name_H-M   'P 1'
#
loop_
_entity.id
_entity.type
_entity.pdbx_description
1 polymer 'Jasmonic acid-amido synthetase JAR1'
2 polymer 'Glutathione S-transferase U20'
3 non-polymer '{(1R,2R)-3-oxo-2-[(2Z)-pent-2-en-1-yl]cyclopentyl}acetic acid'
4 non-polymer "ADENOSINE-5'-TRIPHOSPHATE"
5 non-polymer 'MAGNESIUM ION'
6 non-polymer GLUTATHIONE
7 water water
#
loop_
_entity_poly.entity_id
_entity_poly.type
_entity_poly.pdbx_seq_one_letter_code
_entity_poly.pdbx_strand_id
1 'polypeptide(L)'
;MLEKVETFDMNRVIDEFDEMTRNAHQVQKQTLKEILLKNQSAIYLQNCGLNGNATDPEEAFKSMVPLVTDVELEPYIKRM
VDGDTSPILTGHPVPAISLSSGTSQGRPKFIPFTDELMENTLQLFRTAFAFRNRDFPIDDNGKALQFIFSSKQYISTGGV
PVGTATTNVYRNPNFKAGMKSITSPSCSPDEVIFSPDVHQALYCHLLSGILFRDQVQYVFAVFAHGLVHAFRTFEQVWEE
IVTDIKDGVLSNRITVPSVRTAMSKLLTPNPELAETIRTKCMSLSNWYGLIPALFPNAKYVYGIMTGSMEPYVPKLRHYA
GDLPLVSHDYGSSEGWIAANVTPRLSPEEATFAVIPNLGYFEFLPVSETGEGEEKPVGLTQVKIGEEYEVVITNYAGLYR
YRLGDVVKVIGFYNNTPQLKFICRRNLILSINIDKNTERDLQLSVESAAKRLSEEKIEVIDFSSYIDVSTDPGHYAIFWE
ISGETNEDVLQDCCNCLDRAFIDAGYVSSRKCKTIGALELRVVAKGTFRKIQEHFLGLGSSAGQFKMPRCVKPSNAKVLQ
ILCENVVSSYFSTAF
;
A,D
2 'polypeptide(L)'
;HHHHHHMANLPILLDYWPSMFGMRARVALREKGVEFEYREEDFSNKSPLLLQSNPIHKKIPVLVHNGKPVCESLNVVQYV
DEAWPEKNPFFPSDPYGRAQARFWADFVDKKFTDAQFKVWGKKGEEQEAGKKEFIEAVKILESELGDKPYFGGDSFGYVD
ISLITFSSWFQAYEKFGNFSIESESPKLIAWAKRCMEKESVSKSLPDSEKIVAYAAEYRKNNL
;
B,C,E,F
#
# COMPACT_ATOMS: atom_id res chain seq x y z
N THR A 7 60.11 -2.11 74.78
CA THR A 7 58.77 -2.00 75.37
C THR A 7 58.27 -0.57 75.22
N PHE A 8 57.12 -0.39 74.58
CA PHE A 8 56.72 0.93 74.12
C PHE A 8 56.06 1.80 75.19
N ASP A 9 56.72 2.92 75.45
CA ASP A 9 56.26 3.95 76.38
C ASP A 9 56.28 5.28 75.63
N MET A 10 55.64 6.31 76.18
CA MET A 10 55.59 7.58 75.46
C MET A 10 56.79 8.48 75.79
N ASN A 11 57.04 8.79 77.06
CA ASN A 11 58.04 9.81 77.38
C ASN A 11 59.50 9.39 77.30
N ARG A 12 59.83 8.13 77.58
CA ARG A 12 61.22 7.70 77.55
C ARG A 12 61.75 7.63 76.13
N VAL A 13 60.94 7.13 75.19
CA VAL A 13 61.38 7.02 73.80
C VAL A 13 61.59 8.40 73.19
N ILE A 14 60.69 9.33 73.49
CA ILE A 14 60.78 10.66 72.90
C ILE A 14 62.00 11.40 73.41
N ASP A 15 62.35 11.17 74.67
CA ASP A 15 63.54 11.78 75.29
C ASP A 15 64.76 11.21 74.64
N GLU A 16 64.71 9.91 74.38
CA GLU A 16 65.79 9.27 73.65
C GLU A 16 65.80 9.77 72.22
N PHE A 17 64.65 10.19 71.74
CA PHE A 17 64.54 10.69 70.38
C PHE A 17 64.86 12.16 70.27
N ASP A 18 64.57 12.95 71.30
CA ASP A 18 65.05 14.31 71.33
C ASP A 18 66.57 14.25 71.41
N GLU A 19 67.08 13.56 72.43
CA GLU A 19 68.49 13.22 72.51
C GLU A 19 68.99 12.83 71.11
N MET A 20 68.32 11.86 70.50
CA MET A 20 68.76 11.31 69.21
C MET A 20 68.81 12.32 68.05
N THR A 21 67.76 13.14 67.97
CA THR A 21 67.59 14.09 66.90
C THR A 21 68.59 15.24 67.01
N ARG A 22 68.98 15.55 68.25
CA ARG A 22 69.99 16.56 68.51
C ARG A 22 71.36 15.94 68.25
N ASN A 23 71.44 14.64 68.49
CA ASN A 23 72.62 13.88 68.19
C ASN A 23 72.84 13.72 66.69
N ALA A 24 71.90 14.26 65.90
CA ALA A 24 71.78 14.06 64.45
C ALA A 24 73.09 13.90 63.71
N HIS A 25 74.13 14.61 64.13
CA HIS A 25 75.44 14.48 63.49
C HIS A 25 76.18 13.21 63.92
N GLN A 26 76.20 12.92 65.22
CA GLN A 26 76.99 11.77 65.66
C GLN A 26 76.36 10.51 65.10
N VAL A 27 75.04 10.47 65.04
CA VAL A 27 74.36 9.26 64.62
C VAL A 27 74.15 9.22 63.09
N GLN A 28 74.22 10.37 62.42
CA GLN A 28 74.31 10.32 60.96
C GLN A 28 75.67 9.70 60.63
N LYS A 29 76.71 10.14 61.34
CA LYS A 29 78.07 9.69 61.08
C LYS A 29 78.25 8.24 61.50
N GLN A 30 77.58 7.88 62.59
CA GLN A 30 77.62 6.52 63.07
C GLN A 30 76.80 5.58 62.19
N THR A 31 75.68 6.08 61.66
CA THR A 31 74.90 5.38 60.63
C THR A 31 75.82 4.99 59.48
N LEU A 32 76.68 5.92 59.07
CA LEU A 32 77.65 5.65 58.01
C LEU A 32 78.72 4.65 58.43
N LYS A 33 79.24 4.79 59.64
CA LYS A 33 80.15 3.80 60.18
C LYS A 33 79.53 2.43 60.06
N GLU A 34 78.33 2.29 60.62
CA GLU A 34 77.63 1.02 60.67
C GLU A 34 77.30 0.49 59.27
N ILE A 35 76.91 1.35 58.34
CA ILE A 35 76.52 0.81 57.03
C ILE A 35 77.69 0.19 56.30
N LEU A 36 78.90 0.65 56.58
CA LEU A 36 80.09 0.12 55.94
C LEU A 36 80.88 -0.86 56.81
N LEU A 37 80.78 -0.72 58.13
CA LEU A 37 81.40 -1.71 59.01
C LEU A 37 80.73 -3.07 58.85
N LYS A 38 79.41 -3.09 58.88
CA LYS A 38 78.69 -4.29 58.53
C LYS A 38 79.06 -4.70 57.11
N ASN A 39 79.01 -3.75 56.19
CA ASN A 39 79.26 -4.04 54.77
C ASN A 39 80.50 -3.37 54.22
N GLN A 40 81.65 -3.89 54.61
CA GLN A 40 82.88 -3.38 54.03
C GLN A 40 83.13 -4.12 52.72
N SER A 41 82.31 -5.12 52.44
CA SER A 41 82.66 -6.09 51.42
C SER A 41 82.08 -5.85 50.01
N ALA A 42 81.52 -4.68 49.77
CA ALA A 42 80.81 -4.50 48.51
C ALA A 42 81.75 -4.43 47.32
N ILE A 43 81.46 -5.20 46.27
CA ILE A 43 82.28 -5.15 45.06
C ILE A 43 82.19 -3.80 44.35
N TYR A 44 81.07 -3.12 44.57
CA TYR A 44 80.82 -1.76 44.13
C TYR A 44 81.88 -0.81 44.64
N LEU A 45 82.20 -0.99 45.92
CA LEU A 45 83.06 -0.11 46.68
C LEU A 45 84.52 -0.47 46.39
N GLN A 46 84.73 -1.68 45.87
CA GLN A 46 86.09 -2.10 45.50
C GLN A 46 86.50 -1.32 44.27
N ASN A 47 85.52 -1.11 43.38
CA ASN A 47 85.70 -0.21 42.26
C ASN A 47 86.01 1.20 42.78
N CYS A 48 85.51 1.51 43.98
CA CYS A 48 85.73 2.81 44.57
C CYS A 48 87.02 2.85 45.36
N GLY A 49 87.45 1.67 45.82
CA GLY A 49 88.66 1.56 46.61
C GLY A 49 88.42 1.85 48.07
N LEU A 50 87.54 1.07 48.66
CA LEU A 50 87.14 1.29 50.04
C LEU A 50 87.59 0.16 50.96
N ASN A 51 87.96 0.51 52.19
CA ASN A 51 88.27 -0.52 53.17
C ASN A 51 87.73 -0.22 54.58
N GLY A 52 87.21 0.99 54.78
CA GLY A 52 86.60 1.36 56.04
C GLY A 52 87.56 2.02 57.01
N ASN A 53 87.09 2.30 58.22
CA ASN A 53 87.85 2.96 59.28
C ASN A 53 88.44 4.29 58.80
N ALA A 54 89.78 4.39 58.84
CA ALA A 54 90.49 5.60 58.42
C ALA A 54 90.08 6.85 59.20
N THR A 55 90.64 8.02 58.88
CA THR A 55 90.27 9.25 59.57
C THR A 55 89.93 10.37 58.57
N ASP A 56 89.62 9.98 57.34
CA ASP A 56 88.92 10.87 56.42
C ASP A 56 87.75 10.10 55.84
N PRO A 57 87.05 9.36 56.70
CA PRO A 57 86.14 8.34 56.16
C PRO A 57 84.97 8.98 55.41
N GLU A 58 84.38 10.00 56.02
CA GLU A 58 83.28 10.71 55.39
C GLU A 58 83.75 11.45 54.14
N GLU A 59 84.95 12.01 54.20
CA GLU A 59 85.52 12.71 53.04
C GLU A 59 85.91 11.75 51.92
N ALA A 60 86.46 10.61 52.29
CA ALA A 60 86.82 9.57 51.32
C ALA A 60 85.58 8.98 50.68
N PHE A 61 84.45 9.06 51.35
CA PHE A 61 83.21 8.56 50.77
C PHE A 61 82.59 9.61 49.84
N LYS A 62 82.71 10.89 50.16
CA LYS A 62 82.05 11.90 49.34
C LYS A 62 82.98 12.40 48.23
N SER A 63 84.13 11.77 48.12
CA SER A 63 85.09 12.15 47.08
C SER A 63 85.52 10.98 46.18
N MET A 64 85.17 9.76 46.55
CA MET A 64 85.67 8.60 45.80
C MET A 64 84.58 7.73 45.21
N VAL A 65 83.37 7.82 45.72
CA VAL A 65 82.29 7.02 45.16
C VAL A 65 81.40 7.92 44.29
N PRO A 66 81.20 7.54 43.01
CA PRO A 66 80.32 8.28 42.10
C PRO A 66 78.85 8.04 42.42
N LEU A 67 77.99 8.99 42.09
CA LEU A 67 76.56 8.73 42.14
C LEU A 67 76.19 7.62 41.15
N VAL A 68 75.02 7.03 41.34
CA VAL A 68 74.55 5.93 40.51
C VAL A 68 73.07 6.14 40.22
N THR A 69 72.62 5.58 39.11
CA THR A 69 71.24 5.76 38.71
C THR A 69 70.50 4.43 38.65
N ASP A 70 69.20 4.53 38.43
CA ASP A 70 68.34 3.34 38.34
C ASP A 70 68.84 2.28 37.36
N VAL A 71 69.45 2.73 36.27
CA VAL A 71 69.88 1.84 35.21
C VAL A 71 71.15 1.11 35.57
N GLU A 72 72.13 1.84 36.08
CA GLU A 72 73.38 1.23 36.48
C GLU A 72 73.17 0.37 37.73
N LEU A 73 72.07 0.63 38.42
CA LEU A 73 71.74 -0.09 39.64
C LEU A 73 70.90 -1.34 39.39
N GLU A 74 70.20 -1.34 38.26
CA GLU A 74 69.42 -2.48 37.81
C GLU A 74 70.20 -3.81 37.74
N PRO A 75 71.34 -3.83 37.02
CA PRO A 75 71.98 -5.11 36.72
C PRO A 75 72.57 -5.82 37.96
N TYR A 76 73.05 -5.09 38.97
CA TYR A 76 73.71 -5.75 40.08
C TYR A 76 72.70 -6.46 40.94
N ILE A 77 71.67 -5.76 41.37
CA ILE A 77 70.66 -6.39 42.20
C ILE A 77 69.92 -7.44 41.35
N LYS A 78 69.99 -7.24 40.04
CA LYS A 78 69.48 -8.23 39.11
C LYS A 78 70.26 -9.53 39.19
N ARG A 79 71.57 -9.44 39.46
CA ARG A 79 72.35 -10.65 39.66
C ARG A 79 71.93 -11.33 40.95
N MET A 80 71.38 -10.57 41.89
CA MET A 80 70.95 -11.13 43.18
C MET A 80 69.75 -12.06 43.11
N VAL A 81 68.83 -11.77 42.21
CA VAL A 81 67.48 -12.27 42.31
C VAL A 81 67.20 -13.50 41.44
N ASP A 82 68.04 -13.73 40.43
CA ASP A 82 67.67 -14.66 39.37
C ASP A 82 68.63 -15.83 39.12
N GLY A 83 68.61 -16.83 39.99
CA GLY A 83 69.36 -18.06 39.75
C GLY A 83 70.74 -17.96 40.37
N ASP A 84 71.38 -16.85 40.10
CA ASP A 84 72.57 -16.46 40.84
C ASP A 84 72.04 -15.85 42.13
N THR A 85 72.17 -16.52 43.26
CA THR A 85 71.63 -15.97 44.50
C THR A 85 72.64 -15.03 45.14
N SER A 86 73.38 -14.31 44.30
CA SER A 86 74.64 -13.70 44.70
C SER A 86 74.53 -12.32 45.34
N PRO A 87 75.24 -12.10 46.45
CA PRO A 87 75.32 -10.77 47.12
C PRO A 87 76.23 -9.73 46.41
N ILE A 88 75.82 -8.46 46.34
CA ILE A 88 76.53 -7.51 45.47
C ILE A 88 76.77 -6.07 45.98
N LEU A 89 75.80 -5.16 45.80
CA LEU A 89 76.04 -3.71 46.03
C LEU A 89 76.18 -3.39 47.49
N THR A 90 75.22 -3.88 48.27
CA THR A 90 75.34 -3.86 49.72
C THR A 90 76.03 -5.14 50.06
N GLY A 91 75.24 -6.17 50.26
CA GLY A 91 75.81 -7.48 50.36
C GLY A 91 74.72 -8.50 50.31
N HIS A 92 74.42 -9.05 51.48
CA HIS A 92 73.52 -10.19 51.67
C HIS A 92 72.50 -10.42 50.58
N PRO A 93 72.46 -11.65 50.08
CA PRO A 93 71.34 -12.08 49.24
C PRO A 93 70.10 -11.82 50.07
N VAL A 94 69.48 -10.66 49.88
CA VAL A 94 68.45 -10.19 50.80
C VAL A 94 67.16 -11.02 50.80
N PRO A 95 66.38 -10.92 51.90
CA PRO A 95 65.09 -11.60 52.00
C PRO A 95 63.97 -10.98 51.15
N ALA A 96 64.16 -9.76 50.63
CA ALA A 96 63.23 -9.20 49.64
C ALA A 96 63.87 -8.09 48.80
N ILE A 97 63.24 -7.80 47.67
CA ILE A 97 63.78 -6.84 46.71
C ILE A 97 62.69 -5.84 46.21
N SER A 98 63.09 -4.70 45.66
CA SER A 98 62.12 -3.66 45.33
C SER A 98 61.87 -3.28 43.87
N LEU A 99 60.92 -2.38 43.73
CA LEU A 99 60.58 -1.70 42.50
C LEU A 99 60.66 -0.22 42.85
N SER A 100 60.60 0.66 41.86
CA SER A 100 60.67 2.07 42.17
C SER A 100 59.75 2.85 41.31
N SER A 101 59.06 3.79 41.93
CA SER A 101 58.23 4.68 41.18
C SER A 101 59.03 5.45 40.17
N GLY A 102 58.34 5.93 39.14
CA GLY A 102 59.02 6.38 37.95
C GLY A 102 59.63 5.13 37.35
N THR A 103 60.60 5.30 36.47
CA THR A 103 61.10 4.18 35.70
C THR A 103 62.62 4.24 35.42
N SER A 104 63.24 3.07 35.36
CA SER A 104 64.66 2.98 35.01
C SER A 104 64.84 2.94 33.50
N GLN A 105 64.83 4.12 32.87
CA GLN A 105 64.74 4.25 31.42
C GLN A 105 63.47 3.64 30.91
N GLY A 106 62.39 3.81 31.66
CA GLY A 106 61.16 3.16 31.29
C GLY A 106 61.14 1.83 31.98
N ARG A 107 62.31 1.42 32.49
CA ARG A 107 62.49 0.07 32.96
C ARG A 107 62.51 -0.09 34.46
N PRO A 108 62.49 -1.35 34.88
CA PRO A 108 62.68 -1.89 36.24
C PRO A 108 63.88 -1.46 37.09
N LYS A 109 63.60 -1.23 38.37
CA LYS A 109 64.65 -0.89 39.33
C LYS A 109 64.52 -1.75 40.58
N PHE A 110 65.58 -2.51 40.86
CA PHE A 110 65.65 -3.44 41.99
C PHE A 110 66.21 -2.81 43.28
N ILE A 111 65.68 -3.16 44.46
CA ILE A 111 66.22 -2.63 45.74
C ILE A 111 66.01 -3.60 46.91
N PRO A 112 67.12 -4.05 47.50
CA PRO A 112 67.28 -5.05 48.57
C PRO A 112 66.59 -4.70 49.90
N PHE A 113 66.01 -5.71 50.54
CA PHE A 113 65.43 -5.57 51.88
C PHE A 113 66.17 -6.39 52.93
N THR A 114 66.47 -5.79 54.06
CA THR A 114 67.10 -6.53 55.13
C THR A 114 66.33 -6.28 56.42
N ASP A 115 66.41 -7.22 57.35
CA ASP A 115 65.70 -7.09 58.63
C ASP A 115 65.99 -5.75 59.32
N GLU A 116 67.14 -5.17 59.02
CA GLU A 116 67.50 -3.86 59.55
C GLU A 116 66.37 -2.88 59.28
N LEU A 117 65.85 -2.95 58.06
CA LEU A 117 64.78 -2.08 57.60
C LEU A 117 63.48 -2.29 58.37
N MET A 118 63.32 -3.48 58.95
CA MET A 118 62.19 -3.82 59.79
C MET A 118 62.33 -3.17 61.15
N GLU A 119 63.57 -3.18 61.69
CA GLU A 119 63.89 -2.44 62.91
C GLU A 119 63.53 -0.99 62.73
N ASN A 120 63.96 -0.46 61.60
CA ASN A 120 63.67 0.91 61.20
C ASN A 120 62.20 1.23 61.20
N THR A 121 61.43 0.29 60.65
CA THR A 121 59.99 0.32 60.71
C THR A 121 59.44 0.50 62.07
N LEU A 122 59.64 -0.52 62.90
CA LEU A 122 59.05 -0.57 64.22
C LEU A 122 59.37 0.69 64.98
N GLN A 123 60.66 1.05 65.03
CA GLN A 123 61.11 2.20 65.79
C GLN A 123 60.45 3.46 65.30
N LEU A 124 60.37 3.65 63.98
CA LEU A 124 59.69 4.83 63.46
C LEU A 124 58.25 4.80 63.95
N PHE A 125 57.69 3.59 64.04
CA PHE A 125 56.29 3.50 64.39
C PHE A 125 55.97 3.48 65.88
N ARG A 126 56.94 3.11 66.73
CA ARG A 126 56.73 3.30 68.16
C ARG A 126 56.81 4.80 68.37
N THR A 127 57.82 5.39 67.75
CA THR A 127 58.11 6.80 67.99
C THR A 127 57.07 7.72 67.38
N ALA A 128 56.69 7.47 66.13
CA ALA A 128 55.64 8.26 65.51
C ALA A 128 54.33 8.13 66.27
N PHE A 129 54.04 6.93 66.78
CA PHE A 129 52.79 6.72 67.50
C PHE A 129 52.82 7.40 68.86
N ALA A 130 54.01 7.46 69.48
CA ALA A 130 54.24 8.13 70.76
C ALA A 130 53.82 9.57 70.72
N PHE A 131 54.34 10.29 69.72
CA PHE A 131 54.07 11.70 69.53
C PHE A 131 52.64 11.98 69.14
N ARG A 132 52.00 11.02 68.47
CA ARG A 132 50.65 11.16 67.98
C ARG A 132 49.69 10.94 69.12
N ASN A 133 49.84 9.83 69.84
CA ASN A 133 49.05 9.57 71.04
C ASN A 133 49.36 10.57 72.15
N ARG A 134 50.51 11.23 72.04
CA ARG A 134 50.83 12.38 72.85
C ARG A 134 49.91 13.56 72.46
N ASP A 135 49.47 13.57 71.21
CA ASP A 135 48.56 14.62 70.71
C ASP A 135 47.16 14.06 70.57
N PHE A 136 47.07 12.86 70.01
CA PHE A 136 45.78 12.25 69.71
C PHE A 136 45.62 10.95 70.51
N PRO A 137 45.53 11.07 71.84
CA PRO A 137 45.61 9.89 72.73
C PRO A 137 44.51 8.85 72.53
N ILE A 138 44.91 7.58 72.60
CA ILE A 138 43.98 6.48 72.40
C ILE A 138 43.59 5.71 73.66
N ASP A 139 42.72 4.74 73.45
CA ASP A 139 42.40 3.76 74.47
C ASP A 139 43.29 2.52 74.27
N ASP A 140 43.75 1.91 75.37
CA ASP A 140 44.68 0.78 75.23
C ASP A 140 43.96 -0.55 75.10
N ASN A 141 42.64 -0.52 75.22
CA ASN A 141 41.84 -1.74 75.10
C ASN A 141 40.94 -1.68 73.88
N GLY A 142 41.28 -0.79 72.95
CA GLY A 142 40.47 -0.59 71.78
C GLY A 142 41.14 -1.10 70.53
N LYS A 143 40.52 -0.86 69.38
CA LYS A 143 41.09 -1.31 68.12
C LYS A 143 41.09 -0.21 67.05
N ALA A 144 41.44 -0.56 65.82
CA ALA A 144 41.55 0.46 64.77
C ALA A 144 40.96 0.05 63.43
N LEU A 145 40.55 1.05 62.64
CA LEU A 145 40.17 0.80 61.26
C LEU A 145 41.41 0.99 60.41
N GLN A 146 42.10 -0.11 60.13
CA GLN A 146 43.26 -0.04 59.28
C GLN A 146 43.03 -0.73 57.94
N PHE A 147 42.93 0.06 56.87
CA PHE A 147 42.86 -0.51 55.53
C PHE A 147 44.25 -0.91 55.08
N ILE A 148 44.87 -1.83 55.80
CA ILE A 148 46.18 -2.33 55.40
C ILE A 148 46.04 -3.78 54.91
N PHE A 149 46.74 -4.08 53.82
CA PHE A 149 46.80 -5.40 53.23
C PHE A 149 48.25 -5.75 53.02
N SER A 150 48.51 -7.04 52.94
CA SER A 150 49.82 -7.51 52.55
C SER A 150 49.65 -8.97 52.22
N SER A 151 48.68 -9.25 51.35
CA SER A 151 48.17 -10.60 51.18
C SER A 151 48.85 -11.42 50.10
N LYS A 152 49.90 -10.85 49.50
CA LYS A 152 50.58 -11.46 48.38
C LYS A 152 52.05 -11.72 48.63
N GLN A 153 52.51 -12.91 48.22
CA GLN A 153 53.87 -13.35 48.52
C GLN A 153 54.39 -14.42 47.55
N TYR A 154 55.20 -14.00 46.60
CA TYR A 154 55.81 -14.88 45.62
C TYR A 154 57.24 -15.19 45.99
N ILE A 155 57.85 -16.00 45.14
CA ILE A 155 59.25 -16.34 45.25
C ILE A 155 59.85 -16.06 43.89
N SER A 156 60.96 -15.34 43.85
CA SER A 156 61.49 -14.95 42.53
C SER A 156 61.91 -16.13 41.70
N THR A 157 62.13 -15.83 40.42
CA THR A 157 62.51 -16.84 39.46
C THR A 157 63.83 -17.48 39.85
N GLY A 158 64.61 -16.77 40.67
CA GLY A 158 65.83 -17.33 41.25
C GLY A 158 65.57 -18.20 42.44
N GLY A 159 64.31 -18.34 42.82
CA GLY A 159 63.94 -19.13 43.98
C GLY A 159 64.17 -18.35 45.27
N VAL A 160 64.41 -17.05 45.12
CA VAL A 160 64.58 -16.14 46.25
C VAL A 160 63.33 -15.28 46.42
N PRO A 161 62.90 -15.03 47.66
CA PRO A 161 61.78 -14.11 47.77
C PRO A 161 62.26 -12.70 47.53
N VAL A 162 61.36 -11.88 47.02
CA VAL A 162 61.68 -10.50 46.65
C VAL A 162 60.40 -9.76 47.04
N GLY A 163 60.46 -8.49 47.42
CA GLY A 163 59.31 -7.98 48.13
C GLY A 163 58.95 -6.52 48.30
N THR A 164 57.65 -6.30 48.41
CA THR A 164 57.06 -5.00 48.69
C THR A 164 57.30 -4.64 50.13
N ALA A 165 57.26 -3.34 50.43
CA ALA A 165 57.28 -2.87 51.82
C ALA A 165 56.22 -3.54 52.70
N THR A 166 54.96 -3.25 52.41
CA THR A 166 53.86 -3.66 53.28
C THR A 166 53.84 -5.16 53.51
N THR A 167 54.01 -5.96 52.45
CA THR A 167 53.94 -7.40 52.63
C THR A 167 55.13 -7.88 53.39
N ASN A 168 56.31 -7.32 53.12
CA ASN A 168 57.49 -7.69 53.88
C ASN A 168 57.39 -7.23 55.32
N VAL A 169 56.61 -6.19 55.59
CA VAL A 169 56.37 -5.82 56.98
C VAL A 169 55.51 -6.85 57.69
N TYR A 170 54.32 -7.08 57.14
CA TYR A 170 53.20 -7.69 57.89
C TYR A 170 53.26 -9.21 58.02
N ARG A 171 53.81 -9.88 57.01
CA ARG A 171 53.99 -11.34 57.01
C ARG A 171 55.36 -11.69 57.61
N ASN A 172 56.11 -10.66 58.00
CA ASN A 172 57.39 -10.85 58.67
C ASN A 172 57.15 -11.45 60.05
N PRO A 173 58.12 -12.24 60.55
CA PRO A 173 57.99 -12.80 61.89
C PRO A 173 57.83 -11.76 63.02
N ASN A 174 58.50 -10.61 62.98
CA ASN A 174 58.50 -9.72 64.15
C ASN A 174 57.49 -8.58 64.05
N PHE A 175 56.70 -8.58 62.98
CA PHE A 175 55.64 -7.60 62.82
C PHE A 175 54.59 -7.72 63.92
N LYS A 176 54.22 -8.97 64.21
CA LYS A 176 53.06 -9.23 65.05
C LYS A 176 53.41 -9.10 66.53
N ALA A 177 54.61 -9.50 66.90
CA ALA A 177 55.04 -9.38 68.29
C ALA A 177 55.37 -7.92 68.60
N GLY A 178 56.05 -7.28 67.65
CA GLY A 178 56.54 -5.93 67.82
C GLY A 178 55.54 -4.79 67.69
N MET A 179 54.49 -4.97 66.89
CA MET A 179 53.50 -3.91 66.69
C MET A 179 52.41 -4.03 67.74
N LYS A 180 52.36 -5.17 68.45
CA LYS A 180 51.30 -5.44 69.44
C LYS A 180 51.14 -4.33 70.48
N SER A 181 52.24 -3.76 70.94
CA SER A 181 52.16 -2.69 71.92
C SER A 181 51.98 -1.30 71.30
N ILE A 182 52.14 -1.18 69.97
CA ILE A 182 52.11 0.16 69.37
C ILE A 182 50.94 0.38 68.41
N THR A 183 50.00 -0.54 68.38
CA THR A 183 48.74 -0.26 67.68
C THR A 183 47.57 -0.73 68.50
N SER A 184 46.39 -0.25 68.15
CA SER A 184 45.14 -0.84 68.60
C SER A 184 44.76 -1.98 67.69
N PRO A 185 44.61 -3.18 68.25
CA PRO A 185 44.40 -4.48 67.59
C PRO A 185 43.63 -4.42 66.27
N SER A 186 44.28 -4.88 65.21
CA SER A 186 43.72 -4.90 63.85
C SER A 186 42.37 -5.57 63.76
N CYS A 187 41.43 -4.87 63.14
CA CYS A 187 40.04 -5.28 63.08
C CYS A 187 39.78 -6.54 62.25
N SER A 188 40.79 -6.97 61.51
CA SER A 188 40.58 -8.05 60.58
C SER A 188 41.51 -9.21 60.89
N PRO A 189 41.00 -10.45 60.77
CA PRO A 189 41.83 -11.66 60.87
C PRO A 189 43.04 -11.52 59.97
N ASP A 190 44.18 -12.05 60.37
CA ASP A 190 45.35 -11.93 59.53
C ASP A 190 45.14 -12.63 58.19
N GLU A 191 44.43 -13.76 58.21
CA GLU A 191 44.16 -14.49 57.00
C GLU A 191 43.29 -13.71 56.02
N VAL A 192 42.47 -12.76 56.47
CA VAL A 192 41.74 -11.93 55.50
C VAL A 192 42.55 -10.70 55.13
N ILE A 193 43.43 -10.27 56.04
CA ILE A 193 44.45 -9.29 55.72
C ILE A 193 45.37 -9.91 54.69
N PHE A 194 45.70 -11.18 54.91
CA PHE A 194 46.55 -11.92 53.98
C PHE A 194 45.72 -12.80 53.04
N SER A 195 44.48 -12.40 52.75
CA SER A 195 43.58 -13.21 51.91
C SER A 195 43.90 -13.15 50.41
N PRO A 196 43.91 -14.32 49.74
CA PRO A 196 44.05 -14.39 48.27
C PRO A 196 43.13 -13.45 47.51
N ASP A 197 41.97 -13.10 48.07
CA ASP A 197 41.09 -12.12 47.42
C ASP A 197 41.00 -10.86 48.25
N VAL A 198 41.70 -9.82 47.81
CA VAL A 198 41.92 -8.67 48.63
C VAL A 198 40.86 -7.56 48.42
N HIS A 199 40.19 -7.56 47.27
CA HIS A 199 39.13 -6.59 47.03
C HIS A 199 37.91 -7.00 47.83
N GLN A 200 37.73 -8.31 47.92
CA GLN A 200 36.75 -8.93 48.80
C GLN A 200 37.19 -8.74 50.24
N ALA A 201 38.49 -8.85 50.47
CA ALA A 201 39.06 -8.61 51.79
C ALA A 201 38.92 -7.13 52.17
N LEU A 202 39.07 -6.22 51.19
CA LEU A 202 38.80 -4.80 51.39
C LEU A 202 37.37 -4.63 51.87
N TYR A 203 36.50 -5.47 51.35
CA TYR A 203 35.09 -5.43 51.70
C TYR A 203 34.92 -5.96 53.09
N CYS A 204 35.65 -7.03 53.39
CA CYS A 204 35.70 -7.55 54.75
C CYS A 204 36.66 -6.78 55.65
N HIS A 205 37.28 -5.75 55.09
CA HIS A 205 38.11 -4.83 55.87
C HIS A 205 37.28 -3.64 56.35
N LEU A 206 36.42 -3.12 55.47
CA LEU A 206 35.38 -2.21 55.91
C LEU A 206 34.62 -2.96 56.99
N LEU A 207 34.01 -4.08 56.62
CA LEU A 207 33.31 -4.96 57.53
C LEU A 207 34.03 -5.14 58.86
N SER A 208 35.31 -5.45 58.82
CA SER A 208 36.05 -5.67 60.06
C SER A 208 36.26 -4.41 60.87
N GLY A 209 36.64 -3.33 60.19
CA GLY A 209 36.87 -2.07 60.87
C GLY A 209 35.58 -1.51 61.37
N ILE A 210 34.51 -1.89 60.70
CA ILE A 210 33.19 -1.46 61.07
C ILE A 210 32.76 -2.30 62.29
N LEU A 211 33.26 -3.53 62.41
CA LEU A 211 32.91 -4.40 63.55
C LEU A 211 33.11 -3.69 64.91
N PHE A 212 34.36 -3.61 65.40
CA PHE A 212 34.58 -3.08 66.75
C PHE A 212 34.71 -1.56 66.75
N ARG A 213 33.76 -0.91 66.10
CA ARG A 213 33.82 0.50 65.82
C ARG A 213 33.93 1.42 67.06
N ASP A 214 33.39 0.95 68.17
CA ASP A 214 33.23 1.74 69.39
C ASP A 214 34.55 1.95 70.06
N GLN A 215 35.45 1.00 69.90
CA GLN A 215 36.75 1.11 70.53
C GLN A 215 37.78 1.62 69.53
N VAL A 216 37.37 1.81 68.27
CA VAL A 216 38.30 2.26 67.24
C VAL A 216 38.72 3.70 67.52
N GLN A 217 40.02 3.97 67.52
CA GLN A 217 40.49 5.32 67.83
C GLN A 217 40.95 6.08 66.58
N TYR A 218 41.00 5.37 65.45
CA TYR A 218 41.27 6.04 64.18
C TYR A 218 40.96 5.23 62.93
N VAL A 219 40.72 5.93 61.82
CA VAL A 219 40.62 5.28 60.51
C VAL A 219 41.95 5.45 59.82
N PHE A 220 42.45 4.38 59.24
CA PHE A 220 43.78 4.44 58.67
C PHE A 220 43.84 3.99 57.24
N ALA A 221 44.49 4.80 56.42
CA ALA A 221 45.14 4.30 55.22
C ALA A 221 46.45 5.05 55.15
N VAL A 222 47.40 4.51 54.42
CA VAL A 222 48.61 5.28 54.18
C VAL A 222 48.19 6.54 53.46
N PHE A 223 47.22 6.40 52.54
CA PHE A 223 46.83 7.53 51.72
C PHE A 223 45.37 7.88 51.76
N ALA A 224 45.12 9.18 51.63
CA ALA A 224 43.79 9.71 51.45
C ALA A 224 43.02 9.00 50.32
N HIS A 225 43.69 8.65 49.24
CA HIS A 225 43.00 7.97 48.13
C HIS A 225 42.65 6.56 48.58
N GLY A 226 43.48 5.99 49.43
CA GLY A 226 43.14 4.76 50.07
C GLY A 226 41.86 4.92 50.85
N LEU A 227 41.80 5.97 51.64
CA LEU A 227 40.59 6.28 52.37
C LEU A 227 39.47 6.63 51.40
N VAL A 228 39.76 7.46 50.40
CA VAL A 228 38.70 7.93 49.50
C VAL A 228 38.12 6.79 48.66
N HIS A 229 38.97 5.85 48.21
CA HIS A 229 38.42 4.67 47.52
C HIS A 229 37.66 3.78 48.52
N ALA A 230 38.06 3.76 49.80
CA ALA A 230 37.35 2.95 50.79
C ALA A 230 35.94 3.49 51.06
N PHE A 231 35.81 4.81 51.06
CA PHE A 231 34.54 5.44 51.42
C PHE A 231 33.61 5.63 50.23
N ARG A 232 34.16 5.82 49.03
CA ARG A 232 33.32 5.88 47.83
C ARG A 232 32.82 4.48 47.52
N THR A 233 33.64 3.49 47.90
CA THR A 233 33.27 2.09 47.82
C THR A 233 32.14 1.85 48.81
N PHE A 234 32.23 2.50 49.96
CA PHE A 234 31.20 2.34 50.98
C PHE A 234 29.88 2.86 50.44
N GLU A 235 29.94 3.98 49.72
CA GLU A 235 28.73 4.57 49.14
C GLU A 235 28.11 3.56 48.17
N GLN A 236 28.94 2.73 47.56
CA GLN A 236 28.44 1.78 46.57
C GLN A 236 27.73 0.57 47.18
N VAL A 237 28.29 0.07 48.28
CA VAL A 237 27.93 -1.26 48.73
C VAL A 237 27.37 -1.34 50.14
N TRP A 238 26.91 -0.21 50.69
CA TRP A 238 26.56 -0.22 52.11
C TRP A 238 25.32 -1.06 52.39
N GLU A 239 24.35 -1.01 51.51
CA GLU A 239 23.12 -1.76 51.66
C GLU A 239 23.40 -3.25 51.61
N GLU A 240 24.28 -3.63 50.70
CA GLU A 240 24.76 -4.98 50.56
C GLU A 240 25.46 -5.45 51.84
N ILE A 241 26.29 -4.59 52.41
CA ILE A 241 26.99 -4.95 53.65
C ILE A 241 26.00 -5.24 54.76
N VAL A 242 24.96 -4.41 54.89
CA VAL A 242 23.86 -4.70 55.82
C VAL A 242 23.41 -6.13 55.63
N THR A 243 22.90 -6.42 54.44
CA THR A 243 22.48 -7.75 54.01
C THR A 243 23.49 -8.85 54.35
N ASP A 244 24.78 -8.54 54.32
CA ASP A 244 25.83 -9.56 54.50
C ASP A 244 25.85 -10.10 55.92
N ILE A 245 26.09 -9.16 56.83
CA ILE A 245 26.25 -9.49 58.23
C ILE A 245 24.91 -9.81 58.85
N LYS A 246 23.86 -9.29 58.22
CA LYS A 246 22.49 -9.38 58.73
C LYS A 246 21.93 -10.76 58.97
N ASP A 247 21.79 -11.51 57.89
CA ASP A 247 21.18 -12.81 57.99
C ASP A 247 22.22 -13.84 58.41
N GLY A 248 23.38 -13.36 58.84
CA GLY A 248 24.49 -14.22 59.24
C GLY A 248 25.15 -14.88 58.06
N VAL A 249 24.80 -14.45 56.86
CA VAL A 249 25.37 -15.03 55.66
C VAL A 249 26.10 -13.99 54.84
N LEU A 250 27.42 -14.13 54.81
CA LEU A 250 28.23 -13.30 53.94
C LEU A 250 27.74 -13.38 52.50
N SER A 251 28.01 -12.34 51.72
CA SER A 251 27.44 -12.23 50.39
C SER A 251 28.03 -13.29 49.45
N ASN A 252 27.27 -13.67 48.42
CA ASN A 252 27.74 -14.62 47.41
C ASN A 252 28.93 -14.10 46.62
N ARG A 253 29.16 -12.81 46.75
CA ARG A 253 30.33 -12.13 46.20
C ARG A 253 31.60 -12.78 46.71
N ILE A 254 31.53 -13.26 47.95
CA ILE A 254 32.70 -13.86 48.61
C ILE A 254 32.93 -15.32 48.18
N THR A 255 34.09 -15.61 47.63
CA THR A 255 34.31 -16.95 47.04
C THR A 255 35.47 -17.75 47.61
N VAL A 256 36.58 -17.07 47.86
CA VAL A 256 37.79 -17.75 48.33
C VAL A 256 37.49 -18.44 49.66
N PRO A 257 37.87 -19.72 49.79
CA PRO A 257 37.46 -20.54 50.94
C PRO A 257 37.97 -20.07 52.30
N SER A 258 39.27 -19.81 52.46
CA SER A 258 39.77 -19.46 53.80
C SER A 258 39.10 -18.21 54.33
N VAL A 259 38.94 -17.19 53.49
CA VAL A 259 38.32 -15.97 53.98
C VAL A 259 36.83 -16.20 54.24
N ARG A 260 36.21 -17.06 53.44
CA ARG A 260 34.82 -17.44 53.65
C ARG A 260 34.62 -18.20 54.97
N THR A 261 35.53 -19.12 55.28
CA THR A 261 35.49 -19.81 56.57
C THR A 261 35.73 -18.86 57.73
N ALA A 262 36.53 -17.82 57.51
CA ALA A 262 36.83 -16.84 58.56
C ALA A 262 35.64 -15.94 58.84
N MET A 263 34.98 -15.49 57.78
CA MET A 263 33.78 -14.68 57.90
C MET A 263 32.63 -15.45 58.57
N SER A 264 32.51 -16.74 58.23
CA SER A 264 31.50 -17.59 58.87
C SER A 264 31.92 -17.87 60.31
N LYS A 265 33.21 -17.80 60.58
CA LYS A 265 33.72 -17.96 61.94
C LYS A 265 33.27 -16.80 62.82
N LEU A 266 32.71 -15.75 62.20
CA LEU A 266 32.27 -14.56 62.93
C LEU A 266 30.75 -14.34 62.91
N LEU A 267 30.01 -15.13 62.14
CA LEU A 267 28.62 -14.77 61.78
C LEU A 267 27.48 -15.66 62.30
N THR A 268 26.37 -15.00 62.64
CA THR A 268 25.09 -15.65 63.00
C THR A 268 23.97 -14.71 62.52
N PRO A 269 22.72 -15.20 62.37
CA PRO A 269 21.60 -14.34 61.96
C PRO A 269 21.22 -13.26 62.97
N ASN A 270 21.30 -11.99 62.56
CA ASN A 270 21.13 -10.89 63.50
C ASN A 270 20.44 -9.66 62.89
N PRO A 271 19.09 -9.61 62.90
CA PRO A 271 18.32 -8.57 62.19
C PRO A 271 18.33 -7.13 62.77
N GLU A 272 18.39 -6.98 64.09
CA GLU A 272 18.25 -5.68 64.78
C GLU A 272 19.08 -4.50 64.28
N LEU A 273 20.29 -4.75 63.85
CA LEU A 273 21.16 -3.61 63.61
C LEU A 273 21.00 -2.95 62.25
N ALA A 274 20.27 -3.60 61.36
CA ALA A 274 20.04 -3.06 60.03
C ALA A 274 19.24 -1.76 60.10
N GLU A 275 18.24 -1.77 60.98
CA GLU A 275 17.38 -0.62 61.21
C GLU A 275 18.21 0.59 61.50
N THR A 276 19.16 0.39 62.39
CA THR A 276 19.97 1.46 62.91
C THR A 276 20.85 2.01 61.78
N ILE A 277 21.63 1.14 61.16
CA ILE A 277 22.56 1.55 60.10
C ILE A 277 21.82 2.19 58.93
N ARG A 278 20.62 1.70 58.60
CA ARG A 278 19.91 2.28 57.45
C ARG A 278 19.50 3.70 57.82
N THR A 279 18.99 3.87 59.04
CA THR A 279 18.63 5.21 59.53
C THR A 279 19.75 6.26 59.39
N LYS A 280 20.89 6.03 60.02
CA LYS A 280 22.00 6.96 59.95
C LYS A 280 22.52 7.16 58.54
N CYS A 281 22.59 6.10 57.74
CA CYS A 281 23.22 6.21 56.44
C CYS A 281 22.38 7.04 55.48
N MET A 282 21.07 7.00 55.61
CA MET A 282 20.23 7.79 54.70
C MET A 282 19.96 9.18 55.25
N SER A 283 20.43 9.42 56.47
CA SER A 283 20.21 10.68 57.16
C SER A 283 21.24 11.76 56.78
N LEU A 284 22.29 11.38 56.08
CA LEU A 284 23.35 12.36 55.77
C LEU A 284 23.17 13.15 54.48
N SER A 285 23.97 14.21 54.35
CA SER A 285 24.02 14.99 53.11
C SER A 285 25.18 14.51 52.22
N ASN A 286 24.85 13.84 51.12
CA ASN A 286 25.77 13.19 50.18
C ASN A 286 27.03 12.60 50.81
N TRP A 287 26.87 12.13 52.05
CA TRP A 287 27.91 11.40 52.80
C TRP A 287 29.06 12.24 53.39
N TYR A 288 28.81 13.53 53.63
CA TYR A 288 29.82 14.37 54.31
C TYR A 288 29.92 14.02 55.80
N GLY A 289 31.16 13.81 56.24
CA GLY A 289 31.41 13.52 57.64
C GLY A 289 30.99 12.11 57.97
N LEU A 290 31.17 11.21 57.01
CA LEU A 290 30.84 9.81 57.20
C LEU A 290 31.79 9.14 58.19
N ILE A 291 33.03 9.61 58.26
CA ILE A 291 34.03 9.01 59.17
C ILE A 291 33.73 9.23 60.65
N PRO A 292 33.41 10.48 61.06
CA PRO A 292 32.98 10.60 62.45
C PRO A 292 31.62 9.95 62.59
N ALA A 293 30.87 9.86 61.50
CA ALA A 293 29.59 9.16 61.55
C ALA A 293 29.80 7.69 61.90
N LEU A 294 30.83 7.05 61.35
CA LEU A 294 31.11 5.63 61.61
C LEU A 294 31.58 5.41 63.06
N PHE A 295 32.86 5.65 63.33
CA PHE A 295 33.35 5.63 64.72
C PHE A 295 33.61 7.04 65.19
N PRO A 296 32.61 7.64 65.87
CA PRO A 296 32.50 9.06 66.24
C PRO A 296 33.46 9.49 67.32
N ASN A 297 34.29 8.56 67.75
CA ASN A 297 35.16 8.81 68.86
C ASN A 297 36.63 8.70 68.45
N ALA A 298 36.83 8.59 67.15
CA ALA A 298 38.17 8.67 66.58
C ALA A 298 38.77 10.04 66.85
N LYS A 299 40.02 10.06 67.31
CA LYS A 299 40.74 11.31 67.47
C LYS A 299 41.13 11.79 66.08
N TYR A 300 41.38 10.84 65.19
CA TYR A 300 41.88 11.22 63.88
C TYR A 300 41.58 10.31 62.71
N VAL A 301 41.80 10.91 61.54
CA VAL A 301 41.99 10.25 60.27
C VAL A 301 43.49 10.39 60.04
N TYR A 302 44.13 9.38 59.51
CA TYR A 302 45.57 9.40 59.39
C TYR A 302 46.01 9.00 58.00
N GLY A 303 47.21 9.45 57.62
CA GLY A 303 47.73 9.16 56.29
C GLY A 303 48.61 10.31 55.83
N ILE A 304 49.32 10.15 54.70
CA ILE A 304 50.13 11.24 54.19
C ILE A 304 49.18 12.30 53.61
N MET A 305 49.51 13.58 53.77
CA MET A 305 48.57 14.62 53.36
C MET A 305 49.25 15.75 52.59
N THR A 306 50.50 15.53 52.17
CA THR A 306 51.20 16.51 51.36
C THR A 306 51.48 15.96 49.95
N GLY A 307 52.02 16.81 49.08
CA GLY A 307 52.46 16.37 47.77
C GLY A 307 51.35 15.99 46.80
N SER A 308 51.53 14.86 46.12
CA SER A 308 50.64 14.52 45.02
C SER A 308 49.31 13.93 45.50
N MET A 309 49.06 13.99 46.81
CA MET A 309 47.77 13.50 47.31
C MET A 309 46.92 14.64 47.82
N GLU A 310 47.51 15.84 47.90
CA GLU A 310 46.76 17.02 48.32
C GLU A 310 45.38 17.13 47.62
N PRO A 311 45.29 16.81 46.33
CA PRO A 311 43.96 16.57 45.75
C PRO A 311 43.04 15.63 46.55
N TYR A 312 43.61 14.69 47.30
CA TYR A 312 42.75 13.72 47.98
C TYR A 312 42.39 14.16 49.39
N VAL A 313 42.93 15.27 49.84
CA VAL A 313 42.53 15.81 51.14
C VAL A 313 41.07 16.32 51.10
N PRO A 314 40.67 17.08 50.05
CA PRO A 314 39.28 17.55 50.02
C PRO A 314 38.20 16.45 50.00
N LYS A 315 38.20 15.53 49.04
CA LYS A 315 37.11 14.57 48.99
C LYS A 315 37.13 13.77 50.30
N LEU A 316 38.33 13.54 50.83
CA LEU A 316 38.47 12.87 52.11
C LEU A 316 38.11 13.81 53.27
N ARG A 317 38.37 15.10 53.12
CA ARG A 317 37.90 16.06 54.11
C ARG A 317 36.38 16.03 54.12
N HIS A 318 35.79 16.00 52.93
CA HIS A 318 34.36 15.76 52.82
C HIS A 318 33.99 14.47 53.54
N TYR A 319 34.81 13.42 53.38
CA TYR A 319 34.64 12.16 54.10
C TYR A 319 34.84 12.29 55.61
N ALA A 320 35.92 12.97 56.02
CA ALA A 320 36.32 13.02 57.41
C ALA A 320 35.51 13.98 58.25
N GLY A 321 34.73 14.84 57.60
CA GLY A 321 33.89 15.81 58.31
C GLY A 321 34.68 16.91 58.96
N ASP A 322 34.61 16.99 60.30
CA ASP A 322 35.29 18.05 61.03
C ASP A 322 36.58 17.49 61.60
N LEU A 323 36.66 16.16 61.67
CA LEU A 323 37.81 15.44 62.22
C LEU A 323 39.13 15.93 61.67
N PRO A 324 40.14 16.07 62.55
CA PRO A 324 41.56 16.34 62.26
C PRO A 324 42.21 15.32 61.34
N LEU A 325 42.82 15.81 60.27
CA LEU A 325 43.61 15.00 59.35
C LEU A 325 45.09 15.06 59.71
N VAL A 326 45.63 13.98 60.27
CA VAL A 326 47.04 13.99 60.62
C VAL A 326 47.88 13.39 59.48
N SER A 327 48.96 14.08 59.14
CA SER A 327 49.83 13.72 58.01
C SER A 327 50.83 12.65 58.38
N HIS A 328 50.92 11.60 57.56
CA HIS A 328 51.81 10.49 57.91
C HIS A 328 53.27 10.74 57.55
N ASP A 329 54.17 10.12 58.31
CA ASP A 329 55.59 10.37 58.19
C ASP A 329 56.15 9.92 56.83
N TYR A 330 57.46 9.90 56.71
CA TYR A 330 58.05 9.84 55.37
C TYR A 330 59.27 8.92 55.24
N GLY A 331 59.04 7.67 54.86
CA GLY A 331 60.18 6.78 54.64
C GLY A 331 59.85 5.54 53.86
N SER A 332 60.87 4.73 53.50
CA SER A 332 60.60 3.50 52.74
C SER A 332 61.69 2.47 52.87
N SER A 333 61.51 1.42 52.09
CA SER A 333 62.44 0.31 51.97
C SER A 333 63.74 0.75 51.35
N GLU A 334 63.64 1.66 50.39
CA GLU A 334 64.81 2.20 49.73
C GLU A 334 65.53 3.18 50.68
N GLY A 335 64.96 3.34 51.88
CA GLY A 335 65.53 4.19 52.89
C GLY A 335 64.45 5.05 53.49
N TRP A 336 64.25 4.95 54.81
CA TRP A 336 63.24 5.74 55.49
C TRP A 336 63.82 7.10 55.86
N ILE A 337 63.01 8.16 55.80
CA ILE A 337 63.53 9.51 55.99
C ILE A 337 63.08 10.20 57.27
N ALA A 338 61.78 10.30 57.52
CA ALA A 338 61.37 11.29 58.53
C ALA A 338 60.17 10.98 59.39
N ALA A 339 60.05 11.70 60.50
CA ALA A 339 58.87 11.55 61.35
C ALA A 339 58.27 12.89 61.68
N ASN A 340 56.94 12.90 61.74
CA ASN A 340 56.20 14.05 62.16
C ASN A 340 55.94 13.94 63.66
N VAL A 341 56.78 14.59 64.44
CA VAL A 341 56.68 14.48 65.88
C VAL A 341 55.73 15.53 66.43
N THR A 342 55.17 16.32 65.52
CA THR A 342 54.08 17.22 65.87
C THR A 342 52.90 17.04 64.92
N PRO A 343 52.26 15.86 65.01
CA PRO A 343 51.20 15.37 64.11
C PRO A 343 49.93 16.21 64.13
N ARG A 344 49.90 17.26 64.94
CA ARG A 344 48.70 18.06 65.12
C ARG A 344 48.56 19.12 64.04
N LEU A 345 49.67 19.39 63.34
CA LEU A 345 49.69 20.39 62.31
C LEU A 345 48.78 20.02 61.15
N SER A 346 48.17 21.03 60.54
CA SER A 346 47.34 20.81 59.37
C SER A 346 48.15 20.20 58.21
N PRO A 347 47.50 19.40 57.35
CA PRO A 347 48.05 18.72 56.15
C PRO A 347 48.81 19.67 55.26
N GLU A 348 48.33 20.90 55.19
CA GLU A 348 48.87 21.95 54.33
C GLU A 348 50.20 22.46 54.89
N GLU A 349 50.36 22.38 56.19
CA GLU A 349 51.58 22.82 56.85
C GLU A 349 52.42 21.66 57.36
N ALA A 350 51.98 20.44 57.08
CA ALA A 350 52.57 19.26 57.71
C ALA A 350 53.97 18.97 57.22
N THR A 351 54.83 18.54 58.14
CA THR A 351 56.24 18.28 57.82
C THR A 351 56.81 17.14 58.67
N PHE A 352 57.89 16.56 58.15
CA PHE A 352 58.42 15.31 58.68
C PHE A 352 59.92 15.43 58.95
N ALA A 353 60.31 15.28 60.22
CA ALA A 353 61.69 15.52 60.63
C ALA A 353 62.54 14.27 60.50
N VAL A 354 63.78 14.47 60.04
CA VAL A 354 64.66 13.36 59.68
C VAL A 354 65.33 12.70 60.89
N ILE A 355 64.99 11.44 61.12
CA ILE A 355 65.58 10.61 62.19
C ILE A 355 66.89 9.97 61.72
N PRO A 356 68.00 10.29 62.40
CA PRO A 356 69.38 10.17 61.93
C PRO A 356 70.08 8.79 61.77
N ASN A 357 69.54 7.68 62.26
CA ASN A 357 70.18 6.37 62.01
C ASN A 357 69.49 5.60 60.89
N LEU A 358 68.74 6.34 60.08
CA LEU A 358 68.00 5.81 58.96
C LEU A 358 68.90 5.26 57.86
N GLY A 359 70.02 5.93 57.68
CA GLY A 359 70.85 5.73 56.51
C GLY A 359 71.63 7.01 56.37
N TYR A 360 72.41 7.13 55.30
CA TYR A 360 73.33 8.26 55.16
C TYR A 360 73.01 9.13 53.96
N PHE A 361 72.32 10.23 54.20
CA PHE A 361 71.73 11.00 53.12
C PHE A 361 72.44 12.32 52.90
N GLU A 362 72.64 12.61 51.63
CA GLU A 362 73.13 13.89 51.15
C GLU A 362 72.09 14.45 50.17
N PHE A 363 72.11 15.76 49.95
CA PHE A 363 71.14 16.39 49.07
C PHE A 363 71.81 17.19 47.97
N LEU A 364 71.15 17.25 46.81
CA LEU A 364 71.66 18.00 45.67
C LEU A 364 70.77 19.22 45.52
N PRO A 365 71.26 20.37 46.03
CA PRO A 365 70.62 21.69 46.05
C PRO A 365 70.26 22.19 44.64
N VAL A 366 69.08 22.78 44.47
CA VAL A 366 68.73 23.30 43.16
C VAL A 366 69.15 24.77 42.99
N SER A 367 69.85 25.27 44.02
CA SER A 367 70.31 26.67 44.14
C SER A 367 71.24 27.14 43.02
N GLU A 368 70.67 27.85 42.04
CA GLU A 368 71.40 28.44 40.88
C GLU A 368 70.37 28.83 39.83
N THR A 369 69.74 27.81 39.25
CA THR A 369 68.67 27.97 38.27
C THR A 369 67.83 26.67 38.26
N GLY A 370 68.16 25.73 37.37
CA GLY A 370 67.50 24.46 37.19
C GLY A 370 68.39 23.74 36.20
N GLU A 371 69.32 22.95 36.71
CA GLU A 371 69.33 22.62 38.14
C GLU A 371 70.41 23.38 38.92
N GLY A 372 71.64 23.36 38.43
CA GLY A 372 72.75 23.99 39.12
C GLY A 372 73.78 22.96 39.56
N GLU A 373 75.06 23.25 39.29
CA GLU A 373 76.13 22.24 39.41
C GLU A 373 76.85 22.24 40.77
N GLU A 374 76.09 22.10 41.86
CA GLU A 374 76.70 22.22 43.18
C GLU A 374 77.00 20.84 43.84
N LYS A 375 78.08 20.80 44.62
CA LYS A 375 78.46 19.63 45.42
C LYS A 375 77.65 19.50 46.72
N PRO A 376 77.39 18.27 47.17
CA PRO A 376 76.46 18.12 48.30
C PRO A 376 76.96 18.68 49.63
N VAL A 377 76.00 19.03 50.48
CA VAL A 377 76.29 19.49 51.84
C VAL A 377 75.49 18.58 52.78
N GLY A 378 75.92 18.47 54.04
CA GLY A 378 75.23 17.57 54.97
C GLY A 378 73.80 17.97 55.30
N LEU A 379 73.05 17.08 55.93
CA LEU A 379 71.62 17.33 56.22
C LEU A 379 71.39 18.57 57.12
N THR A 380 72.30 18.82 58.05
CA THR A 380 72.23 20.06 58.84
C THR A 380 73.10 21.16 58.26
N GLN A 381 73.67 20.86 57.11
CA GLN A 381 74.38 21.86 56.34
C GLN A 381 73.49 22.30 55.18
N VAL A 382 72.25 21.80 55.19
CA VAL A 382 71.25 22.16 54.18
C VAL A 382 70.65 23.51 54.60
N LYS A 383 70.08 24.24 53.65
CA LYS A 383 69.55 25.57 53.92
C LYS A 383 68.03 25.62 54.02
N ILE A 384 67.53 26.45 54.93
CA ILE A 384 66.09 26.59 55.18
C ILE A 384 65.33 27.34 54.10
N GLY A 385 64.25 26.74 53.62
CA GLY A 385 63.43 27.33 52.57
C GLY A 385 63.90 26.95 51.18
N GLU A 386 65.10 26.39 51.09
CA GLU A 386 65.65 26.01 49.79
C GLU A 386 65.23 24.60 49.39
N GLU A 387 65.26 24.32 48.08
CA GLU A 387 64.82 23.01 47.58
C GLU A 387 65.99 22.15 47.13
N TYR A 388 66.13 21.00 47.77
CA TYR A 388 67.22 20.07 47.45
C TYR A 388 66.60 18.73 47.04
N GLU A 389 67.33 17.94 46.24
CA GLU A 389 66.86 16.59 45.92
C GLU A 389 67.65 15.56 46.72
N VAL A 390 66.90 14.65 47.33
CA VAL A 390 67.46 13.62 48.20
C VAL A 390 68.36 12.57 47.53
N VAL A 391 69.59 12.44 48.04
CA VAL A 391 70.54 11.41 47.59
C VAL A 391 70.79 10.41 48.73
N ILE A 392 70.64 9.12 48.46
CA ILE A 392 70.43 8.14 49.54
C ILE A 392 71.51 7.08 49.75
N THR A 393 71.92 6.92 51.01
CA THR A 393 72.73 5.78 51.40
C THR A 393 72.05 5.07 52.56
N ASN A 394 71.62 3.82 52.37
CA ASN A 394 71.23 2.99 53.50
C ASN A 394 71.49 1.50 53.34
N TYR A 395 70.85 0.74 54.25
CA TYR A 395 70.96 -0.71 54.35
C TYR A 395 70.14 -1.46 53.32
N ALA A 396 69.68 -0.77 52.27
CA ALA A 396 68.77 -1.41 51.34
C ALA A 396 69.24 -1.40 49.90
N GLY A 397 70.53 -1.59 49.70
CA GLY A 397 71.05 -1.65 48.35
C GLY A 397 71.44 -0.28 47.84
N LEU A 398 71.28 0.74 48.66
CA LEU A 398 71.49 2.11 48.21
C LEU A 398 72.60 2.87 48.95
N TYR A 399 73.46 3.51 48.15
CA TYR A 399 74.68 4.19 48.57
C TYR A 399 74.89 5.51 47.83
N ARG A 400 74.54 6.61 48.47
CA ARG A 400 74.70 7.94 47.87
C ARG A 400 73.98 7.93 46.54
N TYR A 401 72.81 7.32 46.53
CA TYR A 401 72.07 7.11 45.30
C TYR A 401 71.19 8.30 44.96
N ARG A 402 70.98 8.51 43.67
CA ARG A 402 70.08 9.57 43.23
C ARG A 402 68.65 9.04 43.10
N LEU A 403 67.80 9.34 44.08
CA LEU A 403 66.41 8.87 43.98
C LEU A 403 65.61 9.86 43.10
N GLY A 404 66.14 11.07 43.01
CA GLY A 404 65.71 12.03 42.00
C GLY A 404 64.44 12.78 42.27
N ASP A 405 64.37 13.48 43.40
CA ASP A 405 63.11 14.12 43.82
C ASP A 405 63.32 15.21 44.85
N VAL A 406 62.54 16.30 44.75
CA VAL A 406 62.82 17.57 45.42
C VAL A 406 61.97 17.96 46.65
N VAL A 407 62.63 18.29 47.75
CA VAL A 407 61.96 18.62 49.01
C VAL A 407 62.47 19.97 49.54
N LYS A 408 61.64 20.68 50.31
CA LYS A 408 62.02 21.96 50.93
C LYS A 408 62.19 21.84 52.45
N VAL A 409 63.20 22.51 53.01
CA VAL A 409 63.32 22.66 54.47
C VAL A 409 62.50 23.86 54.95
N ILE A 410 61.51 23.60 55.79
CA ILE A 410 60.71 24.70 56.34
C ILE A 410 61.23 25.12 57.71
N GLY A 411 61.78 24.17 58.45
CA GLY A 411 62.33 24.47 59.76
C GLY A 411 63.21 23.37 60.35
N PHE A 412 63.52 23.54 61.64
CA PHE A 412 64.30 22.58 62.42
C PHE A 412 63.61 22.22 63.75
N TYR A 413 63.44 20.92 64.01
CA TYR A 413 62.96 20.46 65.31
C TYR A 413 64.14 20.28 66.22
N ASN A 414 64.56 21.34 66.91
CA ASN A 414 65.89 21.34 67.53
C ASN A 414 66.97 21.14 66.45
N ASN A 415 67.82 20.13 66.61
CA ASN A 415 68.96 19.99 65.69
C ASN A 415 68.73 19.21 64.39
N THR A 416 67.50 18.80 64.12
CA THR A 416 67.21 18.11 62.86
C THR A 416 66.22 18.88 61.98
N PRO A 417 66.58 19.03 60.69
CA PRO A 417 65.83 19.83 59.70
C PRO A 417 64.45 19.22 59.40
N GLN A 418 63.46 20.08 59.20
CA GLN A 418 62.10 19.64 58.86
C GLN A 418 61.84 19.82 57.37
N LEU A 419 61.02 18.96 56.79
CA LEU A 419 60.96 18.82 55.34
C LEU A 419 59.55 18.99 54.75
N LYS A 420 59.46 19.62 53.58
CA LYS A 420 58.16 19.85 52.92
C LYS A 420 58.08 19.26 51.51
N PHE A 421 57.02 18.52 51.23
CA PHE A 421 56.89 17.90 49.90
C PHE A 421 55.81 18.60 49.11
N ILE A 422 56.24 19.20 48.01
CA ILE A 422 55.36 19.86 47.06
C ILE A 422 55.40 19.05 45.76
N CYS A 423 55.78 17.79 45.86
CA CYS A 423 56.11 17.01 44.68
C CYS A 423 55.07 15.98 44.24
N ARG A 424 55.43 15.19 43.25
CA ARG A 424 54.48 14.33 42.60
C ARG A 424 55.24 13.25 41.87
N ARG A 425 56.06 13.72 40.94
CA ARG A 425 56.76 12.92 39.98
C ARG A 425 58.24 13.24 39.88
N ASN A 426 59.03 12.19 40.00
CA ASN A 426 60.44 12.18 39.63
C ASN A 426 60.56 12.10 38.12
N LEU A 427 59.63 12.75 37.42
CA LEU A 427 59.35 12.45 36.02
C LEU A 427 60.31 13.11 35.04
N ILE A 428 61.23 12.30 34.54
CA ILE A 428 61.57 12.27 33.13
C ILE A 428 61.80 10.78 32.97
N LEU A 429 61.53 10.20 31.81
CA LEU A 429 61.72 8.76 31.66
C LEU A 429 62.81 8.49 30.62
N SER A 430 62.85 7.29 30.09
CA SER A 430 63.70 7.00 28.94
C SER A 430 63.13 5.79 28.23
N ILE A 431 63.89 5.26 27.26
CA ILE A 431 63.32 4.28 26.32
C ILE A 431 63.31 2.87 26.93
N ASN A 432 62.13 2.26 26.82
CA ASN A 432 61.74 1.06 27.55
C ASN A 432 62.09 -0.25 26.82
N ILE A 433 61.68 -1.39 27.40
CA ILE A 433 61.49 -2.65 26.64
C ILE A 433 60.51 -3.61 27.29
N ASP A 434 60.01 -3.26 28.48
CA ASP A 434 58.94 -4.06 29.08
C ASP A 434 57.61 -3.77 28.41
N LYS A 435 57.59 -2.82 27.49
CA LYS A 435 56.31 -2.19 27.21
C LYS A 435 55.34 -3.04 26.41
N ASN A 436 55.81 -3.69 25.34
CA ASN A 436 54.87 -4.30 24.44
C ASN A 436 53.95 -3.14 24.07
N THR A 437 54.57 -1.98 23.82
CA THR A 437 53.99 -0.62 23.95
C THR A 437 53.10 -0.43 25.22
N GLU A 438 53.39 0.61 26.02
CA GLU A 438 52.67 0.82 27.29
C GLU A 438 51.24 1.08 26.96
N ARG A 439 51.09 1.81 25.87
CA ARG A 439 49.79 2.14 25.32
C ARG A 439 49.02 0.86 24.98
N ASP A 440 49.74 -0.14 24.49
CA ASP A 440 49.21 -1.46 24.12
C ASP A 440 48.80 -2.18 25.38
N LEU A 441 49.73 -2.21 26.34
CA LEU A 441 49.52 -2.76 27.67
C LEU A 441 48.24 -2.25 28.32
N GLN A 442 48.13 -0.93 28.40
CA GLN A 442 46.93 -0.28 28.89
C GLN A 442 45.76 -0.59 27.96
N LEU A 443 46.02 -0.49 26.65
CA LEU A 443 44.97 -0.78 25.66
C LEU A 443 44.43 -2.16 25.87
N SER A 444 45.34 -3.10 26.11
CA SER A 444 45.00 -4.49 26.32
C SER A 444 44.15 -4.61 27.56
N VAL A 445 44.57 -3.92 28.62
CA VAL A 445 43.79 -3.88 29.85
C VAL A 445 42.38 -3.39 29.52
N GLU A 446 42.30 -2.19 28.96
CA GLU A 446 41.00 -1.58 28.61
C GLU A 446 40.10 -2.46 27.70
N SER A 447 40.68 -2.92 26.59
CA SER A 447 39.99 -3.75 25.60
C SER A 447 39.37 -4.99 26.23
N ALA A 448 40.15 -5.74 27.00
CA ALA A 448 39.61 -6.93 27.69
C ALA A 448 38.65 -6.51 28.82
N ALA A 449 38.91 -5.35 29.42
CA ALA A 449 38.22 -4.98 30.67
C ALA A 449 36.71 -4.83 30.53
N LYS A 450 36.28 -4.12 29.50
CA LYS A 450 34.85 -3.84 29.26
C LYS A 450 33.95 -5.06 29.37
N ARG A 451 34.56 -6.22 29.25
CA ARG A 451 33.92 -7.48 29.56
C ARG A 451 33.52 -7.48 31.01
N LEU A 452 34.44 -7.03 31.87
CA LEU A 452 34.08 -6.76 33.24
C LEU A 452 33.09 -5.62 33.30
N SER A 453 33.36 -4.52 32.58
CA SER A 453 32.53 -3.30 32.62
C SER A 453 31.08 -3.58 32.25
N GLU A 454 30.83 -4.71 31.60
CA GLU A 454 29.48 -5.24 31.54
C GLU A 454 28.88 -5.34 32.94
N GLU A 455 29.73 -5.47 33.95
CA GLU A 455 29.25 -5.66 35.33
C GLU A 455 29.28 -4.37 36.11
N LYS A 456 29.02 -3.27 35.42
CA LYS A 456 28.90 -1.95 36.04
C LYS A 456 30.17 -1.51 36.76
N ILE A 457 31.34 -1.86 36.21
CA ILE A 457 32.58 -1.41 36.83
C ILE A 457 33.51 -0.75 35.80
N GLU A 458 34.48 0.03 36.27
CA GLU A 458 35.55 0.54 35.39
C GLU A 458 36.89 0.07 35.92
N VAL A 459 37.92 0.02 35.09
CA VAL A 459 39.22 -0.51 35.56
C VAL A 459 40.05 0.57 36.24
N ILE A 460 40.28 0.37 37.53
CA ILE A 460 40.92 1.41 38.33
C ILE A 460 42.44 1.37 38.19
N ASP A 461 43.02 0.19 37.96
CA ASP A 461 44.49 0.13 37.74
C ASP A 461 45.00 -1.15 37.04
N PHE A 462 46.28 -1.17 36.70
CA PHE A 462 46.85 -2.30 35.94
C PHE A 462 48.39 -2.32 35.97
N SER A 463 48.99 -3.50 35.85
CA SER A 463 50.46 -3.68 35.71
C SER A 463 50.79 -4.97 34.91
N SER A 464 52.08 -5.25 34.68
CA SER A 464 52.46 -6.53 34.05
C SER A 464 53.92 -6.94 34.29
N TYR A 465 54.32 -8.11 33.77
CA TYR A 465 55.61 -8.73 34.06
C TYR A 465 55.98 -9.75 32.96
N ILE A 466 57.28 -10.03 32.80
CA ILE A 466 57.71 -11.06 31.84
C ILE A 466 58.43 -12.24 32.52
N ASP A 467 57.97 -13.46 32.23
CA ASP A 467 58.55 -14.67 32.85
C ASP A 467 59.46 -15.45 31.90
N VAL A 468 60.77 -15.41 32.11
CA VAL A 468 61.70 -16.24 31.31
C VAL A 468 62.14 -17.51 32.07
N SER A 469 61.45 -17.82 33.15
CA SER A 469 61.76 -19.04 33.92
C SER A 469 61.11 -20.16 33.16
N THR A 470 59.93 -19.87 32.63
CA THR A 470 59.15 -20.82 31.86
C THR A 470 59.60 -20.97 30.40
N ASP A 471 59.10 -22.03 29.76
CA ASP A 471 59.33 -22.26 28.34
C ASP A 471 58.03 -22.77 27.72
N PRO A 472 57.39 -21.95 26.87
CA PRO A 472 57.92 -20.64 26.45
C PRO A 472 57.67 -19.56 27.51
N GLY A 473 58.62 -18.63 27.63
CA GLY A 473 58.50 -17.57 28.61
C GLY A 473 57.25 -16.77 28.32
N HIS A 474 56.61 -16.25 29.35
CA HIS A 474 55.30 -15.67 29.13
C HIS A 474 55.11 -14.33 29.82
N TYR A 475 54.10 -13.64 29.34
CA TYR A 475 53.63 -12.35 29.77
C TYR A 475 52.66 -12.57 30.95
N ALA A 476 52.66 -11.67 31.94
CA ALA A 476 51.72 -11.73 33.05
C ALA A 476 51.03 -10.38 33.24
N ILE A 477 49.71 -10.35 33.04
CA ILE A 477 48.93 -9.12 33.20
C ILE A 477 48.24 -9.07 34.57
N PHE A 478 48.32 -7.93 35.25
CA PHE A 478 47.63 -7.79 36.52
C PHE A 478 46.68 -6.61 36.47
N TRP A 479 45.45 -6.80 36.96
CA TRP A 479 44.49 -5.71 36.97
C TRP A 479 44.03 -5.42 38.39
N GLU A 480 43.48 -4.22 38.56
CA GLU A 480 42.78 -3.86 39.77
C GLU A 480 41.44 -3.33 39.30
N ILE A 481 40.35 -3.84 39.86
CA ILE A 481 39.00 -3.44 39.48
C ILE A 481 38.21 -3.06 40.74
N SER A 482 36.93 -2.77 40.58
CA SER A 482 36.11 -2.42 41.73
C SER A 482 35.25 -3.58 42.22
N GLY A 483 35.17 -4.65 41.44
CA GLY A 483 34.31 -5.77 41.79
C GLY A 483 34.71 -7.17 41.42
N GLU A 484 34.00 -8.13 42.02
CA GLU A 484 34.21 -9.54 41.74
C GLU A 484 33.33 -10.04 40.57
N THR A 485 33.79 -11.07 39.89
CA THR A 485 33.00 -11.64 38.79
C THR A 485 33.39 -13.10 38.50
N ASN A 486 32.47 -13.85 37.91
CA ASN A 486 32.66 -15.28 37.66
C ASN A 486 33.82 -15.50 36.70
N GLU A 487 34.22 -16.76 36.54
CA GLU A 487 35.49 -17.13 35.93
C GLU A 487 35.50 -17.08 34.40
N ASP A 488 34.36 -17.38 33.79
CA ASP A 488 34.30 -17.47 32.33
C ASP A 488 34.79 -16.18 31.66
N VAL A 489 34.22 -15.05 32.08
CA VAL A 489 34.59 -13.75 31.54
C VAL A 489 36.06 -13.45 31.76
N LEU A 490 36.62 -13.91 32.88
CA LEU A 490 38.03 -13.73 33.18
C LEU A 490 38.92 -14.49 32.21
N GLN A 491 38.42 -15.61 31.70
CA GLN A 491 39.14 -16.36 30.70
C GLN A 491 39.03 -15.63 29.38
N ASP A 492 37.81 -15.25 29.05
CA ASP A 492 37.57 -14.40 27.89
C ASP A 492 38.51 -13.20 27.98
N CYS A 493 38.60 -12.61 29.18
CA CYS A 493 39.43 -11.44 29.43
C CYS A 493 40.93 -11.68 29.19
N CYS A 494 41.45 -12.79 29.68
CA CYS A 494 42.86 -13.12 29.49
C CYS A 494 43.11 -13.29 27.99
N ASN A 495 42.17 -13.96 27.33
CA ASN A 495 42.20 -14.12 25.89
C ASN A 495 42.37 -12.79 25.12
N CYS A 496 41.82 -11.70 25.64
CA CYS A 496 41.90 -10.44 24.91
C CYS A 496 43.19 -9.66 25.18
N LEU A 497 43.73 -9.78 26.39
CA LEU A 497 45.06 -9.26 26.62
C LEU A 497 46.02 -10.01 25.70
N ASP A 498 45.79 -11.30 25.53
CA ASP A 498 46.55 -11.99 24.51
C ASP A 498 46.28 -11.36 23.14
N ARG A 499 45.07 -10.86 22.92
CA ARG A 499 44.69 -10.38 21.61
C ARG A 499 44.81 -8.87 21.41
N ALA A 500 45.27 -8.15 22.43
CA ALA A 500 45.20 -6.70 22.31
C ALA A 500 46.52 -5.98 22.08
N PHE A 501 47.55 -6.70 21.65
CA PHE A 501 48.80 -6.01 21.34
C PHE A 501 48.95 -5.86 19.83
N ILE A 502 48.55 -4.70 19.34
CA ILE A 502 48.35 -4.43 17.93
C ILE A 502 49.54 -4.55 16.98
N ASP A 503 50.75 -4.56 17.54
CA ASP A 503 51.93 -4.55 16.70
C ASP A 503 52.22 -5.92 16.11
N ALA A 504 52.93 -5.93 14.98
CA ALA A 504 53.20 -7.16 14.24
C ALA A 504 54.04 -8.15 15.05
N GLY A 505 54.80 -7.64 16.00
CA GLY A 505 55.82 -8.47 16.60
C GLY A 505 55.27 -9.53 17.53
N TYR A 506 54.59 -9.04 18.56
CA TYR A 506 53.85 -9.85 19.50
C TYR A 506 53.08 -10.93 18.78
N VAL A 507 52.47 -10.52 17.67
CA VAL A 507 51.79 -11.41 16.74
C VAL A 507 52.66 -12.53 16.26
N SER A 508 53.88 -12.22 15.84
CA SER A 508 54.82 -13.25 15.42
C SER A 508 55.14 -14.24 16.52
N SER A 509 55.46 -13.73 17.69
CA SER A 509 55.97 -14.56 18.79
C SER A 509 54.96 -15.58 19.30
N ARG A 510 53.75 -15.13 19.63
CA ARG A 510 52.79 -16.05 20.24
C ARG A 510 51.86 -16.73 19.23
N LYS A 511 51.86 -16.27 17.99
CA LYS A 511 51.25 -17.05 16.93
C LYS A 511 52.14 -18.23 16.56
N CYS A 512 53.46 -18.06 16.68
CA CYS A 512 54.30 -19.22 16.42
C CYS A 512 54.28 -20.03 17.70
N LYS A 513 54.65 -19.40 18.82
CA LYS A 513 54.65 -19.92 20.21
C LYS A 513 56.07 -19.92 20.80
N THR A 514 56.96 -19.08 20.29
CA THR A 514 58.30 -19.01 20.87
C THR A 514 58.32 -18.22 22.18
N ILE A 515 57.38 -17.28 22.33
CA ILE A 515 57.16 -16.70 23.64
C ILE A 515 55.77 -17.17 24.11
N GLY A 516 55.64 -17.41 25.41
CA GLY A 516 54.43 -18.01 25.96
C GLY A 516 53.16 -17.23 25.74
N ALA A 517 52.03 -17.95 25.75
CA ALA A 517 50.72 -17.28 25.80
C ALA A 517 50.71 -16.38 27.03
N LEU A 518 49.93 -15.30 26.94
CA LEU A 518 49.82 -14.33 28.01
C LEU A 518 48.91 -14.82 29.14
N GLU A 519 49.40 -14.76 30.37
CA GLU A 519 48.65 -15.23 31.54
C GLU A 519 48.13 -13.99 32.28
N LEU A 520 46.83 -13.73 32.23
CA LEU A 520 46.26 -12.64 33.03
C LEU A 520 45.92 -13.10 34.44
N ARG A 521 46.77 -12.73 35.39
CA ARG A 521 46.41 -12.92 36.79
C ARG A 521 45.76 -11.64 37.28
N VAL A 522 44.43 -11.65 37.35
CA VAL A 522 43.71 -10.50 37.86
C VAL A 522 43.82 -10.46 39.38
N VAL A 523 44.39 -9.37 39.88
CA VAL A 523 44.58 -9.19 41.31
C VAL A 523 43.60 -8.15 41.83
N ALA A 524 43.65 -7.87 43.12
CA ALA A 524 42.50 -7.27 43.79
C ALA A 524 42.62 -5.78 44.02
N LYS A 525 41.67 -5.24 44.81
CA LYS A 525 41.57 -3.80 45.08
C LYS A 525 42.67 -3.31 46.01
N GLY A 526 43.19 -2.13 45.73
CA GLY A 526 44.15 -1.53 46.64
C GLY A 526 45.57 -1.97 46.34
N THR A 527 45.69 -3.01 45.51
CA THR A 527 46.98 -3.53 45.04
C THR A 527 47.92 -2.44 44.56
N PHE A 528 47.42 -1.58 43.68
CA PHE A 528 48.21 -0.52 43.10
C PHE A 528 48.17 0.69 44.00
N ARG A 529 47.14 0.73 44.85
CA ARG A 529 47.07 1.76 45.88
C ARG A 529 48.25 1.51 46.83
N LYS A 530 48.48 0.23 47.17
CA LYS A 530 49.65 -0.22 47.92
C LYS A 530 50.88 0.36 47.26
N ILE A 531 50.93 0.28 45.93
CA ILE A 531 52.08 0.72 45.17
C ILE A 531 52.28 2.21 45.30
N GLN A 532 51.21 2.96 45.08
CA GLN A 532 51.23 4.40 45.30
C GLN A 532 51.54 4.72 46.76
N GLU A 533 50.82 4.08 47.67
CA GLU A 533 50.99 4.39 49.09
C GLU A 533 52.39 4.10 49.61
N HIS A 534 53.04 3.06 49.08
CA HIS A 534 54.37 2.78 49.57
C HIS A 534 55.44 3.58 48.82
N PHE A 535 55.03 4.30 47.79
CA PHE A 535 56.03 4.99 46.98
C PHE A 535 56.14 6.46 47.35
N LEU A 536 55.01 7.12 47.54
CA LEU A 536 55.07 8.55 47.85
C LEU A 536 55.65 8.81 49.22
N GLY A 537 55.27 7.99 50.20
CA GLY A 537 55.84 8.07 51.53
C GLY A 537 57.29 7.65 51.50
N LEU A 538 57.69 6.99 50.43
CA LEU A 538 59.06 6.49 50.29
C LEU A 538 60.08 7.59 50.42
N GLY A 539 61.11 7.31 51.22
CA GLY A 539 62.15 8.25 51.54
C GLY A 539 62.91 8.84 50.37
N SER A 540 62.67 10.13 50.14
CA SER A 540 63.29 11.00 49.13
C SER A 540 62.43 12.28 49.00
N SER A 541 61.57 12.35 47.98
CA SER A 541 60.61 13.46 47.89
C SER A 541 59.45 13.09 46.98
N ALA A 542 58.22 13.46 47.37
CA ALA A 542 56.97 13.03 46.71
C ALA A 542 57.00 12.76 45.19
N GLY A 543 58.10 13.11 44.52
CA GLY A 543 58.26 12.79 43.12
C GLY A 543 58.35 11.31 42.94
N GLN A 544 57.20 10.64 43.06
CA GLN A 544 57.17 9.19 43.14
C GLN A 544 55.84 8.56 42.68
N PHE A 545 55.12 9.07 41.67
CA PHE A 545 53.71 8.61 41.56
C PHE A 545 53.07 7.97 40.28
N LYS A 546 53.66 8.08 39.12
CA LYS A 546 54.22 6.79 38.69
C LYS A 546 53.42 5.86 37.78
N MET A 547 53.14 4.81 38.44
CA MET A 547 53.50 3.47 38.17
C MET A 547 54.05 2.99 36.85
N PRO A 548 55.34 2.47 36.84
CA PRO A 548 55.78 1.56 35.80
C PRO A 548 54.74 0.50 35.65
N ARG A 549 54.38 0.34 34.39
CA ARG A 549 53.27 -0.46 34.00
C ARG A 549 53.71 -1.86 33.58
N CYS A 550 55.01 -2.10 33.40
CA CYS A 550 55.41 -3.46 33.10
C CYS A 550 56.77 -3.88 33.68
N VAL A 551 56.85 -5.13 34.13
CA VAL A 551 57.95 -5.61 34.97
C VAL A 551 58.91 -6.57 34.25
N LYS A 552 60.11 -6.09 33.95
CA LYS A 552 61.24 -6.95 33.58
C LYS A 552 61.60 -7.72 34.82
N PRO A 553 62.41 -8.78 34.72
CA PRO A 553 62.86 -9.42 35.96
C PRO A 553 63.40 -8.45 37.01
N SER A 554 63.79 -7.25 36.62
CA SER A 554 64.46 -6.33 37.51
C SER A 554 63.57 -5.33 38.26
N ASN A 555 62.26 -5.56 38.23
CA ASN A 555 61.31 -4.77 39.03
C ASN A 555 60.69 -5.71 40.05
N ALA A 556 60.57 -5.30 41.31
CA ALA A 556 60.17 -6.28 42.33
C ALA A 556 59.00 -5.90 43.24
N LYS A 557 58.92 -4.66 43.71
CA LYS A 557 57.92 -4.25 44.72
C LYS A 557 56.48 -4.61 44.30
N VAL A 558 56.09 -4.21 43.09
CA VAL A 558 54.77 -4.52 42.55
C VAL A 558 54.60 -6.03 42.58
N LEU A 559 55.71 -6.75 42.37
CA LEU A 559 55.72 -8.20 42.23
C LEU A 559 55.40 -8.96 43.53
N GLN A 560 55.81 -8.45 44.70
CA GLN A 560 55.39 -9.15 45.93
C GLN A 560 53.89 -9.17 45.99
N ILE A 561 53.31 -8.09 45.52
CA ILE A 561 51.87 -7.90 45.50
C ILE A 561 51.23 -8.66 44.33
N LEU A 562 52.03 -9.39 43.54
CA LEU A 562 51.53 -9.97 42.29
C LEU A 562 50.99 -11.40 42.38
N CYS A 563 51.75 -12.34 42.94
CA CYS A 563 51.39 -13.76 42.81
C CYS A 563 50.30 -14.31 43.72
N GLU A 564 50.46 -14.19 45.04
CA GLU A 564 49.57 -14.94 45.95
C GLU A 564 48.10 -14.59 45.76
N ASN A 565 47.80 -13.32 45.49
CA ASN A 565 46.41 -12.91 45.28
C ASN A 565 46.00 -13.01 43.83
N VAL A 566 46.25 -14.18 43.24
CA VAL A 566 45.58 -14.53 42.00
C VAL A 566 44.13 -14.79 42.39
N VAL A 567 43.34 -13.72 42.41
CA VAL A 567 41.89 -13.81 42.60
C VAL A 567 41.38 -14.63 41.45
N SER A 568 42.09 -14.49 40.33
CA SER A 568 42.04 -15.45 39.25
C SER A 568 43.30 -15.26 38.44
N SER A 569 43.89 -16.37 38.02
CA SER A 569 45.06 -16.35 37.12
C SER A 569 44.77 -17.31 36.00
N TYR A 570 44.59 -16.83 34.78
CA TYR A 570 44.25 -17.77 33.74
C TYR A 570 45.08 -17.65 32.47
N PHE A 571 45.54 -18.80 32.01
CA PHE A 571 46.26 -18.90 30.77
C PHE A 571 45.21 -19.00 29.68
N SER A 572 45.46 -18.40 28.52
CA SER A 572 44.49 -18.35 27.41
C SER A 572 44.15 -19.73 26.85
N THR A 573 42.86 -20.05 26.86
CA THR A 573 42.38 -21.28 26.24
C THR A 573 42.35 -21.09 24.74
N ALA A 574 42.54 -19.86 24.29
CA ALA A 574 42.80 -19.60 22.89
C ALA A 574 44.23 -20.07 22.57
N PHE A 575 44.77 -19.65 21.43
CA PHE A 575 46.08 -20.12 20.95
C PHE A 575 46.18 -21.65 20.89
N LEU B 10 16.81 15.73 14.76
CA LEU B 10 17.64 14.70 15.42
C LEU B 10 17.10 13.30 15.13
N PRO B 11 17.99 12.30 15.18
CA PRO B 11 17.47 10.95 14.98
C PRO B 11 16.91 10.38 16.24
N ILE B 12 15.63 10.02 16.21
CA ILE B 12 15.04 9.39 17.37
C ILE B 12 14.95 7.87 17.24
N LEU B 13 15.51 7.19 18.23
CA LEU B 13 15.50 5.74 18.26
C LEU B 13 14.44 5.23 19.21
N LEU B 14 13.65 4.28 18.73
CA LEU B 14 12.71 3.60 19.58
C LEU B 14 13.33 2.24 19.88
N ASP B 15 13.95 2.12 21.05
CA ASP B 15 14.65 0.90 21.42
C ASP B 15 14.13 0.26 22.72
N TYR B 16 14.75 -0.85 23.09
CA TYR B 16 14.33 -1.68 24.21
C TYR B 16 15.63 -2.21 24.80
N TRP B 17 15.90 -1.91 26.08
CA TRP B 17 17.22 -2.22 26.66
C TRP B 17 17.72 -3.68 26.49
N PRO B 18 16.83 -4.70 26.43
CA PRO B 18 17.43 -6.02 26.18
C PRO B 18 17.43 -6.49 24.72
N SER B 19 17.43 -5.55 23.77
CA SER B 19 17.34 -5.94 22.38
C SER B 19 18.71 -5.98 21.71
N MET B 20 19.20 -7.19 21.43
CA MET B 20 20.47 -7.41 20.71
C MET B 20 20.37 -6.67 19.39
N PHE B 21 19.15 -6.66 18.84
CA PHE B 21 18.78 -5.92 17.65
C PHE B 21 18.85 -4.42 17.86
N GLY B 22 18.21 -3.97 18.95
CA GLY B 22 18.20 -2.56 19.33
C GLY B 22 19.61 -2.08 19.44
N MET B 23 20.44 -2.93 20.05
CA MET B 23 21.84 -2.63 20.20
C MET B 23 22.54 -2.56 18.86
N ARG B 24 22.09 -3.38 17.89
CA ARG B 24 22.71 -3.30 16.59
C ARG B 24 22.51 -1.88 16.07
N ALA B 25 21.32 -1.30 16.26
CA ALA B 25 21.09 0.07 15.80
C ALA B 25 21.89 1.14 16.56
N ARG B 26 21.89 1.06 17.91
CA ARG B 26 22.67 1.99 18.73
C ARG B 26 24.16 1.95 18.38
N VAL B 27 24.68 0.73 18.32
CA VAL B 27 26.05 0.51 17.90
C VAL B 27 26.27 1.05 16.49
N ALA B 28 25.31 0.80 15.60
CA ALA B 28 25.41 1.29 14.23
C ALA B 28 25.50 2.80 14.21
N LEU B 29 24.59 3.45 14.93
CA LEU B 29 24.53 4.90 14.93
C LEU B 29 25.76 5.51 15.59
N ARG B 30 26.11 4.99 16.75
CA ARG B 30 27.27 5.55 17.45
C ARG B 30 28.57 5.28 16.68
N GLU B 31 28.61 4.18 15.95
CA GLU B 31 29.82 3.82 15.21
C GLU B 31 30.18 4.87 14.16
N LYS B 32 29.19 5.29 13.36
CA LYS B 32 29.42 6.30 12.34
C LYS B 32 29.75 7.67 12.97
N GLY B 33 28.91 8.14 13.88
CA GLY B 33 29.25 9.33 14.65
C GLY B 33 28.14 10.36 14.58
N VAL B 34 26.92 9.88 14.77
CA VAL B 34 25.76 10.76 14.82
C VAL B 34 25.26 10.87 16.26
N GLU B 35 24.94 12.08 16.73
CA GLU B 35 24.32 12.24 18.05
C GLU B 35 22.82 12.04 17.93
N PHE B 36 22.26 11.23 18.82
CA PHE B 36 20.87 10.77 18.68
C PHE B 36 20.22 10.61 20.03
N GLU B 37 18.88 10.60 20.05
CA GLU B 37 18.14 10.38 21.28
C GLU B 37 17.51 8.96 21.33
N TYR B 38 17.62 8.35 22.50
CA TYR B 38 17.08 7.04 22.77
C TYR B 38 15.72 7.17 23.42
N ARG B 39 14.82 6.25 23.09
CA ARG B 39 13.53 6.19 23.76
C ARG B 39 13.22 4.76 24.18
N GLU B 40 12.88 4.60 25.45
CA GLU B 40 12.71 3.28 26.03
C GLU B 40 11.26 2.79 25.89
N GLU B 41 11.12 1.62 25.29
CA GLU B 41 9.82 1.08 25.00
C GLU B 41 9.26 0.26 26.15
N ASP B 42 8.02 0.54 26.50
CA ASP B 42 7.22 -0.38 27.29
C ASP B 42 6.36 -1.11 26.25
N PHE B 43 6.71 -2.36 25.93
CA PHE B 43 6.04 -3.03 24.83
C PHE B 43 4.63 -3.47 25.17
N SER B 44 4.30 -3.43 26.47
CA SER B 44 2.92 -3.54 26.94
C SER B 44 2.13 -2.31 26.44
N ASN B 45 2.81 -1.18 26.36
CA ASN B 45 2.24 0.06 25.82
C ASN B 45 3.09 0.65 24.69
N LYS B 46 2.92 0.14 23.49
CA LYS B 46 3.70 0.66 22.36
C LYS B 46 3.27 2.09 22.10
N SER B 47 4.27 2.95 21.93
CA SER B 47 4.02 4.39 21.89
C SER B 47 3.50 4.83 20.52
N PRO B 48 2.63 5.86 20.51
CA PRO B 48 1.98 6.40 19.31
C PRO B 48 2.90 6.61 18.11
N LEU B 49 4.18 6.92 18.31
CA LEU B 49 5.00 7.15 17.12
C LEU B 49 5.54 5.81 16.60
N LEU B 50 5.59 4.80 17.46
CA LEU B 50 6.01 3.44 17.09
C LEU B 50 4.92 2.69 16.31
N LEU B 51 3.68 2.78 16.78
CA LEU B 51 2.56 2.11 16.13
C LEU B 51 2.22 2.86 14.83
N GLN B 52 2.97 3.92 14.58
CA GLN B 52 2.86 4.68 13.33
C GLN B 52 4.13 4.51 12.51
N SER B 53 5.11 3.80 13.08
CA SER B 53 6.35 3.44 12.41
C SER B 53 6.21 2.04 11.81
N ASN B 54 5.65 1.15 12.63
CA ASN B 54 5.34 -0.22 12.23
C ASN B 54 4.05 -0.68 12.91
N PRO B 55 2.91 -0.38 12.28
CA PRO B 55 1.60 -0.61 12.90
C PRO B 55 1.23 -2.09 13.12
N ILE B 56 1.93 -3.01 12.45
CA ILE B 56 1.61 -4.43 12.49
C ILE B 56 2.65 -5.24 13.27
N HIS B 57 3.92 -5.09 12.94
CA HIS B 57 4.97 -5.76 13.72
C HIS B 57 5.03 -5.18 15.11
N LYS B 58 5.04 -3.85 15.14
CA LYS B 58 5.26 -3.03 16.32
C LYS B 58 6.56 -3.48 16.96
N LYS B 59 7.56 -3.67 16.10
CA LYS B 59 8.86 -4.19 16.50
C LYS B 59 9.97 -3.14 16.37
N ILE B 60 11.04 -3.32 17.13
CA ILE B 60 12.09 -2.32 17.21
C ILE B 60 13.47 -2.98 16.98
N PRO B 61 14.55 -2.20 16.78
CA PRO B 61 14.75 -0.74 16.84
C PRO B 61 14.22 0.04 15.63
N VAL B 62 13.70 1.25 15.87
CA VAL B 62 13.19 2.09 14.80
C VAL B 62 13.90 3.43 14.80
N LEU B 63 14.39 3.86 13.64
CA LEU B 63 15.10 5.14 13.56
C LEU B 63 14.27 6.12 12.73
N VAL B 64 13.89 7.25 13.33
CA VAL B 64 13.05 8.22 12.63
C VAL B 64 13.92 9.34 12.14
N HIS B 65 14.06 9.44 10.82
CA HIS B 65 14.89 10.46 10.16
C HIS B 65 14.05 11.20 9.14
N ASN B 66 14.05 12.53 9.21
CA ASN B 66 13.21 13.34 8.33
C ASN B 66 11.73 12.91 8.42
N GLY B 67 11.25 12.66 9.62
CA GLY B 67 9.88 12.14 9.79
C GLY B 67 9.63 10.87 8.99
N LYS B 68 10.63 10.01 8.95
CA LYS B 68 10.51 8.71 8.27
C LYS B 68 11.08 7.59 9.12
N PRO B 69 10.23 6.60 9.44
CA PRO B 69 10.56 5.46 10.30
C PRO B 69 11.27 4.36 9.54
N VAL B 70 12.43 3.98 10.05
CA VAL B 70 13.27 2.99 9.40
C VAL B 70 13.36 1.83 10.40
N CYS B 71 12.88 0.67 9.96
CA CYS B 71 12.75 -0.46 10.88
C CYS B 71 13.29 -1.76 10.32
N GLU B 72 13.56 -2.68 11.25
CA GLU B 72 14.36 -3.90 11.08
C GLU B 72 15.84 -3.55 11.25
N SER B 73 16.51 -4.23 12.19
CA SER B 73 17.79 -3.76 12.71
C SER B 73 18.93 -3.86 11.70
N LEU B 74 19.03 -4.99 11.00
CA LEU B 74 20.09 -5.12 10.03
C LEU B 74 19.78 -4.13 8.93
N ASN B 75 18.49 -3.88 8.68
CA ASN B 75 18.17 -2.81 7.74
C ASN B 75 18.63 -1.46 8.27
N VAL B 76 18.41 -1.19 9.55
CA VAL B 76 18.74 0.11 10.12
C VAL B 76 20.23 0.42 10.00
N VAL B 77 21.07 -0.61 10.07
CA VAL B 77 22.52 -0.34 10.03
C VAL B 77 22.96 -0.13 8.59
N GLN B 78 22.25 -0.78 7.64
CA GLN B 78 22.45 -0.45 6.24
C GLN B 78 22.11 1.03 6.11
N TYR B 79 21.01 1.41 6.76
CA TYR B 79 20.56 2.79 6.69
C TYR B 79 21.58 3.73 7.30
N VAL B 80 22.25 3.25 8.35
CA VAL B 80 23.27 4.02 9.08
C VAL B 80 24.39 4.33 8.10
N ASP B 81 24.84 3.30 7.40
CA ASP B 81 25.86 3.38 6.34
C ASP B 81 25.52 4.42 5.29
N GLU B 82 24.35 4.24 4.71
CA GLU B 82 23.96 4.95 3.51
C GLU B 82 23.55 6.39 3.83
N ALA B 83 23.10 6.62 5.07
CA ALA B 83 22.63 7.94 5.47
C ALA B 83 23.79 8.94 5.55
N TRP B 84 24.97 8.43 5.91
CA TRP B 84 26.18 9.22 6.06
C TRP B 84 27.32 8.50 5.36
N PRO B 85 27.41 8.64 4.03
CA PRO B 85 28.43 7.94 3.23
C PRO B 85 29.75 8.69 3.02
N GLU B 86 30.46 9.03 4.09
CA GLU B 86 31.66 9.85 3.91
C GLU B 86 32.81 9.57 4.88
N LYS B 87 32.56 8.79 5.92
CA LYS B 87 33.60 8.54 6.93
C LYS B 87 33.90 7.06 7.19
N ASN B 88 33.07 6.44 8.04
CA ASN B 88 33.24 5.05 8.45
C ASN B 88 32.32 4.11 7.69
N PRO B 89 32.80 3.53 6.58
CA PRO B 89 31.93 2.59 5.88
C PRO B 89 32.02 1.22 6.55
N PHE B 90 31.02 0.36 6.42
CA PHE B 90 31.18 -0.97 7.03
C PHE B 90 31.50 -2.05 5.99
N PHE B 91 31.04 -1.84 4.77
CA PHE B 91 31.30 -2.75 3.65
C PHE B 91 32.64 -2.39 3.03
N PRO B 92 33.23 -3.35 2.29
CA PRO B 92 34.39 -3.05 1.43
C PRO B 92 33.92 -2.58 0.06
N SER B 93 34.85 -2.19 -0.80
CA SER B 93 34.50 -1.58 -2.08
C SER B 93 33.99 -2.54 -3.14
N ASP B 94 34.35 -3.81 -3.00
CA ASP B 94 33.91 -4.85 -3.94
C ASP B 94 32.48 -5.29 -3.65
N PRO B 95 31.73 -5.64 -4.70
CA PRO B 95 30.34 -6.07 -4.48
C PRO B 95 30.25 -7.41 -3.77
N TYR B 96 31.23 -8.27 -4.04
CA TYR B 96 31.26 -9.65 -3.53
C TYR B 96 31.46 -9.71 -2.01
N GLY B 97 32.42 -8.94 -1.52
CA GLY B 97 32.64 -8.83 -0.08
C GLY B 97 31.45 -8.24 0.66
N ARG B 98 30.78 -7.31 0.00
CA ARG B 98 29.48 -6.81 0.45
C ARG B 98 28.48 -7.97 0.54
N ALA B 99 28.47 -8.79 -0.49
CA ALA B 99 27.62 -9.98 -0.51
C ALA B 99 28.03 -10.96 0.60
N GLN B 100 29.33 -11.06 0.87
CA GLN B 100 29.81 -11.89 1.96
C GLN B 100 29.23 -11.42 3.29
N ALA B 101 29.29 -10.11 3.52
CA ALA B 101 28.93 -9.51 4.80
C ALA B 101 27.41 -9.55 5.02
N ARG B 102 26.65 -9.60 3.94
CA ARG B 102 25.20 -9.71 4.06
C ARG B 102 24.85 -11.18 4.31
N PHE B 103 25.58 -12.04 3.61
CA PHE B 103 25.49 -13.47 3.79
C PHE B 103 25.67 -13.85 5.26
N TRP B 104 26.84 -13.58 5.79
CA TRP B 104 27.17 -13.92 7.16
C TRP B 104 26.26 -13.14 8.14
N ALA B 105 25.83 -11.92 7.75
CA ALA B 105 24.87 -11.23 8.62
C ALA B 105 23.58 -12.04 8.70
N ASP B 106 23.25 -12.67 7.59
CA ASP B 106 22.04 -13.49 7.51
C ASP B 106 22.27 -14.83 8.22
N PHE B 107 23.54 -15.23 8.35
CA PHE B 107 23.91 -16.39 9.18
C PHE B 107 23.64 -16.08 10.65
N VAL B 108 23.98 -14.85 11.04
CA VAL B 108 23.76 -14.39 12.41
C VAL B 108 22.27 -14.42 12.72
N ASP B 109 21.43 -14.11 11.74
CA ASP B 109 20.00 -13.97 11.99
C ASP B 109 19.16 -15.26 12.03
N LYS B 110 19.74 -16.40 11.66
CA LYS B 110 19.00 -17.67 11.57
C LYS B 110 19.30 -18.58 12.76
N LYS B 111 20.14 -19.60 12.56
CA LYS B 111 20.27 -20.66 13.54
C LYS B 111 20.93 -20.13 14.80
N PHE B 112 21.79 -19.15 14.61
CA PHE B 112 22.52 -18.55 15.71
C PHE B 112 21.60 -17.83 16.72
N THR B 113 20.81 -16.87 16.24
CA THR B 113 19.84 -16.16 17.06
C THR B 113 18.85 -17.14 17.68
N ASP B 114 18.31 -18.03 16.85
CA ASP B 114 17.32 -18.98 17.33
C ASP B 114 17.89 -19.97 18.36
N ALA B 115 19.15 -20.37 18.21
CA ALA B 115 19.79 -21.29 19.14
C ALA B 115 19.97 -20.68 20.52
N GLN B 116 20.56 -19.50 20.55
CA GLN B 116 20.64 -18.71 21.78
C GLN B 116 19.25 -18.49 22.41
N PHE B 117 18.22 -18.26 21.59
CA PHE B 117 16.85 -18.13 22.10
C PHE B 117 16.40 -19.41 22.80
N LYS B 118 16.79 -20.54 22.23
CA LYS B 118 16.51 -21.81 22.84
C LYS B 118 17.27 -21.90 24.15
N VAL B 119 18.54 -21.49 24.15
CA VAL B 119 19.38 -21.80 25.32
C VAL B 119 19.06 -20.97 26.55
N TRP B 120 18.59 -19.73 26.41
CA TRP B 120 18.21 -18.98 27.62
C TRP B 120 16.69 -18.85 27.77
N GLY B 121 15.96 -19.42 26.82
CA GLY B 121 14.52 -19.41 26.82
C GLY B 121 13.86 -20.76 27.06
N LYS B 122 14.52 -21.84 26.66
CA LYS B 122 13.94 -23.18 26.81
C LYS B 122 14.80 -24.13 27.64
N LYS B 123 14.19 -25.24 28.06
CA LYS B 123 14.85 -26.21 28.94
C LYS B 123 14.66 -27.65 28.47
N GLY B 124 15.51 -28.55 29.00
CA GLY B 124 15.37 -29.97 28.78
C GLY B 124 15.65 -30.49 27.37
N GLU B 125 14.69 -31.20 26.81
CA GLU B 125 14.80 -31.74 25.44
C GLU B 125 15.03 -30.64 24.40
N GLU B 126 14.37 -29.50 24.63
CA GLU B 126 14.55 -28.32 23.82
C GLU B 126 15.93 -27.72 24.04
N GLN B 127 16.36 -27.72 25.30
CA GLN B 127 17.59 -27.08 25.72
C GLN B 127 18.85 -27.63 25.05
N GLU B 128 18.99 -28.95 24.96
CA GLU B 128 20.24 -29.53 24.47
C GLU B 128 20.39 -29.40 22.96
N ALA B 129 19.27 -29.31 22.25
CA ALA B 129 19.31 -29.07 20.81
C ALA B 129 19.89 -27.70 20.49
N GLY B 130 19.28 -26.65 21.04
CA GLY B 130 19.80 -25.31 20.90
C GLY B 130 21.14 -25.18 21.62
N LYS B 131 21.44 -26.14 22.48
CA LYS B 131 22.73 -26.16 23.15
C LYS B 131 23.81 -26.68 22.25
N LYS B 132 23.47 -27.64 21.41
CA LYS B 132 24.40 -28.13 20.42
C LYS B 132 24.38 -27.25 19.15
N GLU B 133 23.30 -26.50 19.00
CA GLU B 133 23.15 -25.52 17.92
C GLU B 133 24.07 -24.33 18.08
N PHE B 134 24.22 -23.83 19.31
CA PHE B 134 24.95 -22.59 19.48
C PHE B 134 26.47 -22.82 19.37
N ILE B 135 26.96 -23.98 19.81
CA ILE B 135 28.38 -24.30 19.70
C ILE B 135 28.72 -24.50 18.23
N GLU B 136 27.83 -25.13 17.48
CA GLU B 136 28.13 -25.38 16.08
C GLU B 136 28.18 -24.03 15.42
N ALA B 137 27.19 -23.22 15.77
CA ALA B 137 27.11 -21.84 15.30
C ALA B 137 28.37 -21.06 15.63
N VAL B 138 28.84 -21.14 16.87
CA VAL B 138 30.03 -20.37 17.26
C VAL B 138 31.28 -21.02 16.64
N LYS B 139 31.15 -22.28 16.26
CA LYS B 139 32.29 -23.00 15.70
C LYS B 139 32.48 -22.62 14.22
N ILE B 140 31.43 -22.69 13.40
CA ILE B 140 31.53 -22.14 12.03
C ILE B 140 31.93 -20.68 12.14
N LEU B 141 31.35 -20.01 13.13
CA LEU B 141 31.69 -18.63 13.43
C LEU B 141 33.15 -18.37 13.61
N GLU B 142 33.79 -19.23 14.39
CA GLU B 142 35.20 -19.06 14.74
C GLU B 142 36.09 -19.42 13.55
N SER B 143 35.61 -20.32 12.69
CA SER B 143 36.35 -20.65 11.47
C SER B 143 36.35 -19.45 10.53
N GLU B 144 35.18 -18.87 10.33
CA GLU B 144 35.06 -17.78 9.37
C GLU B 144 35.72 -16.49 9.88
N LEU B 145 35.88 -16.36 11.19
CA LEU B 145 36.64 -15.25 11.73
C LEU B 145 38.12 -15.49 11.39
N GLY B 146 38.59 -16.71 11.64
CA GLY B 146 39.87 -17.18 11.14
C GLY B 146 41.04 -16.30 11.54
N ASP B 147 41.13 -15.13 10.92
CA ASP B 147 42.22 -14.20 11.21
C ASP B 147 41.80 -12.76 11.42
N LYS B 148 40.74 -12.33 10.75
CA LYS B 148 40.39 -10.92 10.70
C LYS B 148 40.06 -10.33 12.08
N PRO B 149 40.56 -9.13 12.36
CA PRO B 149 40.22 -8.49 13.65
C PRO B 149 38.73 -8.35 13.75
N TYR B 150 38.08 -8.41 12.60
CA TYR B 150 36.66 -8.11 12.49
C TYR B 150 36.02 -9.03 11.43
N PHE B 151 34.95 -8.58 10.77
CA PHE B 151 34.18 -9.51 9.92
C PHE B 151 33.86 -9.06 8.47
N GLY B 152 33.38 -7.83 8.29
CA GLY B 152 32.91 -7.38 6.99
C GLY B 152 33.72 -6.28 6.34
N GLY B 153 34.93 -6.06 6.83
CA GLY B 153 35.84 -5.07 6.23
C GLY B 153 37.23 -5.36 6.78
N ASP B 154 38.22 -4.60 6.36
CA ASP B 154 39.55 -4.65 6.98
C ASP B 154 39.47 -4.03 8.36
N SER B 155 38.47 -3.16 8.58
CA SER B 155 38.24 -2.57 9.90
C SER B 155 36.87 -3.00 10.46
N PHE B 156 36.29 -2.19 11.33
CA PHE B 156 34.97 -2.51 11.90
C PHE B 156 33.90 -2.50 10.82
N GLY B 157 33.42 -3.70 10.47
CA GLY B 157 32.48 -3.82 9.37
C GLY B 157 31.02 -3.97 9.73
N TYR B 158 30.25 -4.49 8.77
CA TYR B 158 28.79 -4.58 8.84
C TYR B 158 28.28 -5.55 9.87
N VAL B 159 28.84 -6.75 9.85
CA VAL B 159 28.31 -7.82 10.65
C VAL B 159 29.07 -7.82 11.98
N ASP B 160 30.19 -7.11 12.02
CA ASP B 160 30.83 -6.81 13.29
C ASP B 160 29.80 -6.20 14.23
N ILE B 161 28.97 -5.33 13.68
CA ILE B 161 27.89 -4.71 14.42
C ILE B 161 26.82 -5.77 14.70
N SER B 162 26.62 -6.67 13.73
CA SER B 162 25.54 -7.65 13.79
C SER B 162 25.64 -8.59 14.99
N LEU B 163 26.82 -9.13 15.28
CA LEU B 163 26.85 -10.12 16.35
C LEU B 163 27.64 -9.66 17.58
N ILE B 164 28.11 -8.42 17.58
CA ILE B 164 28.81 -7.91 18.78
C ILE B 164 27.82 -7.68 19.92
N THR B 165 26.56 -7.42 19.57
CA THR B 165 25.54 -7.06 20.54
C THR B 165 25.04 -8.33 21.23
N PHE B 166 25.45 -9.46 20.68
CA PHE B 166 25.14 -10.77 21.24
C PHE B 166 26.08 -11.14 22.40
N SER B 167 27.14 -10.36 22.55
CA SER B 167 28.20 -10.70 23.50
C SER B 167 27.90 -10.18 24.90
N SER B 168 26.68 -9.71 25.13
CA SER B 168 26.31 -9.35 26.49
C SER B 168 25.36 -10.38 27.02
N TRP B 169 24.88 -11.25 26.13
CA TRP B 169 24.04 -12.36 26.54
C TRP B 169 24.89 -13.56 26.86
N PHE B 170 26.19 -13.44 26.62
CA PHE B 170 27.08 -14.60 26.70
C PHE B 170 27.18 -15.06 28.14
N GLN B 171 27.01 -14.13 29.08
CA GLN B 171 26.93 -14.49 30.50
C GLN B 171 25.68 -15.32 30.80
N ALA B 172 24.53 -14.91 30.28
CA ALA B 172 23.29 -15.65 30.50
C ALA B 172 23.33 -17.04 29.88
N TYR B 173 24.10 -17.18 28.81
CA TYR B 173 24.23 -18.48 28.14
C TYR B 173 25.07 -19.43 28.99
N GLU B 174 26.22 -18.95 29.42
CA GLU B 174 27.11 -19.76 30.23
C GLU B 174 26.49 -20.17 31.57
N LYS B 175 25.46 -19.46 32.02
CA LYS B 175 24.89 -19.71 33.36
C LYS B 175 23.66 -20.66 33.33
N PHE B 176 22.66 -20.36 32.50
CA PHE B 176 21.52 -21.27 32.39
C PHE B 176 22.04 -22.52 31.73
N GLY B 177 22.75 -22.31 30.62
CA GLY B 177 23.34 -23.40 29.90
C GLY B 177 24.32 -24.20 30.75
N ASN B 178 24.73 -23.64 31.87
CA ASN B 178 25.80 -24.18 32.73
C ASN B 178 27.03 -24.57 31.91
N PHE B 179 27.35 -23.72 30.94
CA PHE B 179 28.40 -24.00 29.97
C PHE B 179 29.59 -23.08 30.11
N SER B 180 30.35 -23.01 29.03
CA SER B 180 31.54 -22.21 28.94
C SER B 180 31.86 -22.28 27.46
N ILE B 181 31.34 -21.31 26.72
CA ILE B 181 31.37 -21.35 25.26
C ILE B 181 32.76 -20.97 24.73
N GLU B 182 33.67 -20.67 25.64
CA GLU B 182 35.06 -20.28 25.31
C GLU B 182 36.07 -21.42 25.11
N SER B 183 35.99 -22.46 25.92
CA SER B 183 36.94 -23.56 25.75
C SER B 183 36.75 -24.22 24.39
N GLU B 184 35.49 -24.37 23.96
CA GLU B 184 35.23 -24.96 22.65
C GLU B 184 35.60 -24.01 21.52
N SER B 185 35.29 -22.74 21.72
CA SER B 185 35.63 -21.73 20.74
C SER B 185 36.00 -20.39 21.39
N PRO B 186 37.31 -20.18 21.67
CA PRO B 186 37.76 -19.01 22.44
C PRO B 186 37.77 -17.71 21.64
N LYS B 187 38.32 -17.78 20.42
CA LYS B 187 38.59 -16.61 19.57
C LYS B 187 37.37 -15.71 19.25
N LEU B 188 36.17 -16.22 19.51
CA LEU B 188 34.97 -15.44 19.23
C LEU B 188 34.63 -14.45 20.36
N ILE B 189 34.28 -14.98 21.53
CA ILE B 189 34.04 -14.12 22.68
C ILE B 189 35.26 -13.23 22.88
N ALA B 190 36.40 -13.82 22.57
CA ALA B 190 37.66 -13.13 22.47
C ALA B 190 37.52 -11.85 21.62
N TRP B 191 37.24 -12.00 20.34
CA TRP B 191 37.01 -10.88 19.44
C TRP B 191 35.92 -9.95 19.93
N ALA B 192 34.99 -10.49 20.73
CA ALA B 192 33.84 -9.74 21.17
C ALA B 192 34.26 -8.62 22.09
N LYS B 193 34.94 -8.96 23.18
CA LYS B 193 35.46 -7.96 24.10
C LYS B 193 36.54 -7.13 23.43
N ARG B 194 37.13 -7.65 22.34
CA ARG B 194 38.00 -6.83 21.52
C ARG B 194 37.16 -5.72 20.94
N CYS B 195 35.99 -6.09 20.42
CA CYS B 195 35.14 -5.10 19.76
C CYS B 195 34.51 -4.12 20.73
N MET B 196 34.41 -4.55 21.98
CA MET B 196 33.84 -3.72 23.02
C MET B 196 34.61 -2.41 23.24
N GLU B 197 35.84 -2.32 22.74
CA GLU B 197 36.63 -1.09 22.92
C GLU B 197 36.13 0.09 22.14
N LYS B 198 35.45 -0.20 21.04
CA LYS B 198 34.76 0.82 20.27
C LYS B 198 33.63 1.45 21.09
N GLU B 199 33.46 2.77 21.01
CA GLU B 199 32.46 3.44 21.84
C GLU B 199 31.08 3.26 21.20
N SER B 200 31.08 2.65 20.01
CA SER B 200 29.83 2.28 19.36
C SER B 200 29.09 1.24 20.19
N VAL B 201 29.84 0.27 20.72
CA VAL B 201 29.21 -0.78 21.52
C VAL B 201 29.53 -0.60 23.00
N SER B 202 30.63 0.10 23.31
CA SER B 202 31.02 0.35 24.69
C SER B 202 30.12 1.33 25.43
N LYS B 203 29.15 1.91 24.75
CA LYS B 203 28.24 2.80 25.44
C LYS B 203 26.82 2.39 25.08
N SER B 204 26.72 1.48 24.11
CA SER B 204 25.42 1.13 23.55
C SER B 204 24.88 -0.19 24.05
N LEU B 205 25.63 -0.91 24.89
CA LEU B 205 25.16 -2.17 25.45
C LEU B 205 24.97 -2.13 26.95
N PRO B 206 23.77 -2.51 27.43
CA PRO B 206 23.42 -2.71 28.83
C PRO B 206 24.35 -3.65 29.60
N ASP B 207 24.29 -3.56 30.91
CA ASP B 207 25.08 -4.44 31.77
C ASP B 207 24.58 -5.87 31.59
N SER B 208 25.50 -6.84 31.54
CA SER B 208 25.16 -8.24 31.27
C SER B 208 24.51 -8.97 32.43
N GLU B 209 24.80 -8.52 33.64
CA GLU B 209 24.21 -9.15 34.82
C GLU B 209 22.72 -8.86 34.85
N LYS B 210 22.32 -7.73 34.28
CA LYS B 210 20.91 -7.36 34.28
C LYS B 210 20.22 -8.16 33.19
N ILE B 211 20.90 -8.29 32.05
CA ILE B 211 20.50 -9.18 30.97
C ILE B 211 20.28 -10.58 31.48
N VAL B 212 21.24 -11.05 32.27
CA VAL B 212 21.13 -12.30 32.97
C VAL B 212 19.88 -12.32 33.85
N ALA B 213 19.60 -11.17 34.45
CA ALA B 213 18.43 -11.02 35.30
C ALA B 213 17.15 -10.92 34.49
N TYR B 214 17.24 -10.42 33.25
CA TYR B 214 16.07 -10.37 32.38
C TYR B 214 15.75 -11.76 31.84
N ALA B 215 16.79 -12.48 31.43
CA ALA B 215 16.63 -13.90 31.08
C ALA B 215 16.06 -14.66 32.28
N ALA B 216 16.53 -14.31 33.49
CA ALA B 216 16.12 -14.99 34.71
C ALA B 216 14.61 -14.80 34.96
N GLU B 217 14.13 -13.62 34.59
CA GLU B 217 12.74 -13.28 34.77
C GLU B 217 11.90 -14.09 33.82
N TYR B 218 12.37 -14.18 32.58
CA TYR B 218 11.68 -14.98 31.58
C TYR B 218 11.65 -16.43 32.01
N ARG B 219 12.83 -16.90 32.42
CA ARG B 219 12.97 -18.30 32.82
C ARG B 219 12.04 -18.66 33.97
N LYS B 220 11.92 -17.77 34.96
CA LYS B 220 11.05 -18.03 36.10
C LYS B 220 9.57 -17.91 35.69
N ASN B 221 9.31 -17.08 34.69
CA ASN B 221 7.94 -16.87 34.25
C ASN B 221 7.40 -18.05 33.45
N ASN B 222 8.16 -18.60 32.51
CA ASN B 222 7.67 -19.80 31.83
C ASN B 222 8.45 -21.05 32.26
N LEU B 223 7.87 -21.82 33.15
CA LEU B 223 8.38 -23.13 33.52
C LEU B 223 7.28 -24.16 33.45
N LEU C 10 32.22 -16.43 -17.77
CA LEU C 10 30.77 -16.29 -17.55
C LEU C 10 30.34 -16.90 -16.21
N PRO C 11 29.50 -16.16 -15.47
CA PRO C 11 29.05 -16.49 -14.12
C PRO C 11 28.24 -17.78 -14.05
N ILE C 12 28.66 -18.71 -13.20
CA ILE C 12 27.95 -19.97 -13.00
C ILE C 12 26.86 -19.85 -11.94
N LEU C 13 25.65 -20.31 -12.26
CA LEU C 13 24.52 -20.28 -11.31
C LEU C 13 24.13 -21.63 -10.77
N LEU C 14 24.23 -21.81 -9.46
CA LEU C 14 23.88 -23.09 -8.87
C LEU C 14 22.46 -23.02 -8.31
N ASP C 15 21.54 -23.75 -8.93
CA ASP C 15 20.14 -23.40 -8.79
C ASP C 15 19.18 -24.62 -8.74
N TYR C 16 17.92 -24.33 -8.42
CA TYR C 16 16.89 -25.37 -8.36
C TYR C 16 15.72 -24.86 -9.18
N TRP C 17 15.18 -25.69 -10.08
CA TRP C 17 14.22 -25.17 -11.04
C TRP C 17 12.87 -24.75 -10.42
N PRO C 18 12.45 -25.36 -9.28
CA PRO C 18 11.19 -24.80 -8.78
C PRO C 18 11.42 -23.71 -7.77
N SER C 19 12.67 -23.35 -7.55
CA SER C 19 13.01 -22.46 -6.44
C SER C 19 12.62 -21.04 -6.82
N MET C 20 11.86 -20.41 -5.96
CA MET C 20 11.39 -19.05 -6.17
C MET C 20 12.51 -18.07 -5.94
N PHE C 21 13.44 -18.46 -5.09
CA PHE C 21 14.59 -17.65 -4.81
C PHE C 21 15.57 -17.77 -5.98
N GLY C 22 15.65 -18.97 -6.55
CA GLY C 22 16.43 -19.18 -7.75
C GLY C 22 15.94 -18.38 -8.94
N MET C 23 14.62 -18.31 -9.09
CA MET C 23 14.04 -17.50 -10.16
C MET C 23 14.37 -16.01 -9.95
N ARG C 24 14.44 -15.60 -8.69
CA ARG C 24 14.83 -14.21 -8.35
C ARG C 24 16.20 -13.91 -8.95
N ALA C 25 17.14 -14.83 -8.75
CA ALA C 25 18.50 -14.69 -9.31
C ALA C 25 18.49 -14.69 -10.82
N ARG C 26 17.81 -15.69 -11.36
CA ARG C 26 17.65 -15.78 -12.83
C ARG C 26 17.09 -14.46 -13.37
N VAL C 27 16.10 -13.92 -12.66
CA VAL C 27 15.47 -12.70 -13.12
C VAL C 27 16.42 -11.52 -13.04
N ALA C 28 17.28 -11.49 -12.01
CA ALA C 28 18.21 -10.39 -11.87
C ALA C 28 19.22 -10.36 -13.04
N LEU C 29 19.88 -11.50 -13.25
CA LEU C 29 20.85 -11.66 -14.34
C LEU C 29 20.30 -11.43 -15.77
N ARG C 30 19.11 -11.93 -16.05
CA ARG C 30 18.51 -11.80 -17.38
C ARG C 30 17.99 -10.38 -17.62
N GLU C 31 17.47 -9.74 -16.56
CA GLU C 31 17.03 -8.35 -16.69
C GLU C 31 18.22 -7.44 -16.97
N LYS C 32 19.41 -7.94 -16.58
CA LYS C 32 20.65 -7.18 -16.60
C LYS C 32 21.24 -7.10 -17.98
N GLY C 33 21.07 -8.18 -18.77
CA GLY C 33 21.72 -8.32 -20.05
C GLY C 33 23.05 -9.06 -19.88
N VAL C 34 23.22 -9.65 -18.70
CA VAL C 34 24.40 -10.47 -18.39
C VAL C 34 24.21 -11.87 -19.03
N GLU C 35 25.31 -12.54 -19.39
CA GLU C 35 25.23 -13.87 -19.99
C GLU C 35 25.84 -14.87 -19.04
N PHE C 36 25.06 -15.83 -18.58
CA PHE C 36 25.53 -16.80 -17.61
C PHE C 36 25.19 -18.24 -17.98
N GLU C 37 25.83 -19.18 -17.28
CA GLU C 37 25.58 -20.59 -17.46
C GLU C 37 24.73 -21.15 -16.32
N TYR C 38 23.56 -21.66 -16.67
CA TYR C 38 22.60 -22.18 -15.68
C TYR C 38 22.90 -23.64 -15.27
N ARG C 39 23.01 -23.86 -13.96
CA ARG C 39 23.26 -25.21 -13.46
C ARG C 39 22.19 -25.73 -12.49
N GLU C 40 21.70 -26.94 -12.74
CA GLU C 40 20.75 -27.56 -11.85
C GLU C 40 21.48 -28.34 -10.74
N GLU C 41 20.92 -28.31 -9.53
CA GLU C 41 21.54 -29.04 -8.43
C GLU C 41 20.74 -30.26 -8.07
N ASP C 42 21.43 -31.24 -7.50
CA ASP C 42 20.77 -32.43 -7.00
C ASP C 42 20.97 -32.46 -5.50
N PHE C 43 19.95 -32.12 -4.74
CA PHE C 43 20.19 -31.97 -3.30
C PHE C 43 20.39 -33.34 -2.71
N SER C 44 19.97 -34.35 -3.46
CA SER C 44 20.39 -35.70 -3.17
C SER C 44 21.91 -35.73 -3.29
N ASN C 45 22.40 -35.45 -4.50
CA ASN C 45 23.83 -35.57 -4.77
C ASN C 45 24.41 -34.27 -5.34
N LYS C 46 24.58 -33.31 -4.43
CA LYS C 46 25.03 -31.95 -4.71
C LYS C 46 26.41 -31.88 -5.35
N SER C 47 26.52 -31.02 -6.35
CA SER C 47 27.73 -30.93 -7.15
C SER C 47 28.89 -30.31 -6.36
N PRO C 48 30.14 -30.66 -6.72
CA PRO C 48 31.34 -30.19 -6.00
C PRO C 48 31.44 -28.67 -5.82
N LEU C 49 30.97 -27.88 -6.78
CA LEU C 49 31.00 -26.45 -6.59
C LEU C 49 30.02 -25.99 -5.52
N LEU C 50 28.84 -26.58 -5.47
CA LEU C 50 27.86 -26.20 -4.43
C LEU C 50 28.38 -26.51 -3.03
N LEU C 51 29.20 -27.55 -2.93
CA LEU C 51 29.78 -27.94 -1.67
C LEU C 51 31.08 -27.20 -1.41
N GLN C 52 31.78 -26.84 -2.48
CA GLN C 52 33.01 -26.06 -2.33
C GLN C 52 32.75 -24.56 -2.35
N SER C 53 31.49 -24.19 -2.53
CA SER C 53 31.10 -22.78 -2.43
C SER C 53 30.39 -22.53 -1.13
N ASN C 54 29.50 -23.45 -0.78
CA ASN C 54 28.79 -23.36 0.49
C ASN C 54 29.08 -24.55 1.41
N PRO C 55 30.01 -24.35 2.34
CA PRO C 55 30.35 -25.40 3.30
C PRO C 55 29.31 -25.50 4.41
N ILE C 56 28.37 -24.56 4.47
CA ILE C 56 27.54 -24.44 5.67
C ILE C 56 26.10 -24.88 5.48
N HIS C 57 25.35 -24.17 4.63
CA HIS C 57 23.93 -24.47 4.45
C HIS C 57 23.67 -25.30 3.21
N LYS C 58 24.71 -25.49 2.41
CA LYS C 58 24.61 -26.12 1.09
C LYS C 58 23.35 -25.80 0.27
N LYS C 59 22.85 -24.56 0.41
CA LYS C 59 21.63 -24.11 -0.26
C LYS C 59 21.90 -23.44 -1.60
N ILE C 60 20.82 -23.08 -2.27
CA ILE C 60 20.88 -22.36 -3.55
C ILE C 60 19.99 -21.12 -3.45
N PRO C 61 20.10 -20.18 -4.40
CA PRO C 61 21.09 -20.15 -5.49
C PRO C 61 22.43 -19.54 -5.08
N VAL C 62 23.47 -19.91 -5.80
CA VAL C 62 24.81 -19.30 -5.64
C VAL C 62 25.47 -19.05 -7.01
N LEU C 63 25.95 -17.84 -7.21
CA LEU C 63 26.65 -17.50 -8.45
C LEU C 63 28.16 -17.28 -8.25
N VAL C 64 28.97 -18.06 -8.97
CA VAL C 64 30.41 -17.90 -8.92
C VAL C 64 30.88 -17.06 -10.09
N HIS C 65 31.61 -16.01 -9.77
CA HIS C 65 32.05 -14.96 -10.68
C HIS C 65 33.40 -14.47 -10.19
N ASN C 66 34.32 -14.20 -11.11
CA ASN C 66 35.64 -13.70 -10.72
C ASN C 66 36.36 -14.69 -9.82
N GLY C 67 35.81 -15.90 -9.74
CA GLY C 67 36.30 -16.91 -8.81
C GLY C 67 35.79 -16.69 -7.40
N LYS C 68 34.56 -16.17 -7.29
CA LYS C 68 33.98 -15.78 -6.00
C LYS C 68 32.50 -16.15 -5.93
N PRO C 69 32.13 -16.94 -4.90
CA PRO C 69 30.75 -17.42 -4.69
C PRO C 69 29.84 -16.45 -3.92
N VAL C 70 28.67 -16.20 -4.48
CA VAL C 70 27.68 -15.33 -3.83
C VAL C 70 26.38 -16.09 -3.64
N CYS C 71 25.93 -16.22 -2.39
CA CYS C 71 24.78 -17.10 -2.12
C CYS C 71 23.61 -16.33 -1.54
N GLU C 72 22.46 -17.02 -1.41
CA GLU C 72 21.16 -16.41 -1.06
C GLU C 72 20.60 -15.64 -2.25
N SER C 73 19.30 -15.75 -2.49
CA SER C 73 18.69 -15.06 -3.63
C SER C 73 18.81 -13.55 -3.55
N LEU C 74 18.46 -13.00 -2.39
CA LEU C 74 18.38 -11.55 -2.21
C LEU C 74 19.77 -10.96 -2.28
N ASN C 75 20.72 -11.69 -1.71
CA ASN C 75 22.10 -11.26 -1.69
C ASN C 75 22.73 -11.32 -3.09
N VAL C 76 22.35 -12.33 -3.88
CA VAL C 76 22.76 -12.43 -5.29
C VAL C 76 22.21 -11.25 -6.12
N VAL C 77 20.92 -10.98 -5.95
CA VAL C 77 20.24 -9.90 -6.66
C VAL C 77 20.92 -8.58 -6.37
N GLN C 78 21.36 -8.41 -5.12
CA GLN C 78 22.07 -7.22 -4.73
C GLN C 78 23.48 -7.25 -5.29
N TYR C 79 24.05 -8.44 -5.42
CA TYR C 79 25.33 -8.53 -6.15
C TYR C 79 25.11 -8.27 -7.63
N VAL C 80 23.97 -8.67 -8.18
CA VAL C 80 23.67 -8.46 -9.60
C VAL C 80 23.65 -6.99 -9.91
N ASP C 81 22.93 -6.27 -9.05
CA ASP C 81 22.82 -4.83 -9.12
C ASP C 81 24.18 -4.16 -8.88
N GLU C 82 24.92 -4.64 -7.88
CA GLU C 82 26.15 -3.95 -7.47
C GLU C 82 27.37 -4.22 -8.36
N ALA C 83 27.34 -5.31 -9.12
CA ALA C 83 28.46 -5.59 -10.02
C ALA C 83 28.23 -5.01 -11.41
N TRP C 84 26.96 -4.75 -11.74
CA TRP C 84 26.61 -4.23 -13.07
C TRP C 84 25.74 -2.99 -13.02
N PRO C 85 26.21 -1.91 -12.39
CA PRO C 85 25.35 -0.73 -12.20
C PRO C 85 25.41 0.27 -13.34
N GLU C 86 25.06 -0.11 -14.57
CA GLU C 86 25.27 0.81 -15.69
C GLU C 86 24.01 1.04 -16.54
N LYS C 87 23.20 -0.01 -16.69
CA LYS C 87 22.03 0.05 -17.58
C LYS C 87 20.72 0.01 -16.84
N ASN C 88 20.48 -1.07 -16.10
CA ASN C 88 19.22 -1.26 -15.38
C ASN C 88 19.43 -1.25 -13.87
N PRO C 89 19.75 -0.07 -13.29
CA PRO C 89 19.91 -0.05 -11.83
C PRO C 89 18.64 -0.59 -11.18
N PHE C 90 18.78 -1.35 -10.10
CA PHE C 90 17.61 -1.98 -9.52
C PHE C 90 16.99 -1.13 -8.41
N PHE C 91 17.85 -0.41 -7.69
CA PHE C 91 17.42 0.36 -6.53
C PHE C 91 17.28 1.83 -6.92
N PRO C 92 16.49 2.60 -6.16
CA PRO C 92 16.44 4.05 -6.38
C PRO C 92 17.74 4.71 -5.88
N SER C 93 17.97 5.97 -6.24
CA SER C 93 19.20 6.68 -5.86
C SER C 93 19.22 7.00 -4.37
N ASP C 94 18.10 7.47 -3.85
CA ASP C 94 18.02 7.76 -2.42
C ASP C 94 18.06 6.53 -1.56
N PRO C 95 18.86 6.56 -0.48
CA PRO C 95 18.95 5.45 0.45
C PRO C 95 17.63 5.08 1.12
N TYR C 96 16.68 6.01 1.17
CA TYR C 96 15.40 5.76 1.84
C TYR C 96 14.48 4.87 1.00
N GLY C 97 14.48 5.08 -0.31
CA GLY C 97 13.70 4.24 -1.20
C GLY C 97 14.26 2.84 -1.22
N ARG C 98 15.60 2.77 -1.28
CA ARG C 98 16.29 1.50 -1.19
C ARG C 98 16.01 0.84 0.15
N ALA C 99 15.85 1.70 1.17
CA ALA C 99 15.49 1.28 2.52
C ALA C 99 14.13 0.57 2.54
N GLN C 100 13.12 1.22 1.99
CA GLN C 100 11.76 0.68 1.93
C GLN C 100 11.75 -0.62 1.16
N ALA C 101 12.42 -0.58 0.02
CA ALA C 101 12.64 -1.75 -0.80
C ALA C 101 13.22 -2.91 0.00
N ARG C 102 14.23 -2.63 0.82
CA ARG C 102 14.83 -3.69 1.61
C ARG C 102 13.88 -4.33 2.63
N PHE C 103 13.27 -3.54 3.51
CA PHE C 103 12.47 -4.19 4.55
C PHE C 103 11.22 -4.78 3.93
N TRP C 104 10.82 -4.30 2.76
CA TRP C 104 9.70 -4.91 2.03
C TRP C 104 10.17 -6.20 1.39
N ALA C 105 11.45 -6.25 1.03
CA ALA C 105 12.00 -7.47 0.47
C ALA C 105 12.11 -8.45 1.61
N ASP C 106 12.33 -7.94 2.82
CA ASP C 106 12.36 -8.81 3.99
C ASP C 106 10.96 -9.34 4.35
N PHE C 107 9.95 -8.51 4.10
CA PHE C 107 8.57 -8.89 4.37
C PHE C 107 8.11 -10.05 3.48
N VAL C 108 8.33 -9.88 2.18
CA VAL C 108 8.02 -10.95 1.24
C VAL C 108 8.85 -12.19 1.61
N ASP C 109 10.07 -11.94 2.08
CA ASP C 109 11.04 -13.00 2.35
C ASP C 109 10.61 -13.95 3.47
N LYS C 110 9.96 -13.42 4.50
CA LYS C 110 9.65 -14.23 5.67
C LYS C 110 8.16 -14.44 5.90
N LYS C 111 7.49 -13.40 6.42
CA LYS C 111 6.05 -13.43 6.70
C LYS C 111 5.22 -13.94 5.52
N PHE C 112 5.58 -13.48 4.33
CA PHE C 112 4.86 -13.88 3.12
C PHE C 112 5.30 -15.28 2.63
N THR C 113 6.59 -15.58 2.71
CA THR C 113 7.09 -16.91 2.34
C THR C 113 6.70 -17.98 3.38
N ASP C 114 6.64 -17.60 4.65
CA ASP C 114 6.11 -18.51 5.67
C ASP C 114 4.66 -18.85 5.32
N ALA C 115 3.89 -17.79 5.08
CA ALA C 115 2.46 -17.89 4.84
C ALA C 115 2.16 -18.73 3.58
N GLN C 116 2.91 -18.47 2.51
CA GLN C 116 2.72 -19.22 1.28
C GLN C 116 3.20 -20.67 1.43
N PHE C 117 4.28 -20.91 2.17
CA PHE C 117 4.77 -22.27 2.36
C PHE C 117 3.74 -23.05 3.13
N LYS C 118 3.16 -22.39 4.12
CA LYS C 118 2.05 -22.97 4.86
C LYS C 118 0.88 -23.28 3.94
N VAL C 119 0.70 -22.48 2.89
CA VAL C 119 -0.35 -22.74 1.89
C VAL C 119 -0.05 -23.98 1.03
N TRP C 120 1.11 -24.02 0.38
CA TRP C 120 1.46 -25.13 -0.51
C TRP C 120 2.10 -26.31 0.22
N GLY C 121 2.59 -26.09 1.43
CA GLY C 121 3.29 -27.16 2.09
C GLY C 121 2.64 -27.71 3.34
N LYS C 122 1.44 -27.25 3.66
CA LYS C 122 0.78 -27.70 4.89
C LYS C 122 -0.69 -28.07 4.68
N LYS C 123 -1.29 -28.60 5.75
CA LYS C 123 -2.66 -29.12 5.71
C LYS C 123 -3.41 -28.84 7.02
N GLY C 124 -4.72 -29.10 7.01
CA GLY C 124 -5.55 -28.94 8.20
C GLY C 124 -5.67 -27.51 8.70
N GLU C 125 -5.44 -27.33 10.00
CA GLU C 125 -5.61 -26.00 10.60
C GLU C 125 -4.58 -25.05 10.04
N GLU C 126 -3.35 -25.55 9.90
CA GLU C 126 -2.24 -24.80 9.36
C GLU C 126 -2.56 -24.25 8.01
N GLN C 127 -3.10 -25.09 7.14
CA GLN C 127 -3.51 -24.65 5.82
C GLN C 127 -4.50 -23.49 5.94
N GLU C 128 -5.37 -23.55 6.95
CA GLU C 128 -6.42 -22.54 7.10
C GLU C 128 -5.92 -21.21 7.67
N ALA C 129 -5.15 -21.25 8.75
CA ALA C 129 -4.53 -20.02 9.25
C ALA C 129 -3.61 -19.36 8.20
N GLY C 130 -2.92 -20.19 7.42
CA GLY C 130 -2.03 -19.73 6.36
C GLY C 130 -2.75 -19.02 5.23
N LYS C 131 -3.99 -19.43 4.96
CA LYS C 131 -4.77 -18.74 3.97
C LYS C 131 -5.09 -17.34 4.44
N LYS C 132 -5.53 -17.23 5.68
CA LYS C 132 -5.84 -15.94 6.31
C LYS C 132 -4.63 -15.01 6.27
N GLU C 133 -3.44 -15.56 6.50
CA GLU C 133 -2.25 -14.72 6.45
C GLU C 133 -1.89 -14.33 5.02
N PHE C 134 -2.03 -15.26 4.09
CA PHE C 134 -1.66 -14.96 2.71
C PHE C 134 -2.59 -13.92 2.14
N ILE C 135 -3.89 -14.01 2.42
CA ILE C 135 -4.82 -13.03 1.85
C ILE C 135 -4.67 -11.67 2.51
N GLU C 136 -4.25 -11.68 3.78
CA GLU C 136 -3.91 -10.42 4.44
C GLU C 136 -2.57 -9.91 3.93
N ALA C 137 -1.59 -10.80 3.82
CA ALA C 137 -0.26 -10.43 3.32
C ALA C 137 -0.32 -9.96 1.87
N VAL C 138 -1.25 -10.53 1.10
CA VAL C 138 -1.39 -10.13 -0.29
C VAL C 138 -2.09 -8.78 -0.36
N LYS C 139 -2.87 -8.49 0.68
CA LYS C 139 -3.60 -7.24 0.77
C LYS C 139 -2.64 -6.12 1.16
N ILE C 140 -1.73 -6.37 2.09
CA ILE C 140 -0.79 -5.30 2.51
C ILE C 140 0.27 -5.03 1.45
N LEU C 141 0.68 -6.05 0.72
CA LEU C 141 1.51 -5.79 -0.46
C LEU C 141 0.74 -4.91 -1.41
N GLU C 142 -0.48 -5.35 -1.72
CA GLU C 142 -1.41 -4.56 -2.52
C GLU C 142 -1.59 -3.17 -1.90
N SER C 143 -1.60 -3.10 -0.58
CA SER C 143 -1.66 -1.79 0.08
C SER C 143 -0.43 -0.92 -0.17
N GLU C 144 0.77 -1.52 -0.08
CA GLU C 144 2.01 -0.76 -0.22
C GLU C 144 2.07 -0.06 -1.56
N LEU C 145 1.85 -0.80 -2.62
CA LEU C 145 1.94 -0.24 -3.96
C LEU C 145 1.08 1.03 -4.10
N GLY C 146 0.18 1.28 -3.16
CA GLY C 146 -0.73 2.42 -3.21
C GLY C 146 -1.69 2.04 -4.30
N ASP C 147 -1.13 2.04 -5.50
CA ASP C 147 -1.39 1.01 -6.49
C ASP C 147 -0.44 1.33 -7.63
N LYS C 148 0.75 0.76 -7.55
CA LYS C 148 1.88 1.18 -8.37
C LYS C 148 2.33 0.02 -9.26
N PRO C 149 3.17 0.29 -10.28
CA PRO C 149 3.21 -0.81 -11.26
C PRO C 149 4.29 -1.81 -10.92
N TYR C 150 5.36 -1.32 -10.31
CA TYR C 150 6.50 -2.17 -9.93
C TYR C 150 6.69 -2.03 -8.43
N PHE C 151 7.94 -2.13 -7.98
CA PHE C 151 8.16 -2.04 -6.55
C PHE C 151 9.51 -1.37 -6.20
N GLY C 152 10.50 -1.44 -7.10
CA GLY C 152 11.84 -0.99 -6.73
C GLY C 152 12.44 0.09 -7.60
N GLY C 153 11.77 0.41 -8.69
CA GLY C 153 12.26 1.47 -9.57
C GLY C 153 11.17 1.97 -10.50
N ASP C 154 11.40 3.10 -11.17
CA ASP C 154 10.41 3.59 -12.14
C ASP C 154 10.16 2.53 -13.22
N SER C 155 11.14 1.67 -13.42
CA SER C 155 10.96 0.45 -14.20
C SER C 155 10.96 -0.80 -13.32
N PHE C 156 11.42 -1.93 -13.84
CA PHE C 156 11.41 -3.14 -13.02
C PHE C 156 12.34 -2.98 -11.82
N GLY C 157 11.82 -3.22 -10.63
CA GLY C 157 12.60 -3.00 -9.41
C GLY C 157 12.98 -4.19 -8.57
N TYR C 158 13.66 -3.88 -7.47
CA TYR C 158 14.24 -4.87 -6.55
C TYR C 158 13.21 -5.78 -5.87
N VAL C 159 12.11 -5.18 -5.40
CA VAL C 159 11.10 -5.93 -4.69
C VAL C 159 10.17 -6.64 -5.68
N ASP C 160 10.10 -6.13 -6.90
CA ASP C 160 9.42 -6.90 -7.95
C ASP C 160 10.15 -8.21 -8.16
N ILE C 161 11.46 -8.15 -8.28
CA ILE C 161 12.26 -9.34 -8.47
C ILE C 161 12.03 -10.38 -7.36
N SER C 162 12.11 -9.94 -6.10
CA SER C 162 11.94 -10.85 -4.99
C SER C 162 10.51 -11.41 -4.94
N LEU C 163 9.53 -10.64 -5.42
CA LEU C 163 8.11 -11.07 -5.38
C LEU C 163 7.53 -11.68 -6.66
N ILE C 164 8.20 -11.50 -7.79
CA ILE C 164 7.66 -12.02 -9.06
C ILE C 164 7.69 -13.55 -9.11
N THR C 165 8.70 -14.16 -8.51
CA THR C 165 8.89 -15.59 -8.63
C THR C 165 7.86 -16.36 -7.84
N PHE C 166 6.99 -15.64 -7.14
CA PHE C 166 5.90 -16.26 -6.40
C PHE C 166 4.70 -16.29 -7.33
N SER C 167 4.82 -15.56 -8.43
CA SER C 167 3.74 -15.52 -9.42
C SER C 167 3.67 -16.81 -10.21
N SER C 168 4.77 -17.54 -10.24
CA SER C 168 4.74 -18.87 -10.84
C SER C 168 3.93 -19.80 -9.95
N TRP C 169 4.05 -19.62 -8.64
CA TRP C 169 3.34 -20.46 -7.69
C TRP C 169 2.03 -19.80 -7.26
N PHE C 170 1.64 -18.72 -7.91
CA PHE C 170 0.36 -18.08 -7.59
C PHE C 170 -0.75 -19.07 -7.81
N GLN C 171 -0.57 -19.82 -8.88
CA GLN C 171 -1.48 -20.88 -9.26
C GLN C 171 -1.50 -22.01 -8.21
N ALA C 172 -0.33 -22.24 -7.61
CA ALA C 172 -0.23 -23.30 -6.61
C ALA C 172 -0.96 -22.93 -5.32
N TYR C 173 -1.11 -21.62 -5.09
CA TYR C 173 -1.74 -21.13 -3.88
C TYR C 173 -3.23 -21.01 -4.10
N GLU C 174 -3.58 -20.64 -5.33
CA GLU C 174 -4.93 -20.77 -5.83
C GLU C 174 -5.37 -22.21 -5.64
N LYS C 175 -4.62 -23.14 -6.24
CA LYS C 175 -5.06 -24.52 -6.32
C LYS C 175 -5.10 -25.27 -4.98
N PHE C 176 -4.07 -25.13 -4.13
CA PHE C 176 -4.07 -25.84 -2.85
C PHE C 176 -4.93 -25.11 -1.83
N GLY C 177 -5.02 -23.80 -1.98
CA GLY C 177 -5.62 -22.99 -0.94
C GLY C 177 -7.06 -22.53 -1.16
N ASN C 178 -7.72 -23.07 -2.17
CA ASN C 178 -9.14 -22.78 -2.37
C ASN C 178 -9.43 -21.29 -2.55
N PHE C 179 -8.43 -20.55 -3.03
CA PHE C 179 -8.44 -19.08 -3.01
C PHE C 179 -8.06 -18.45 -4.33
N SER C 180 -8.81 -17.44 -4.75
CA SER C 180 -8.41 -16.64 -5.91
C SER C 180 -7.71 -15.37 -5.50
N ILE C 181 -6.44 -15.25 -5.87
CA ILE C 181 -5.68 -14.06 -5.54
C ILE C 181 -6.09 -12.96 -6.53
N GLU C 182 -6.68 -13.37 -7.65
CA GLU C 182 -7.07 -12.37 -8.64
C GLU C 182 -8.40 -11.71 -8.31
N SER C 183 -9.39 -12.46 -7.86
CA SER C 183 -10.68 -11.81 -7.58
C SER C 183 -10.62 -10.98 -6.29
N GLU C 184 -9.62 -11.27 -5.46
CA GLU C 184 -9.49 -10.61 -4.18
C GLU C 184 -8.46 -9.50 -4.28
N SER C 185 -7.38 -9.77 -5.01
CA SER C 185 -6.43 -8.72 -5.36
C SER C 185 -5.95 -8.86 -6.81
N PRO C 186 -6.77 -8.34 -7.73
CA PRO C 186 -6.50 -8.45 -9.17
C PRO C 186 -5.17 -7.78 -9.46
N LYS C 187 -4.82 -6.82 -8.62
CA LYS C 187 -3.70 -5.95 -8.90
C LYS C 187 -2.35 -6.63 -8.74
N LEU C 188 -2.24 -7.60 -7.83
CA LEU C 188 -0.95 -8.25 -7.62
C LEU C 188 -0.66 -9.32 -8.68
N ILE C 189 -1.66 -10.16 -8.94
CA ILE C 189 -1.51 -11.15 -10.00
C ILE C 189 -1.30 -10.47 -11.35
N ALA C 190 -1.97 -9.34 -11.54
CA ALA C 190 -1.89 -8.64 -12.81
C ALA C 190 -0.67 -7.70 -12.85
N TRP C 191 -0.15 -7.40 -11.67
CA TRP C 191 1.18 -6.82 -11.57
C TRP C 191 2.15 -7.82 -12.16
N ALA C 192 2.01 -9.07 -11.71
CA ALA C 192 2.83 -10.18 -12.18
C ALA C 192 2.67 -10.46 -13.67
N LYS C 193 1.43 -10.37 -14.13
CA LYS C 193 1.11 -10.57 -15.53
C LYS C 193 1.58 -9.42 -16.41
N ARG C 194 1.82 -8.24 -15.84
CA ARG C 194 2.53 -7.18 -16.57
C ARG C 194 3.98 -7.63 -16.69
N CYS C 195 4.53 -8.08 -15.56
CA CYS C 195 5.92 -8.51 -15.54
C CYS C 195 6.17 -9.72 -16.45
N MET C 196 5.10 -10.34 -16.92
CA MET C 196 5.20 -11.52 -17.78
C MET C 196 5.51 -11.17 -19.24
N GLU C 197 5.27 -9.93 -19.68
CA GLU C 197 5.68 -9.54 -21.03
C GLU C 197 7.17 -9.29 -21.04
N LYS C 198 7.80 -9.42 -19.88
CA LYS C 198 9.24 -9.26 -19.76
C LYS C 198 9.87 -10.62 -19.95
N GLU C 199 10.91 -10.72 -20.79
CA GLU C 199 11.58 -12.00 -20.99
C GLU C 199 12.24 -12.41 -19.67
N SER C 200 12.53 -11.42 -18.84
CA SER C 200 13.04 -11.69 -17.50
C SER C 200 12.13 -12.60 -16.72
N VAL C 201 10.83 -12.47 -16.93
CA VAL C 201 9.88 -13.32 -16.26
C VAL C 201 9.31 -14.36 -17.24
N SER C 202 9.39 -14.05 -18.53
CA SER C 202 8.87 -14.92 -19.58
C SER C 202 9.92 -15.96 -20.03
N LYS C 203 10.95 -16.13 -19.24
CA LYS C 203 11.99 -17.12 -19.51
C LYS C 203 12.56 -17.71 -18.22
N SER C 204 12.53 -16.91 -17.16
CA SER C 204 13.10 -17.30 -15.87
C SER C 204 12.12 -18.07 -15.00
N LEU C 205 10.84 -17.66 -15.01
CA LEU C 205 9.86 -18.35 -14.18
C LEU C 205 9.25 -19.51 -14.97
N PRO C 206 9.61 -20.77 -14.62
CA PRO C 206 9.16 -22.00 -15.29
C PRO C 206 7.63 -22.09 -15.28
N ASP C 207 7.05 -22.99 -16.08
CA ASP C 207 5.61 -22.98 -16.27
C ASP C 207 4.88 -23.18 -14.96
N SER C 208 3.65 -22.66 -14.89
CA SER C 208 2.86 -22.81 -13.70
C SER C 208 2.47 -24.28 -13.55
N GLU C 209 2.22 -24.95 -14.69
CA GLU C 209 1.91 -26.39 -14.69
C GLU C 209 2.95 -27.28 -14.03
N LYS C 210 4.21 -27.02 -14.35
CA LYS C 210 5.30 -27.79 -13.78
C LYS C 210 5.37 -27.61 -12.27
N ILE C 211 5.20 -26.38 -11.80
CA ILE C 211 5.32 -26.06 -10.37
C ILE C 211 4.10 -26.55 -9.59
N VAL C 212 2.88 -26.40 -10.12
CA VAL C 212 1.75 -26.99 -9.41
C VAL C 212 1.91 -28.49 -9.31
N ALA C 213 2.46 -29.11 -10.36
CA ALA C 213 2.73 -30.54 -10.31
C ALA C 213 3.81 -30.88 -9.31
N TYR C 214 4.82 -30.01 -9.17
CA TYR C 214 5.87 -30.23 -8.18
C TYR C 214 5.41 -30.09 -6.73
N ALA C 215 4.68 -29.02 -6.42
CA ALA C 215 4.12 -28.83 -5.08
C ALA C 215 3.31 -30.05 -4.69
N ALA C 216 2.55 -30.58 -5.64
CA ALA C 216 1.80 -31.82 -5.45
C ALA C 216 2.73 -33.03 -5.31
N GLU C 217 3.90 -32.95 -5.93
CA GLU C 217 4.83 -34.09 -5.91
C GLU C 217 5.46 -34.21 -4.54
N TYR C 218 5.91 -33.07 -4.04
CA TYR C 218 6.29 -32.90 -2.62
C TYR C 218 5.16 -33.30 -1.69
N ARG C 219 3.93 -33.01 -2.10
CA ARG C 219 2.74 -33.34 -1.33
C ARG C 219 2.69 -34.83 -1.09
N LYS C 220 3.08 -35.59 -2.11
CA LYS C 220 3.11 -37.06 -2.04
C LYS C 220 4.16 -37.60 -1.08
N ASN C 221 5.33 -36.98 -1.05
CA ASN C 221 6.47 -37.57 -0.35
C ASN C 221 6.42 -37.44 1.16
N ASN C 222 6.16 -36.24 1.67
CA ASN C 222 6.19 -36.05 3.13
C ASN C 222 4.78 -35.99 3.74
N LEU C 223 4.60 -36.60 4.90
CA LEU C 223 3.31 -36.55 5.60
C LEU C 223 3.45 -35.78 6.91
N THR D 7 -15.31 6.87 12.92
CA THR D 7 -16.53 6.93 13.72
C THR D 7 -17.06 8.36 13.77
N PHE D 8 -18.09 8.63 12.96
CA PHE D 8 -18.54 10.01 12.76
C PHE D 8 -18.93 10.73 14.05
N ASP D 9 -18.27 11.86 14.26
CA ASP D 9 -18.69 12.85 15.25
C ASP D 9 -18.63 14.17 14.54
N MET D 10 -18.97 15.24 15.25
CA MET D 10 -19.23 16.51 14.58
C MET D 10 -18.08 17.49 14.69
N ASN D 11 -17.93 18.08 15.88
CA ASN D 11 -16.85 19.04 16.16
C ASN D 11 -15.47 18.53 15.79
N ARG D 12 -15.21 17.27 16.14
CA ARG D 12 -13.90 16.67 15.88
C ARG D 12 -13.56 16.66 14.39
N VAL D 13 -14.50 16.20 13.55
CA VAL D 13 -14.19 16.06 12.12
C VAL D 13 -14.01 17.43 11.45
N ILE D 14 -14.76 18.45 11.89
CA ILE D 14 -14.61 19.80 11.34
C ILE D 14 -13.28 20.42 11.81
N ASP D 15 -12.92 20.22 13.08
CA ASP D 15 -11.63 20.69 13.54
C ASP D 15 -10.48 20.02 12.79
N GLU D 16 -10.71 18.79 12.36
CA GLU D 16 -9.70 18.04 11.61
C GLU D 16 -9.56 18.57 10.19
N PHE D 17 -10.71 18.89 9.60
CA PHE D 17 -10.81 19.51 8.28
C PHE D 17 -10.29 20.96 8.33
N ASP D 18 -10.53 21.67 9.44
CA ASP D 18 -10.00 23.02 9.61
C ASP D 18 -8.49 22.94 9.74
N GLU D 19 -8.03 22.04 10.60
CA GLU D 19 -6.62 21.69 10.65
C GLU D 19 -6.14 21.38 9.24
N MET D 20 -6.92 20.59 8.52
CA MET D 20 -6.59 20.22 7.15
C MET D 20 -6.54 21.42 6.18
N THR D 21 -7.38 22.42 6.41
CA THR D 21 -7.52 23.53 5.47
C THR D 21 -6.54 24.69 5.67
N ARG D 22 -5.91 24.78 6.84
CA ARG D 22 -4.86 25.76 7.03
C ARG D 22 -3.52 25.07 6.85
N ASN D 23 -3.49 23.76 7.05
CA ASN D 23 -2.30 22.96 6.76
C ASN D 23 -2.18 22.74 5.25
N ALA D 24 -3.05 23.42 4.50
CA ALA D 24 -3.29 23.21 3.07
C ALA D 24 -2.07 22.82 2.29
N HIS D 25 -0.98 23.53 2.54
CA HIS D 25 0.28 23.23 1.87
C HIS D 25 0.90 21.92 2.35
N GLN D 26 1.00 21.75 3.66
CA GLN D 26 1.58 20.53 4.20
C GLN D 26 0.87 19.33 3.60
N VAL D 27 -0.46 19.39 3.60
CA VAL D 27 -1.27 18.27 3.17
C VAL D 27 -1.33 18.14 1.64
N GLN D 28 -1.23 19.25 0.90
CA GLN D 28 -1.07 19.17 -0.55
C GLN D 28 0.28 18.55 -0.92
N LYS D 29 1.31 19.10 -0.30
CA LYS D 29 2.67 18.64 -0.54
C LYS D 29 2.86 17.21 -0.07
N GLN D 30 2.31 16.90 1.08
CA GLN D 30 2.40 15.55 1.64
C GLN D 30 1.64 14.54 0.80
N THR D 31 0.51 14.95 0.24
CA THR D 31 -0.27 14.04 -0.57
C THR D 31 0.45 13.85 -1.90
N LEU D 32 1.20 14.87 -2.32
CA LEU D 32 2.04 14.70 -3.50
C LEU D 32 3.20 13.74 -3.20
N LYS D 33 3.77 13.83 -2.01
CA LYS D 33 4.81 12.88 -1.57
C LYS D 33 4.22 11.47 -1.49
N GLU D 34 3.02 11.37 -0.92
CA GLU D 34 2.30 10.12 -0.80
C GLU D 34 1.94 9.45 -2.13
N ILE D 35 1.33 10.22 -3.03
CA ILE D 35 0.93 9.71 -4.33
C ILE D 35 2.10 8.99 -5.01
N LEU D 36 3.28 9.60 -4.92
CA LEU D 36 4.48 9.07 -5.56
C LEU D 36 5.24 8.01 -4.73
N LEU D 37 5.21 8.13 -3.40
CA LEU D 37 5.89 7.17 -2.55
C LEU D 37 5.16 5.83 -2.60
N LYS D 38 3.85 5.90 -2.77
CA LYS D 38 3.08 4.70 -3.05
C LYS D 38 3.48 4.22 -4.45
N ASN D 39 3.71 5.20 -5.33
CA ASN D 39 3.87 4.92 -6.75
C ASN D 39 5.22 5.24 -7.35
N GLN D 40 6.29 4.94 -6.61
CA GLN D 40 7.66 5.15 -7.07
C GLN D 40 7.93 4.67 -8.49
N SER D 41 7.09 3.75 -8.99
CA SER D 41 7.49 2.89 -10.07
C SER D 41 6.80 3.10 -11.41
N ALA D 42 6.00 4.14 -11.54
CA ALA D 42 5.31 4.34 -12.81
C ALA D 42 6.29 4.55 -13.97
N ILE D 43 5.97 3.97 -15.13
CA ILE D 43 6.89 3.93 -16.28
C ILE D 43 7.06 5.30 -17.00
N TYR D 44 6.03 6.14 -16.97
CA TYR D 44 6.10 7.43 -17.65
C TYR D 44 7.03 8.38 -16.93
N LEU D 45 7.13 8.18 -15.60
CA LEU D 45 8.08 8.96 -14.82
C LEU D 45 9.49 8.48 -15.10
N GLN D 46 9.66 7.20 -15.46
CA GLN D 46 10.94 6.70 -15.98
C GLN D 46 11.36 7.60 -17.13
N ASN D 47 10.48 7.69 -18.14
CA ASN D 47 10.75 8.52 -19.30
C ASN D 47 11.02 9.96 -18.89
N CYS D 48 10.46 10.37 -17.75
CA CYS D 48 10.77 11.68 -17.16
C CYS D 48 11.95 11.62 -16.17
N GLY D 49 12.24 10.42 -15.62
CA GLY D 49 13.47 10.19 -14.85
C GLY D 49 13.38 10.14 -13.33
N LEU D 50 12.19 9.96 -12.81
CA LEU D 50 11.97 10.16 -11.37
C LEU D 50 12.35 8.94 -10.57
N ASN D 51 12.79 9.16 -9.33
CA ASN D 51 13.12 8.08 -8.42
C ASN D 51 12.45 8.22 -7.05
N GLY D 52 12.12 9.44 -6.65
CA GLY D 52 11.51 9.68 -5.37
C GLY D 52 12.34 10.49 -4.42
N ASN D 53 11.89 10.56 -3.16
CA ASN D 53 12.59 11.27 -2.10
C ASN D 53 13.00 12.69 -2.50
N ALA D 54 14.30 13.00 -2.38
CA ALA D 54 14.91 14.26 -2.81
C ALA D 54 14.60 15.46 -1.93
N THR D 55 15.26 16.56 -2.25
CA THR D 55 15.13 17.81 -1.53
C THR D 55 14.54 18.89 -2.42
N ASP D 56 14.43 18.63 -3.71
CA ASP D 56 13.70 19.51 -4.62
C ASP D 56 12.56 18.76 -5.32
N PRO D 57 11.90 17.82 -4.62
CA PRO D 57 11.15 16.77 -5.32
C PRO D 57 9.89 17.33 -6.00
N GLU D 58 9.22 18.21 -5.30
CA GLU D 58 8.07 18.90 -5.86
C GLU D 58 8.46 19.74 -7.07
N GLU D 59 9.63 20.37 -6.97
CA GLU D 59 10.17 21.23 -8.03
C GLU D 59 10.59 20.35 -9.20
N ALA D 60 11.13 19.19 -8.88
CA ALA D 60 11.51 18.24 -9.90
C ALA D 60 10.27 17.73 -10.64
N PHE D 61 9.19 17.58 -9.89
CA PHE D 61 7.91 17.16 -10.46
C PHE D 61 7.42 18.18 -11.46
N LYS D 62 7.66 19.46 -11.17
CA LYS D 62 7.17 20.51 -12.02
C LYS D 62 8.17 20.91 -13.11
N SER D 63 9.31 20.22 -13.18
CA SER D 63 10.33 20.59 -14.15
C SER D 63 10.58 19.53 -15.21
N MET D 64 10.63 18.27 -14.81
CA MET D 64 11.06 17.19 -15.70
C MET D 64 9.85 16.55 -16.39
N VAL D 65 8.68 16.76 -15.81
CA VAL D 65 7.45 16.09 -16.27
C VAL D 65 6.47 17.03 -16.96
N PRO D 66 6.06 16.66 -18.18
CA PRO D 66 5.10 17.44 -18.98
C PRO D 66 3.63 17.12 -18.69
N LEU D 67 2.79 18.09 -19.04
CA LEU D 67 1.33 17.93 -19.00
C LEU D 67 0.93 17.01 -20.14
N VAL D 68 -0.17 16.30 -19.96
CA VAL D 68 -0.53 15.23 -20.88
C VAL D 68 -2.00 15.38 -21.27
N THR D 69 -2.38 14.90 -22.46
CA THR D 69 -3.80 14.90 -22.86
C THR D 69 -4.40 13.50 -22.83
N ASP D 70 -5.67 13.41 -23.19
CA ASP D 70 -6.39 12.15 -23.11
C ASP D 70 -5.93 11.14 -24.16
N VAL D 71 -5.55 11.64 -25.34
CA VAL D 71 -5.11 10.75 -26.41
C VAL D 71 -3.75 10.16 -26.08
N GLU D 72 -2.82 11.01 -25.61
CA GLU D 72 -1.48 10.55 -25.22
C GLU D 72 -1.53 9.55 -24.08
N LEU D 73 -2.47 9.78 -23.16
CA LEU D 73 -2.59 8.90 -22.02
C LEU D 73 -3.34 7.63 -22.38
N GLU D 74 -4.14 7.71 -23.43
CA GLU D 74 -5.07 6.63 -23.79
C GLU D 74 -4.46 5.23 -24.01
N PRO D 75 -3.28 5.13 -24.67
CA PRO D 75 -2.69 3.81 -24.86
C PRO D 75 -2.46 3.04 -23.56
N TYR D 76 -1.97 3.67 -22.50
CA TYR D 76 -1.58 2.91 -21.32
C TYR D 76 -2.77 2.42 -20.49
N ILE D 77 -3.81 3.22 -20.37
CA ILE D 77 -4.95 2.81 -19.56
C ILE D 77 -5.70 1.77 -20.34
N LYS D 78 -5.63 1.93 -21.66
CA LYS D 78 -6.12 0.94 -22.60
C LYS D 78 -5.36 -0.34 -22.35
N ARG D 79 -4.10 -0.21 -21.95
CA ARG D 79 -3.24 -1.36 -21.66
C ARG D 79 -3.70 -2.09 -20.41
N MET D 80 -4.17 -1.34 -19.41
CA MET D 80 -4.73 -1.89 -18.18
C MET D 80 -5.87 -2.85 -18.44
N VAL D 81 -6.77 -2.41 -19.32
CA VAL D 81 -8.09 -3.00 -19.37
C VAL D 81 -8.28 -4.22 -20.28
N ASP D 82 -7.59 -4.28 -21.41
CA ASP D 82 -7.86 -5.33 -22.38
C ASP D 82 -6.85 -6.48 -22.39
N GLY D 83 -7.18 -7.57 -21.72
CA GLY D 83 -6.38 -8.79 -21.86
C GLY D 83 -5.06 -8.66 -21.13
N ASP D 84 -4.33 -7.60 -21.43
CA ASP D 84 -3.17 -7.21 -20.65
C ASP D 84 -3.67 -6.60 -19.35
N THR D 85 -3.52 -7.33 -18.27
CA THR D 85 -4.06 -6.85 -17.01
C THR D 85 -3.05 -5.92 -16.32
N SER D 86 -2.22 -5.31 -17.16
CA SER D 86 -0.98 -4.63 -16.79
C SER D 86 -1.09 -3.19 -16.28
N PRO D 87 -0.38 -2.88 -15.17
CA PRO D 87 -0.21 -1.60 -14.47
C PRO D 87 0.68 -0.53 -15.16
N ILE D 88 0.19 0.70 -15.32
CA ILE D 88 0.94 1.74 -16.07
C ILE D 88 1.19 3.12 -15.42
N LEU D 89 0.25 4.07 -15.51
CA LEU D 89 0.53 5.47 -15.09
C LEU D 89 0.38 5.67 -13.61
N THR D 90 -0.75 5.27 -13.03
CA THR D 90 -0.74 5.04 -11.61
C THR D 90 0.27 3.93 -11.45
N GLY D 91 -0.31 2.77 -11.22
CA GLY D 91 0.44 1.55 -11.33
C GLY D 91 -0.53 0.41 -11.21
N HIS D 92 -0.54 -0.26 -10.06
CA HIS D 92 -1.29 -1.51 -9.87
C HIS D 92 -2.58 -1.56 -10.68
N PRO D 93 -2.82 -2.70 -11.34
CA PRO D 93 -4.02 -3.08 -12.10
C PRO D 93 -5.26 -2.76 -11.28
N VAL D 94 -5.82 -1.60 -11.55
CA VAL D 94 -6.96 -1.11 -10.82
C VAL D 94 -8.17 -2.02 -10.97
N PRO D 95 -8.97 -2.13 -9.90
CA PRO D 95 -10.19 -2.93 -10.01
C PRO D 95 -11.29 -2.22 -10.80
N ALA D 96 -11.04 -0.99 -11.24
CA ALA D 96 -11.94 -0.32 -12.21
C ALA D 96 -11.25 0.80 -12.96
N ILE D 97 -11.78 1.13 -14.13
CA ILE D 97 -11.23 2.24 -14.91
C ILE D 97 -12.34 3.20 -15.39
N SER D 98 -11.95 4.41 -15.77
CA SER D 98 -12.93 5.51 -15.93
C SER D 98 -13.20 5.92 -17.36
N LEU D 99 -14.17 6.84 -17.50
CA LEU D 99 -14.48 7.54 -18.73
C LEU D 99 -14.68 9.01 -18.40
N SER D 100 -14.73 9.84 -19.42
CA SER D 100 -14.84 11.27 -19.20
C SER D 100 -15.72 11.90 -20.25
N SER D 101 -16.62 12.78 -19.81
CA SER D 101 -17.41 13.53 -20.76
C SER D 101 -16.50 14.35 -21.67
N GLY D 102 -17.00 14.74 -22.84
CA GLY D 102 -16.09 15.18 -23.86
C GLY D 102 -15.47 13.89 -24.33
N THR D 103 -14.48 13.98 -25.21
CA THR D 103 -13.89 12.80 -25.81
C THR D 103 -12.37 12.90 -25.94
N SER D 104 -11.76 11.78 -26.33
CA SER D 104 -10.34 11.71 -26.66
C SER D 104 -10.19 11.70 -28.19
N GLN D 105 -10.45 12.86 -28.79
CA GLN D 105 -10.52 13.10 -30.23
C GLN D 105 -11.80 12.53 -30.83
N GLY D 106 -12.89 12.61 -30.09
CA GLY D 106 -14.11 11.92 -30.47
C GLY D 106 -14.05 10.51 -29.93
N ARG D 107 -12.86 10.10 -29.52
CA ARG D 107 -12.62 8.77 -29.02
C ARG D 107 -12.70 8.65 -27.50
N PRO D 108 -12.82 7.43 -27.01
CA PRO D 108 -12.85 7.01 -25.61
C PRO D 108 -11.62 7.22 -24.76
N LYS D 109 -11.84 7.36 -23.45
CA LYS D 109 -10.74 7.66 -22.52
C LYS D 109 -10.88 6.83 -21.23
N PHE D 110 -9.81 6.10 -20.86
CA PHE D 110 -9.82 5.20 -19.69
C PHE D 110 -9.08 5.86 -18.51
N ILE D 111 -9.52 5.66 -17.27
CA ILE D 111 -8.78 6.18 -16.11
C ILE D 111 -8.97 5.30 -14.85
N PRO D 112 -7.87 4.87 -14.24
CA PRO D 112 -7.85 3.87 -13.16
C PRO D 112 -8.65 4.22 -11.88
N PHE D 113 -9.26 3.19 -11.28
CA PHE D 113 -9.90 3.33 -9.95
C PHE D 113 -9.15 2.57 -8.88
N THR D 114 -8.89 3.21 -7.74
CA THR D 114 -8.22 2.47 -6.65
C THR D 114 -8.95 2.71 -5.33
N ASP D 115 -8.70 1.83 -4.34
CA ASP D 115 -9.28 1.94 -3.00
C ASP D 115 -9.36 3.37 -2.44
N GLU D 116 -8.29 4.13 -2.62
CA GLU D 116 -8.18 5.47 -2.04
C GLU D 116 -9.32 6.42 -2.40
N LEU D 117 -9.87 6.25 -3.59
CA LEU D 117 -10.98 7.06 -4.04
C LEU D 117 -12.25 6.75 -3.22
N MET D 118 -12.43 5.50 -2.83
CA MET D 118 -13.55 5.19 -1.91
C MET D 118 -13.26 5.81 -0.58
N GLU D 119 -11.99 5.80 -0.19
CA GLU D 119 -11.56 6.51 1.00
C GLU D 119 -11.91 7.99 0.89
N ASN D 120 -11.43 8.61 -0.18
CA ASN D 120 -11.72 10.02 -0.45
C ASN D 120 -13.23 10.23 -0.40
N THR D 121 -13.98 9.23 -0.85
CA THR D 121 -15.44 9.28 -0.80
C THR D 121 -15.98 9.26 0.62
N LEU D 122 -15.49 8.30 1.41
CA LEU D 122 -15.98 8.15 2.76
C LEU D 122 -15.65 9.38 3.57
N GLN D 123 -14.51 10.01 3.27
CA GLN D 123 -14.04 11.16 4.03
C GLN D 123 -14.75 12.44 3.57
N LEU D 124 -15.03 12.51 2.27
CA LEU D 124 -15.63 13.72 1.77
C LEU D 124 -17.08 13.87 2.18
N PHE D 125 -17.82 12.76 2.16
CA PHE D 125 -19.20 12.79 2.64
C PHE D 125 -19.27 12.69 4.15
N ARG D 126 -18.20 12.22 4.77
CA ARG D 126 -18.10 12.32 6.21
C ARG D 126 -17.98 13.77 6.63
N THR D 127 -17.25 14.56 5.84
CA THR D 127 -17.06 15.95 6.17
C THR D 127 -18.28 16.76 5.74
N ALA D 128 -18.83 16.44 4.57
CA ALA D 128 -19.90 17.22 3.96
C ALA D 128 -21.16 17.24 4.81
N PHE D 129 -21.69 16.05 5.09
CA PHE D 129 -22.91 15.90 5.88
C PHE D 129 -22.79 16.59 7.22
N ALA D 130 -21.59 16.49 7.81
CA ALA D 130 -21.33 17.10 9.10
C ALA D 130 -21.53 18.61 9.07
N PHE D 131 -21.03 19.27 8.04
CA PHE D 131 -21.13 20.71 7.98
C PHE D 131 -22.55 21.09 7.66
N ARG D 132 -23.20 20.26 6.85
CA ARG D 132 -24.55 20.56 6.40
C ARG D 132 -25.52 20.35 7.54
N ASN D 133 -25.31 19.25 8.26
CA ASN D 133 -26.11 18.95 9.44
C ASN D 133 -25.77 19.88 10.58
N ARG D 134 -24.71 20.67 10.40
CA ARG D 134 -24.43 21.76 11.32
C ARG D 134 -25.37 22.90 10.98
N ASP D 135 -25.72 23.04 9.71
CA ASP D 135 -26.67 24.05 9.26
C ASP D 135 -28.06 23.49 9.08
N PHE D 136 -28.14 22.19 8.82
CA PHE D 136 -29.43 21.50 8.69
C PHE D 136 -29.42 20.22 9.48
N PRO D 137 -29.59 20.32 10.80
CA PRO D 137 -29.52 19.18 11.72
C PRO D 137 -30.66 18.16 11.54
N ILE D 138 -30.31 16.87 11.51
CA ILE D 138 -31.31 15.85 11.22
C ILE D 138 -31.68 14.98 12.42
N ASP D 139 -32.80 14.27 12.31
CA ASP D 139 -33.16 13.29 13.34
C ASP D 139 -32.42 11.97 13.14
N ASP D 140 -31.95 11.35 14.22
CA ASP D 140 -31.08 10.18 14.11
C ASP D 140 -31.78 8.83 14.03
N ASN D 141 -33.10 8.83 13.91
CA ASN D 141 -33.84 7.61 13.66
C ASN D 141 -34.69 7.77 12.40
N GLY D 142 -34.46 8.86 11.68
CA GLY D 142 -35.26 9.19 10.51
C GLY D 142 -34.68 8.54 9.26
N LYS D 143 -35.10 9.02 8.10
CA LYS D 143 -34.50 8.54 6.86
C LYS D 143 -34.49 9.60 5.76
N ALA D 144 -34.27 9.17 4.52
CA ALA D 144 -34.07 10.11 3.40
C ALA D 144 -34.62 9.66 2.05
N LEU D 145 -34.91 10.64 1.19
CA LEU D 145 -35.29 10.34 -0.18
C LEU D 145 -34.05 10.47 -1.07
N GLN D 146 -33.42 9.33 -1.37
CA GLN D 146 -32.24 9.30 -2.24
C GLN D 146 -32.62 8.79 -3.61
N PHE D 147 -32.53 9.63 -4.64
CA PHE D 147 -32.74 9.11 -5.97
C PHE D 147 -31.43 8.55 -6.52
N ILE D 148 -30.91 7.49 -5.87
CA ILE D 148 -29.61 6.98 -6.28
C ILE D 148 -29.64 5.53 -6.75
N PHE D 149 -28.78 5.22 -7.71
CA PHE D 149 -28.74 3.90 -8.30
C PHE D 149 -27.37 3.49 -8.75
N SER D 150 -27.20 2.19 -8.93
CA SER D 150 -25.91 1.61 -9.26
C SER D 150 -26.07 0.18 -9.69
N SER D 151 -27.16 -0.12 -10.40
CA SER D 151 -27.57 -1.50 -10.60
C SER D 151 -26.80 -2.26 -11.64
N LYS D 152 -25.86 -1.59 -12.31
CA LYS D 152 -25.13 -2.15 -13.44
C LYS D 152 -23.67 -2.45 -13.09
N GLN D 153 -23.13 -3.55 -13.62
CA GLN D 153 -21.69 -3.82 -13.49
C GLN D 153 -21.16 -4.66 -14.65
N TYR D 154 -20.25 -4.09 -15.44
CA TYR D 154 -19.72 -4.82 -16.60
C TYR D 154 -18.30 -5.33 -16.36
N ILE D 155 -18.00 -6.50 -16.92
CA ILE D 155 -16.66 -7.07 -16.89
C ILE D 155 -15.98 -6.96 -18.25
N SER D 156 -14.88 -6.21 -18.31
CA SER D 156 -14.26 -5.89 -19.59
C SER D 156 -13.74 -7.07 -20.37
N THR D 157 -13.31 -6.80 -21.59
CA THR D 157 -12.61 -7.78 -22.42
C THR D 157 -11.54 -8.61 -21.69
N GLY D 158 -10.78 -7.96 -20.80
CA GLY D 158 -9.70 -8.60 -20.07
C GLY D 158 -10.19 -9.38 -18.86
N GLY D 159 -11.48 -9.26 -18.56
CA GLY D 159 -12.00 -9.89 -17.36
C GLY D 159 -11.77 -9.03 -16.13
N VAL D 160 -11.22 -7.83 -16.34
CA VAL D 160 -10.98 -6.88 -15.27
C VAL D 160 -12.22 -5.98 -15.19
N PRO D 161 -12.58 -5.53 -13.99
CA PRO D 161 -13.70 -4.59 -13.93
C PRO D 161 -13.28 -3.17 -14.28
N VAL D 162 -14.22 -2.42 -14.83
CA VAL D 162 -14.02 -1.00 -15.10
C VAL D 162 -15.30 -0.34 -14.59
N GLY D 163 -15.21 0.77 -13.88
CA GLY D 163 -16.37 1.21 -13.13
C GLY D 163 -16.78 2.66 -13.19
N THR D 164 -18.04 2.90 -12.81
CA THR D 164 -18.60 4.23 -12.73
C THR D 164 -18.56 4.66 -11.26
N ALA D 165 -18.59 5.98 -11.02
CA ALA D 165 -18.72 6.55 -9.67
C ALA D 165 -19.67 5.77 -8.75
N THR D 166 -20.96 5.94 -8.99
CA THR D 166 -22.04 5.46 -8.17
C THR D 166 -21.99 3.96 -7.91
N THR D 167 -21.75 3.20 -8.97
CA THR D 167 -21.68 1.75 -8.83
C THR D 167 -20.48 1.34 -7.99
N ASN D 168 -19.36 2.02 -8.20
CA ASN D 168 -18.18 1.68 -7.43
C ASN D 168 -18.29 2.17 -6.00
N VAL D 169 -19.05 3.25 -5.75
CA VAL D 169 -19.34 3.60 -4.36
C VAL D 169 -20.19 2.49 -3.80
N TYR D 170 -21.30 2.24 -4.49
CA TYR D 170 -22.40 1.45 -3.92
C TYR D 170 -22.17 -0.07 -3.82
N ARG D 171 -21.53 -0.66 -4.84
CA ARG D 171 -21.35 -2.10 -4.85
C ARG D 171 -20.00 -2.53 -4.28
N ASN D 172 -19.24 -1.54 -3.85
CA ASN D 172 -17.98 -1.76 -3.17
C ASN D 172 -18.20 -2.43 -1.82
N PRO D 173 -17.20 -3.19 -1.34
CA PRO D 173 -17.38 -3.82 -0.02
C PRO D 173 -17.60 -2.78 1.10
N ASN D 174 -16.98 -1.62 0.97
CA ASN D 174 -16.85 -0.68 2.08
C ASN D 174 -18.02 0.30 2.24
N PHE D 175 -18.93 0.28 1.28
CA PHE D 175 -19.99 1.31 1.20
C PHE D 175 -21.01 1.29 2.32
N LYS D 176 -21.43 0.10 2.73
CA LYS D 176 -22.55 0.01 3.67
C LYS D 176 -22.14 0.29 5.11
N ALA D 177 -21.02 -0.30 5.53
CA ALA D 177 -20.44 0.02 6.82
C ALA D 177 -20.08 1.48 6.88
N GLY D 178 -19.71 2.00 5.71
CA GLY D 178 -19.32 3.40 5.59
C GLY D 178 -20.49 4.35 5.66
N MET D 179 -21.68 3.86 5.31
CA MET D 179 -22.84 4.75 5.18
C MET D 179 -23.65 5.03 6.47
N LYS D 180 -23.65 4.08 7.39
CA LYS D 180 -24.64 4.00 8.48
C LYS D 180 -24.79 5.22 9.42
N SER D 181 -23.72 5.97 9.66
CA SER D 181 -23.80 6.99 10.71
C SER D 181 -23.85 8.45 10.26
N ILE D 182 -23.65 8.73 8.97
CA ILE D 182 -23.63 10.11 8.50
C ILE D 182 -24.76 10.33 7.51
N THR D 183 -25.53 9.28 7.30
CA THR D 183 -26.66 9.30 6.40
C THR D 183 -27.83 8.67 7.14
N SER D 184 -29.04 9.05 6.77
CA SER D 184 -30.20 8.42 7.35
C SER D 184 -30.60 7.23 6.50
N PRO D 185 -30.84 6.05 7.11
CA PRO D 185 -31.17 4.76 6.47
C PRO D 185 -31.92 4.96 5.16
N SER D 186 -31.39 4.39 4.09
CA SER D 186 -31.94 4.60 2.76
C SER D 186 -33.35 4.04 2.56
N CYS D 187 -34.19 4.84 1.90
CA CYS D 187 -35.59 4.49 1.66
C CYS D 187 -35.72 3.24 0.84
N SER D 188 -34.69 2.96 0.06
CA SER D 188 -34.74 1.84 -0.86
C SER D 188 -34.01 0.66 -0.28
N PRO D 189 -34.64 -0.52 -0.30
CA PRO D 189 -33.85 -1.74 -0.10
C PRO D 189 -32.73 -1.71 -1.12
N ASP D 190 -31.54 -2.16 -0.76
CA ASP D 190 -30.45 -2.08 -1.71
C ASP D 190 -30.68 -2.85 -3.00
N GLU D 191 -31.48 -3.92 -2.95
CA GLU D 191 -31.74 -4.76 -4.13
C GLU D 191 -32.56 -3.98 -5.15
N VAL D 192 -33.33 -3.02 -4.68
CA VAL D 192 -34.06 -2.15 -5.61
C VAL D 192 -33.17 -1.00 -6.06
N ILE D 193 -32.18 -0.64 -5.25
CA ILE D 193 -31.11 0.25 -5.65
C ILE D 193 -30.29 -0.40 -6.78
N PHE D 194 -29.98 -1.68 -6.57
CA PHE D 194 -29.22 -2.42 -7.56
C PHE D 194 -30.13 -3.30 -8.39
N SER D 195 -31.32 -2.82 -8.70
CA SER D 195 -32.27 -3.64 -9.45
C SER D 195 -31.98 -3.57 -10.95
N PRO D 196 -31.97 -4.74 -11.62
CA PRO D 196 -31.78 -4.86 -13.07
C PRO D 196 -32.60 -3.86 -13.90
N ASP D 197 -33.65 -3.27 -13.31
CA ASP D 197 -34.49 -2.29 -13.98
C ASP D 197 -34.62 -0.98 -13.20
N VAL D 198 -33.76 0.00 -13.46
CA VAL D 198 -33.79 1.18 -12.61
C VAL D 198 -34.74 2.28 -13.07
N HIS D 199 -35.48 2.06 -14.16
CA HIS D 199 -36.49 3.06 -14.53
C HIS D 199 -37.73 2.68 -13.73
N GLN D 200 -38.02 1.40 -13.72
CA GLN D 200 -38.99 0.86 -12.80
C GLN D 200 -38.50 0.98 -11.34
N ALA D 201 -37.19 0.93 -11.13
CA ALA D 201 -36.67 1.02 -9.76
C ALA D 201 -36.73 2.47 -9.29
N LEU D 202 -36.52 3.41 -10.23
CA LEU D 202 -36.67 4.81 -9.88
C LEU D 202 -38.13 5.06 -9.60
N TYR D 203 -38.97 4.25 -10.24
CA TYR D 203 -40.41 4.26 -9.98
C TYR D 203 -40.60 3.82 -8.54
N CYS D 204 -39.81 2.82 -8.14
CA CYS D 204 -39.83 2.32 -6.78
C CYS D 204 -39.12 3.25 -5.82
N HIS D 205 -38.23 4.09 -6.33
CA HIS D 205 -37.48 4.98 -5.47
C HIS D 205 -38.30 6.23 -5.14
N LEU D 206 -39.06 6.71 -6.12
CA LEU D 206 -40.14 7.64 -5.86
C LEU D 206 -40.91 6.96 -4.77
N LEU D 207 -41.49 5.81 -5.12
CA LEU D 207 -42.27 4.97 -4.23
C LEU D 207 -41.62 4.75 -2.84
N SER D 208 -40.29 4.64 -2.80
CA SER D 208 -39.58 4.35 -1.55
C SER D 208 -39.35 5.61 -0.78
N GLY D 209 -38.98 6.67 -1.47
CA GLY D 209 -38.87 7.97 -0.85
C GLY D 209 -40.24 8.38 -0.34
N ILE D 210 -41.25 8.05 -1.12
CA ILE D 210 -42.63 8.21 -0.70
C ILE D 210 -42.88 7.44 0.64
N LEU D 211 -42.50 6.17 0.72
CA LEU D 211 -42.81 5.29 1.88
C LEU D 211 -42.65 5.92 3.29
N PHE D 212 -41.45 6.04 3.84
CA PHE D 212 -41.44 6.53 5.23
C PHE D 212 -41.26 8.06 5.25
N ARG D 213 -42.12 8.77 4.51
CA ARG D 213 -42.05 10.23 4.36
C ARG D 213 -41.84 11.08 5.61
N ASP D 214 -42.45 10.68 6.72
CA ASP D 214 -42.57 11.56 7.87
C ASP D 214 -41.20 11.72 8.51
N GLN D 215 -40.48 10.61 8.61
CA GLN D 215 -39.13 10.62 9.18
C GLN D 215 -38.07 11.10 8.20
N VAL D 216 -38.42 11.19 6.92
CA VAL D 216 -37.45 11.51 5.87
C VAL D 216 -36.89 12.90 6.08
N GLN D 217 -35.57 13.06 5.90
CA GLN D 217 -34.93 14.32 6.23
C GLN D 217 -34.52 15.18 5.01
N TYR D 218 -34.42 14.57 3.84
CA TYR D 218 -34.13 15.33 2.63
C TYR D 218 -34.42 14.62 1.31
N VAL D 219 -34.52 15.45 0.27
CA VAL D 219 -34.71 15.00 -1.10
C VAL D 219 -33.47 15.28 -1.90
N PHE D 220 -32.87 14.25 -2.47
CA PHE D 220 -31.59 14.46 -3.10
C PHE D 220 -31.41 13.69 -4.41
N ALA D 221 -30.72 14.34 -5.34
CA ALA D 221 -30.13 13.69 -6.48
C ALA D 221 -28.82 14.42 -6.66
N VAL D 222 -27.92 13.90 -7.46
CA VAL D 222 -26.67 14.63 -7.60
C VAL D 222 -27.00 15.89 -8.41
N PHE D 223 -28.01 15.77 -9.27
CA PHE D 223 -28.43 16.92 -10.05
C PHE D 223 -29.85 17.40 -9.74
N ALA D 224 -30.14 18.65 -10.08
CA ALA D 224 -31.50 19.15 -10.06
C ALA D 224 -32.26 18.48 -11.19
N HIS D 225 -31.53 18.12 -12.24
CA HIS D 225 -32.05 17.29 -13.32
C HIS D 225 -32.61 15.96 -12.80
N GLY D 226 -31.88 15.29 -11.90
CA GLY D 226 -32.35 14.04 -11.35
C GLY D 226 -33.65 14.25 -10.60
N LEU D 227 -33.73 15.38 -9.90
CA LEU D 227 -34.94 15.74 -9.17
C LEU D 227 -36.05 16.19 -10.14
N VAL D 228 -35.71 17.04 -11.09
CA VAL D 228 -36.69 17.49 -12.07
C VAL D 228 -37.24 16.31 -12.90
N HIS D 229 -36.35 15.38 -13.21
CA HIS D 229 -36.77 14.13 -13.87
C HIS D 229 -37.71 13.33 -12.96
N ALA D 230 -37.37 13.30 -11.69
CA ALA D 230 -38.13 12.54 -10.70
C ALA D 230 -39.53 13.11 -10.54
N PHE D 231 -39.61 14.43 -10.40
CA PHE D 231 -40.85 15.09 -10.03
C PHE D 231 -41.71 15.44 -11.21
N ARG D 232 -41.11 15.52 -12.40
CA ARG D 232 -41.92 15.59 -13.63
C ARG D 232 -42.62 14.25 -13.77
N THR D 233 -41.89 13.17 -13.43
CA THR D 233 -42.40 11.82 -13.52
C THR D 233 -43.45 11.62 -12.44
N PHE D 234 -43.18 12.16 -11.25
CA PHE D 234 -44.15 12.14 -10.15
C PHE D 234 -45.49 12.76 -10.54
N GLU D 235 -45.42 13.88 -11.24
CA GLU D 235 -46.58 14.53 -11.83
C GLU D 235 -47.36 13.56 -12.72
N GLN D 236 -46.62 12.78 -13.52
CA GLN D 236 -47.21 11.87 -14.50
C GLN D 236 -47.82 10.59 -13.91
N VAL D 237 -47.12 9.98 -12.94
CA VAL D 237 -47.48 8.65 -12.50
C VAL D 237 -48.03 8.58 -11.08
N TRP D 238 -48.44 9.71 -10.51
CA TRP D 238 -48.87 9.65 -9.11
C TRP D 238 -50.13 8.81 -8.94
N GLU D 239 -51.10 8.97 -9.82
CA GLU D 239 -52.32 8.17 -9.69
C GLU D 239 -52.09 6.70 -9.98
N GLU D 240 -51.20 6.40 -10.91
CA GLU D 240 -50.88 5.00 -11.21
C GLU D 240 -50.29 4.37 -9.97
N ILE D 241 -49.40 5.09 -9.31
CA ILE D 241 -48.72 4.58 -8.13
C ILE D 241 -49.70 4.34 -6.97
N VAL D 242 -50.77 5.14 -6.84
CA VAL D 242 -51.70 4.90 -5.73
C VAL D 242 -52.38 3.56 -6.01
N THR D 243 -52.70 3.28 -7.28
CA THR D 243 -53.30 2.01 -7.65
C THR D 243 -52.33 0.88 -7.30
N ASP D 244 -51.04 1.17 -7.40
CA ASP D 244 -50.00 0.20 -7.09
C ASP D 244 -49.96 -0.14 -5.62
N ILE D 245 -49.78 0.89 -4.78
CA ILE D 245 -49.69 0.65 -3.34
C ILE D 245 -51.00 0.15 -2.73
N LYS D 246 -52.13 0.59 -3.31
CA LYS D 246 -53.46 0.25 -2.81
C LYS D 246 -53.80 -1.23 -2.60
N ASP D 247 -53.90 -1.96 -3.70
CA ASP D 247 -54.44 -3.32 -3.68
C ASP D 247 -53.45 -4.30 -3.11
N GLY D 248 -52.26 -3.82 -2.79
CA GLY D 248 -51.22 -4.65 -2.22
C GLY D 248 -50.45 -5.30 -3.33
N VAL D 249 -50.76 -4.88 -4.55
CA VAL D 249 -50.11 -5.45 -5.72
C VAL D 249 -49.43 -4.37 -6.55
N LEU D 250 -48.13 -4.53 -6.78
CA LEU D 250 -47.36 -3.57 -7.58
C LEU D 250 -47.84 -3.65 -9.01
N SER D 251 -47.62 -2.59 -9.79
CA SER D 251 -48.15 -2.54 -11.16
C SER D 251 -47.52 -3.60 -12.07
N ASN D 252 -48.26 -3.97 -13.11
CA ASN D 252 -47.82 -4.98 -14.07
C ASN D 252 -46.72 -4.40 -14.97
N ARG D 253 -46.44 -3.12 -14.78
CA ARG D 253 -45.36 -2.45 -15.52
C ARG D 253 -43.99 -2.97 -15.12
N ILE D 254 -43.77 -3.08 -13.81
CA ILE D 254 -42.48 -3.54 -13.31
C ILE D 254 -42.34 -5.05 -13.50
N THR D 255 -41.26 -5.49 -14.14
CA THR D 255 -41.18 -6.85 -14.70
C THR D 255 -40.09 -7.77 -14.14
N VAL D 256 -39.12 -7.22 -13.41
CA VAL D 256 -38.03 -8.06 -12.92
C VAL D 256 -38.50 -8.77 -11.66
N PRO D 257 -38.22 -10.09 -11.56
CA PRO D 257 -38.63 -11.02 -10.50
C PRO D 257 -38.06 -10.70 -9.11
N SER D 258 -36.82 -10.22 -9.03
CA SER D 258 -36.21 -9.92 -7.75
C SER D 258 -36.70 -8.58 -7.16
N VAL D 259 -36.86 -7.57 -8.00
CA VAL D 259 -37.41 -6.31 -7.52
C VAL D 259 -38.87 -6.49 -7.12
N ARG D 260 -39.59 -7.26 -7.95
CA ARG D 260 -40.95 -7.73 -7.63
C ARG D 260 -40.96 -8.38 -6.25
N THR D 261 -39.92 -9.17 -5.97
CA THR D 261 -39.83 -9.91 -4.72
C THR D 261 -39.69 -8.95 -3.57
N ALA D 262 -38.87 -7.92 -3.76
CA ALA D 262 -38.66 -6.98 -2.67
C ALA D 262 -39.94 -6.18 -2.39
N MET D 263 -40.62 -5.73 -3.44
CA MET D 263 -41.80 -4.88 -3.29
C MET D 263 -43.02 -5.68 -2.84
N SER D 264 -43.03 -6.98 -3.15
CA SER D 264 -44.07 -7.88 -2.67
C SER D 264 -43.72 -8.26 -1.24
N LYS D 265 -42.42 -8.24 -0.91
CA LYS D 265 -41.97 -8.40 0.48
C LYS D 265 -42.39 -7.21 1.34
N LEU D 266 -42.95 -6.19 0.71
CA LEU D 266 -43.43 -5.03 1.45
C LEU D 266 -44.93 -4.77 1.33
N LEU D 267 -45.64 -5.32 0.33
CA LEU D 267 -47.03 -4.88 0.00
C LEU D 267 -48.25 -5.68 0.54
N THR D 268 -49.32 -4.95 0.88
CA THR D 268 -50.60 -5.53 1.35
C THR D 268 -51.78 -4.55 1.05
N PRO D 269 -53.05 -5.01 1.08
CA PRO D 269 -54.14 -4.09 0.64
C PRO D 269 -54.51 -2.99 1.64
N ASN D 270 -54.30 -1.72 1.31
CA ASN D 270 -54.61 -0.64 2.26
C ASN D 270 -55.32 0.56 1.58
N PRO D 271 -56.66 0.57 1.55
CA PRO D 271 -57.46 1.46 0.72
C PRO D 271 -57.42 2.95 1.06
N GLU D 272 -57.53 3.30 2.34
CA GLU D 272 -57.84 4.66 2.74
C GLU D 272 -56.83 5.68 2.27
N LEU D 273 -55.56 5.33 2.37
CA LEU D 273 -54.54 6.33 2.16
C LEU D 273 -54.53 6.88 0.72
N ALA D 274 -55.24 6.21 -0.18
CA ALA D 274 -55.36 6.69 -1.56
C ALA D 274 -56.16 7.98 -1.63
N GLU D 275 -57.18 8.10 -0.80
CA GLU D 275 -57.98 9.31 -0.76
C GLU D 275 -57.12 10.50 -0.37
N THR D 276 -56.13 10.23 0.47
CA THR D 276 -55.21 11.27 0.89
C THR D 276 -54.36 11.77 -0.29
N ILE D 277 -53.77 10.84 -1.05
CA ILE D 277 -52.83 11.26 -2.08
C ILE D 277 -53.59 11.94 -3.22
N ARG D 278 -54.78 11.43 -3.53
CA ARG D 278 -55.62 12.09 -4.54
C ARG D 278 -55.98 13.52 -4.14
N THR D 279 -56.43 13.68 -2.90
CA THR D 279 -56.89 14.99 -2.42
C THR D 279 -55.82 16.08 -2.49
N LYS D 280 -54.64 15.82 -1.94
CA LYS D 280 -53.58 16.83 -1.96
C LYS D 280 -52.93 17.02 -3.33
N CYS D 281 -52.71 15.93 -4.07
CA CYS D 281 -52.09 16.00 -5.40
C CYS D 281 -52.90 16.84 -6.36
N MET D 282 -54.22 16.80 -6.21
CA MET D 282 -55.09 17.58 -7.10
C MET D 282 -55.45 18.92 -6.44
N SER D 283 -54.85 19.21 -5.29
CA SER D 283 -55.07 20.50 -4.64
C SER D 283 -54.06 21.57 -5.05
N LEU D 284 -53.01 21.16 -5.76
CA LEU D 284 -51.91 22.06 -6.10
C LEU D 284 -52.11 22.78 -7.43
N SER D 285 -51.19 23.65 -7.78
CA SER D 285 -51.28 24.41 -9.03
C SER D 285 -50.02 24.22 -9.86
N ASN D 286 -50.09 23.26 -10.78
CA ASN D 286 -48.95 22.83 -11.60
C ASN D 286 -47.82 22.27 -10.76
N TRP D 287 -48.17 21.73 -9.59
CA TRP D 287 -47.26 20.98 -8.75
C TRP D 287 -46.15 21.84 -8.13
N TYR D 288 -46.41 23.12 -7.97
CA TYR D 288 -45.45 23.99 -7.33
C TYR D 288 -45.36 23.68 -5.85
N GLY D 289 -44.14 23.68 -5.34
CA GLY D 289 -43.96 23.42 -3.92
C GLY D 289 -44.19 21.96 -3.65
N LEU D 290 -43.82 21.11 -4.63
CA LEU D 290 -44.17 19.70 -4.58
C LEU D 290 -43.46 18.96 -3.46
N ILE D 291 -42.14 19.12 -3.40
CA ILE D 291 -41.34 18.39 -2.43
C ILE D 291 -41.72 18.71 -0.97
N PRO D 292 -41.88 20.00 -0.61
CA PRO D 292 -42.34 20.21 0.77
C PRO D 292 -43.73 19.65 0.94
N ALA D 293 -44.53 19.60 -0.11
CA ALA D 293 -45.85 18.99 0.02
C ALA D 293 -45.74 17.49 0.36
N LEU D 294 -44.66 16.84 -0.11
CA LEU D 294 -44.48 15.40 0.06
C LEU D 294 -43.99 15.04 1.46
N PHE D 295 -42.70 15.16 1.72
CA PHE D 295 -42.22 15.01 3.10
C PHE D 295 -41.85 16.38 3.60
N PRO D 296 -42.84 17.08 4.20
CA PRO D 296 -42.77 18.51 4.47
C PRO D 296 -41.80 18.83 5.57
N ASN D 297 -41.17 17.80 6.09
CA ASN D 297 -40.34 17.98 7.23
C ASN D 297 -38.86 17.86 6.89
N ALA D 298 -38.60 18.08 5.61
CA ALA D 298 -37.22 18.11 5.14
C ALA D 298 -36.66 19.45 5.55
N LYS D 299 -35.34 19.51 5.72
CA LYS D 299 -34.67 20.80 5.94
C LYS D 299 -34.18 21.34 4.62
N TYR D 300 -33.83 20.43 3.72
CA TYR D 300 -33.20 20.79 2.44
C TYR D 300 -33.41 19.80 1.28
N VAL D 301 -33.30 20.37 0.09
CA VAL D 301 -33.18 19.67 -1.20
C VAL D 301 -31.73 19.82 -1.61
N TYR D 302 -31.16 18.78 -2.21
CA TYR D 302 -29.70 18.73 -2.36
C TYR D 302 -29.19 18.32 -3.74
N GLY D 303 -28.08 18.95 -4.15
CA GLY D 303 -27.37 18.61 -5.37
C GLY D 303 -26.49 19.77 -5.84
N ILE D 304 -25.72 19.56 -6.91
CA ILE D 304 -24.93 20.66 -7.48
C ILE D 304 -25.85 21.64 -8.20
N MET D 305 -25.89 22.88 -7.74
CA MET D 305 -26.83 23.84 -8.31
C MET D 305 -26.15 24.93 -9.12
N THR D 306 -24.90 24.71 -9.53
CA THR D 306 -24.18 25.72 -10.29
C THR D 306 -23.75 25.20 -11.66
N GLY D 307 -23.46 26.14 -12.55
CA GLY D 307 -22.87 25.83 -13.85
C GLY D 307 -23.88 25.26 -14.82
N SER D 308 -23.53 24.15 -15.46
CA SER D 308 -24.42 23.51 -16.43
C SER D 308 -25.77 23.11 -15.84
N MET D 309 -25.87 23.13 -14.52
CA MET D 309 -27.10 22.77 -13.85
C MET D 309 -27.87 23.96 -13.33
N GLU D 310 -27.45 25.17 -13.72
CA GLU D 310 -28.17 26.38 -13.36
C GLU D 310 -29.61 26.38 -13.89
N PRO D 311 -29.81 26.01 -15.17
CA PRO D 311 -31.21 26.05 -15.65
C PRO D 311 -32.13 25.01 -15.02
N TYR D 312 -31.57 24.08 -14.25
CA TYR D 312 -32.35 23.04 -13.62
C TYR D 312 -32.69 23.40 -12.18
N VAL D 313 -32.11 24.51 -11.72
CA VAL D 313 -32.41 25.10 -10.41
C VAL D 313 -33.85 25.67 -10.39
N PRO D 314 -34.25 26.42 -11.44
CA PRO D 314 -35.58 27.03 -11.29
C PRO D 314 -36.75 26.03 -11.29
N LYS D 315 -36.70 25.02 -12.16
CA LYS D 315 -37.73 23.97 -12.15
C LYS D 315 -37.73 23.26 -10.81
N LEU D 316 -36.55 23.05 -10.25
CA LEU D 316 -36.47 22.46 -8.92
C LEU D 316 -36.93 23.45 -7.85
N ARG D 317 -36.69 24.76 -8.05
CA ARG D 317 -37.26 25.79 -7.17
C ARG D 317 -38.76 25.63 -7.23
N HIS D 318 -39.25 25.55 -8.46
CA HIS D 318 -40.63 25.25 -8.73
C HIS D 318 -41.02 24.00 -7.96
N TYR D 319 -40.17 22.97 -8.02
CA TYR D 319 -40.47 21.67 -7.40
C TYR D 319 -40.26 21.66 -5.89
N ALA D 320 -39.42 22.55 -5.39
CA ALA D 320 -39.03 22.50 -3.99
C ALA D 320 -39.82 23.47 -3.10
N GLY D 321 -40.61 24.35 -3.69
CA GLY D 321 -41.38 25.29 -2.89
C GLY D 321 -40.57 26.45 -2.40
N ASP D 322 -40.58 26.66 -1.08
CA ASP D 322 -39.77 27.64 -0.39
C ASP D 322 -38.51 26.96 0.16
N LEU D 323 -38.54 25.63 0.24
CA LEU D 323 -37.40 24.86 0.76
C LEU D 323 -36.05 25.24 0.12
N PRO D 324 -35.01 25.37 0.95
CA PRO D 324 -33.60 25.64 0.59
C PRO D 324 -32.92 24.63 -0.37
N LEU D 325 -32.49 25.05 -1.56
CA LEU D 325 -31.67 24.20 -2.41
C LEU D 325 -30.19 24.32 -2.02
N VAL D 326 -29.73 23.42 -1.16
CA VAL D 326 -28.31 23.39 -0.81
C VAL D 326 -27.46 22.75 -1.91
N SER D 327 -26.28 23.33 -2.14
CA SER D 327 -25.40 22.94 -3.24
C SER D 327 -24.47 21.79 -2.84
N HIS D 328 -24.17 20.86 -3.75
CA HIS D 328 -23.26 19.77 -3.40
C HIS D 328 -21.81 20.04 -3.87
N ASP D 329 -20.88 19.42 -3.15
CA ASP D 329 -19.45 19.56 -3.32
C ASP D 329 -18.97 19.14 -4.70
N TYR D 330 -17.65 19.20 -4.87
CA TYR D 330 -17.00 19.01 -6.18
C TYR D 330 -15.77 18.10 -6.15
N GLY D 331 -15.86 16.94 -6.79
CA GLY D 331 -14.71 16.06 -6.91
C GLY D 331 -15.05 14.68 -7.45
N SER D 332 -14.04 13.86 -7.68
CA SER D 332 -14.29 12.58 -8.34
C SER D 332 -13.20 11.55 -8.23
N SER D 333 -13.44 10.41 -8.89
CA SER D 333 -12.42 9.39 -9.13
C SER D 333 -11.15 10.04 -9.64
N GLU D 334 -11.27 10.68 -10.81
CA GLU D 334 -10.17 11.43 -11.42
C GLU D 334 -9.58 12.53 -10.53
N GLY D 335 -10.24 12.80 -9.41
CA GLY D 335 -9.74 13.76 -8.47
C GLY D 335 -10.88 14.35 -7.66
N TRP D 336 -10.88 14.08 -6.37
CA TRP D 336 -11.78 14.75 -5.46
C TRP D 336 -11.17 16.11 -5.17
N ILE D 337 -11.98 17.17 -5.14
CA ILE D 337 -11.42 18.52 -4.95
C ILE D 337 -12.04 19.35 -3.81
N ALA D 338 -13.31 19.75 -3.92
CA ALA D 338 -13.85 20.78 -3.03
C ALA D 338 -15.06 20.40 -2.15
N ALA D 339 -15.14 21.00 -0.96
CA ALA D 339 -16.20 20.71 0.01
C ALA D 339 -16.90 21.97 0.57
N ASN D 340 -18.21 21.89 0.72
CA ASN D 340 -19.03 22.98 1.25
C ASN D 340 -19.19 22.89 2.74
N VAL D 341 -18.41 23.71 3.44
CA VAL D 341 -18.46 23.78 4.88
C VAL D 341 -19.53 24.78 5.27
N THR D 342 -20.08 25.45 4.25
CA THR D 342 -21.13 26.45 4.40
C THR D 342 -22.29 26.16 3.47
N PRO D 343 -22.95 25.02 3.66
CA PRO D 343 -24.01 24.60 2.73
C PRO D 343 -25.32 25.37 2.91
N ARG D 344 -25.27 26.53 3.56
CA ARG D 344 -26.43 27.39 3.71
C ARG D 344 -26.48 28.47 2.63
N LEU D 345 -25.42 28.58 1.84
CA LEU D 345 -25.39 29.52 0.73
C LEU D 345 -26.44 29.22 -0.35
N SER D 346 -26.97 30.30 -0.93
CA SER D 346 -27.84 30.21 -2.07
C SER D 346 -27.15 29.56 -3.24
N PRO D 347 -27.91 28.86 -4.10
CA PRO D 347 -27.32 28.20 -5.27
C PRO D 347 -26.57 29.21 -6.13
N GLU D 348 -27.03 30.45 -6.10
CA GLU D 348 -26.43 31.50 -6.90
C GLU D 348 -25.19 32.15 -6.29
N GLU D 349 -24.95 31.91 -5.00
CA GLU D 349 -23.73 32.41 -4.36
C GLU D 349 -22.96 31.21 -3.88
N ALA D 350 -23.22 30.05 -4.50
CA ALA D 350 -22.66 28.79 -4.02
C ALA D 350 -21.19 28.64 -4.39
N THR D 351 -20.37 28.30 -3.39
CA THR D 351 -18.92 28.14 -3.55
C THR D 351 -18.44 27.00 -2.65
N PHE D 352 -17.25 26.45 -2.93
CA PHE D 352 -16.83 25.23 -2.23
C PHE D 352 -15.33 25.22 -1.90
N ALA D 353 -14.97 24.58 -0.77
CA ALA D 353 -13.59 24.61 -0.24
C ALA D 353 -12.82 23.36 -0.61
N VAL D 354 -11.55 23.52 -0.99
CA VAL D 354 -10.78 22.40 -1.52
C VAL D 354 -10.16 21.47 -0.49
N ILE D 355 -10.46 20.16 -0.61
CA ILE D 355 -9.92 19.13 0.29
C ILE D 355 -8.60 18.60 -0.24
N PRO D 356 -7.53 18.86 0.52
CA PRO D 356 -6.15 18.71 0.04
C PRO D 356 -5.46 17.32 0.08
N ASN D 357 -5.98 16.32 0.78
CA ASN D 357 -5.27 15.05 0.89
C ASN D 357 -5.69 14.09 -0.19
N LEU D 358 -6.43 14.61 -1.16
CA LEU D 358 -7.05 13.77 -2.17
C LEU D 358 -6.28 13.86 -3.46
N GLY D 359 -5.15 14.56 -3.41
CA GLY D 359 -4.31 14.67 -4.57
C GLY D 359 -3.53 15.97 -4.54
N TYR D 360 -2.79 16.19 -5.61
CA TYR D 360 -2.00 17.39 -5.78
C TYR D 360 -2.48 18.12 -7.01
N PHE D 361 -2.77 19.40 -6.86
CA PHE D 361 -3.39 20.15 -7.95
C PHE D 361 -2.54 21.34 -8.36
N GLU D 362 -2.38 21.48 -9.67
CA GLU D 362 -1.65 22.61 -10.23
C GLU D 362 -2.53 23.31 -11.25
N PHE D 363 -2.28 24.59 -11.52
CA PHE D 363 -3.28 25.31 -12.29
C PHE D 363 -2.77 26.22 -13.41
N LEU D 364 -3.39 26.10 -14.59
CA LEU D 364 -3.03 26.95 -15.72
C LEU D 364 -3.96 28.16 -15.82
N PRO D 365 -3.45 29.37 -15.57
CA PRO D 365 -4.29 30.56 -15.75
C PRO D 365 -4.46 30.98 -17.21
N VAL D 366 -5.59 31.63 -17.52
CA VAL D 366 -5.93 32.04 -18.88
C VAL D 366 -5.64 33.51 -19.16
N SER D 367 -5.20 34.21 -18.13
CA SER D 367 -4.97 35.64 -18.24
C SER D 367 -3.83 35.97 -19.21
N GLU D 368 -4.20 36.50 -20.37
CA GLU D 368 -3.33 37.14 -21.36
C GLU D 368 -4.22 37.57 -22.54
N THR D 369 -4.99 36.61 -23.03
CA THR D 369 -6.02 36.82 -24.03
C THR D 369 -6.88 35.56 -24.16
N GLY D 370 -6.52 34.74 -25.15
CA GLY D 370 -7.05 33.42 -25.37
C GLY D 370 -6.00 32.79 -26.28
N GLU D 371 -5.13 31.96 -25.71
CA GLU D 371 -5.25 31.57 -24.31
C GLU D 371 -4.24 32.26 -23.41
N GLY D 372 -2.96 32.23 -23.79
CA GLY D 372 -1.90 32.90 -23.03
C GLY D 372 -0.88 31.92 -22.49
N GLU D 373 0.40 32.20 -22.70
CA GLU D 373 1.47 31.23 -22.41
C GLU D 373 2.05 31.31 -21.01
N GLU D 374 1.24 31.11 -19.98
CA GLU D 374 1.79 31.09 -18.62
C GLU D 374 2.06 29.69 -18.08
N LYS D 375 3.09 29.63 -17.23
CA LYS D 375 3.37 28.40 -16.46
C LYS D 375 2.47 28.29 -15.21
N PRO D 376 2.21 27.06 -14.74
CA PRO D 376 1.25 26.85 -13.64
C PRO D 376 1.67 27.42 -12.29
N VAL D 377 0.70 27.76 -11.47
CA VAL D 377 0.97 28.32 -10.14
C VAL D 377 0.17 27.57 -9.09
N GLY D 378 0.66 27.62 -7.86
CA GLY D 378 0.08 26.86 -6.79
C GLY D 378 -1.37 27.09 -6.46
N LEU D 379 -1.94 26.12 -5.74
CA LEU D 379 -3.30 26.17 -5.22
C LEU D 379 -3.54 27.48 -4.47
N THR D 380 -2.61 27.82 -3.59
CA THR D 380 -2.71 29.09 -2.87
C THR D 380 -1.84 30.17 -3.53
N GLN D 381 -1.29 29.89 -4.71
CA GLN D 381 -0.61 30.91 -5.50
C GLN D 381 -1.59 31.46 -6.52
N VAL D 382 -2.79 30.88 -6.54
CA VAL D 382 -3.86 31.32 -7.45
C VAL D 382 -4.29 32.74 -7.08
N LYS D 383 -4.72 33.52 -8.06
CA LYS D 383 -5.17 34.86 -7.79
C LYS D 383 -6.67 34.94 -7.57
N ILE D 384 -7.06 35.64 -6.51
CA ILE D 384 -8.48 35.79 -6.16
C ILE D 384 -9.24 36.61 -7.20
N GLY D 385 -10.36 36.07 -7.67
CA GLY D 385 -11.21 36.74 -8.63
C GLY D 385 -10.90 36.27 -10.04
N GLU D 386 -9.70 35.74 -10.24
CA GLU D 386 -9.30 35.35 -11.59
C GLU D 386 -9.65 33.88 -11.91
N GLU D 387 -9.79 33.56 -13.19
CA GLU D 387 -10.19 32.21 -13.59
C GLU D 387 -9.00 31.39 -14.08
N TYR D 388 -9.01 30.09 -13.80
CA TYR D 388 -7.86 29.26 -14.15
C TYR D 388 -8.28 27.81 -14.43
N GLU D 389 -7.38 27.04 -15.02
CA GLU D 389 -7.71 25.66 -15.35
C GLU D 389 -7.13 24.70 -14.30
N VAL D 390 -7.93 23.70 -13.93
CA VAL D 390 -7.51 22.72 -12.92
C VAL D 390 -6.66 21.57 -13.52
N VAL D 391 -5.41 21.43 -13.09
CA VAL D 391 -4.58 20.30 -13.50
C VAL D 391 -4.47 19.31 -12.34
N ILE D 392 -5.06 18.14 -12.51
CA ILE D 392 -5.20 17.17 -11.44
C ILE D 392 -4.11 16.10 -11.38
N THR D 393 -3.58 15.90 -10.19
CA THR D 393 -2.76 14.74 -9.89
C THR D 393 -3.38 14.02 -8.72
N ASN D 394 -3.54 12.70 -8.80
CA ASN D 394 -3.86 11.94 -7.60
C ASN D 394 -3.64 10.44 -7.73
N TYR D 395 -4.39 9.69 -6.92
CA TYR D 395 -4.30 8.23 -6.91
C TYR D 395 -5.03 7.54 -8.04
N ALA D 396 -5.62 8.33 -8.96
CA ALA D 396 -6.46 7.76 -10.00
C ALA D 396 -5.84 7.64 -11.40
N GLY D 397 -4.54 7.50 -11.51
CA GLY D 397 -3.98 7.33 -12.84
C GLY D 397 -3.81 8.50 -13.74
N LEU D 398 -3.88 9.71 -13.18
CA LEU D 398 -3.62 10.91 -13.93
C LEU D 398 -2.56 11.72 -13.19
N TYR D 399 -1.55 12.11 -13.93
CA TYR D 399 -0.41 12.85 -13.39
C TYR D 399 -0.16 14.09 -14.23
N ARG D 400 -0.43 15.24 -13.63
CA ARG D 400 -0.32 16.56 -14.28
C ARG D 400 -1.19 16.59 -15.52
N TYR D 401 -2.30 15.85 -15.49
CA TYR D 401 -3.16 15.77 -16.66
C TYR D 401 -4.07 17.01 -16.76
N ARG D 402 -4.34 17.43 -18.00
CA ARG D 402 -5.28 18.52 -18.23
C ARG D 402 -6.74 18.01 -18.41
N LEU D 403 -7.62 18.37 -17.48
CA LEU D 403 -9.03 17.96 -17.59
C LEU D 403 -9.78 19.02 -18.41
N GLY D 404 -9.22 20.22 -18.45
CA GLY D 404 -9.63 21.27 -19.38
C GLY D 404 -10.89 22.07 -19.05
N ASP D 405 -10.88 22.75 -17.91
CA ASP D 405 -12.04 23.49 -17.48
C ASP D 405 -11.67 24.62 -16.50
N VAL D 406 -12.55 25.61 -16.40
CA VAL D 406 -12.22 26.94 -15.84
C VAL D 406 -12.86 27.25 -14.49
N VAL D 407 -12.06 27.70 -13.53
CA VAL D 407 -12.61 28.00 -12.20
C VAL D 407 -12.09 29.31 -11.58
N LYS D 408 -12.99 30.09 -10.96
CA LYS D 408 -12.63 31.35 -10.30
C LYS D 408 -12.71 31.27 -8.75
N VAL D 409 -11.62 31.59 -8.06
CA VAL D 409 -11.62 31.64 -6.60
C VAL D 409 -12.25 32.94 -6.09
N ILE D 410 -13.45 32.80 -5.54
CA ILE D 410 -14.23 33.93 -5.06
C ILE D 410 -13.64 34.49 -3.76
N GLY D 411 -13.18 33.61 -2.89
CA GLY D 411 -12.67 34.00 -1.58
C GLY D 411 -12.01 32.82 -0.89
N PHE D 412 -11.81 32.92 0.43
CA PHE D 412 -11.04 31.91 1.15
C PHE D 412 -11.76 31.43 2.42
N TYR D 413 -11.81 30.12 2.63
CA TYR D 413 -12.15 29.55 3.95
C TYR D 413 -10.84 29.31 4.70
N ASN D 414 -10.61 30.05 5.78
CA ASN D 414 -9.29 30.07 6.42
C ASN D 414 -8.16 30.31 5.43
N ASN D 415 -7.25 29.34 5.36
CA ASN D 415 -6.12 29.40 4.44
C ASN D 415 -6.40 28.59 3.19
N THR D 416 -7.61 28.08 3.08
CA THR D 416 -8.04 27.33 1.90
C THR D 416 -9.05 28.12 1.05
N PRO D 417 -8.78 28.19 -0.26
CA PRO D 417 -9.57 29.02 -1.16
C PRO D 417 -10.94 28.43 -1.56
N GLN D 418 -11.86 29.30 -1.98
CA GLN D 418 -13.18 28.84 -2.41
C GLN D 418 -13.33 29.01 -3.91
N LEU D 419 -14.04 28.08 -4.54
CA LEU D 419 -14.06 28.05 -5.99
C LEU D 419 -15.48 28.15 -6.51
N LYS D 420 -15.64 28.78 -7.68
CA LYS D 420 -16.94 28.87 -8.31
C LYS D 420 -16.84 28.54 -9.80
N PHE D 421 -17.92 28.01 -10.35
CA PHE D 421 -17.86 27.44 -11.68
C PHE D 421 -19.10 27.83 -12.48
N ILE D 422 -18.85 28.35 -13.67
CA ILE D 422 -19.89 28.88 -14.55
C ILE D 422 -19.95 28.12 -15.84
N CYS D 423 -19.29 26.97 -15.87
CA CYS D 423 -18.97 26.32 -17.14
C CYS D 423 -19.88 25.19 -17.63
N ARG D 424 -19.59 24.75 -18.85
CA ARG D 424 -20.51 24.00 -19.68
C ARG D 424 -19.79 22.94 -20.49
N ARG D 425 -18.88 23.40 -21.33
CA ARG D 425 -18.18 22.53 -22.26
C ARG D 425 -16.68 22.68 -22.15
N ASN D 426 -15.98 21.57 -21.93
CA ASN D 426 -14.54 21.53 -22.07
C ASN D 426 -14.23 21.39 -23.55
N LEU D 427 -14.77 22.29 -24.35
CA LEU D 427 -15.00 22.00 -25.77
C LEU D 427 -13.92 22.42 -26.73
N ILE D 428 -13.17 21.39 -27.12
CA ILE D 428 -12.73 21.21 -28.50
C ILE D 428 -12.92 19.71 -28.66
N LEU D 429 -13.43 19.27 -29.80
CA LEU D 429 -13.41 17.83 -30.10
C LEU D 429 -12.37 17.61 -31.18
N SER D 430 -12.22 16.38 -31.61
CA SER D 430 -11.36 16.12 -32.76
C SER D 430 -12.08 15.03 -33.54
N ILE D 431 -11.54 14.60 -34.67
CA ILE D 431 -12.23 13.62 -35.50
C ILE D 431 -12.18 12.22 -34.86
N ASN D 432 -13.36 11.57 -34.89
CA ASN D 432 -13.68 10.32 -34.18
C ASN D 432 -13.39 9.04 -35.00
N ILE D 433 -13.62 7.84 -34.44
CA ILE D 433 -13.88 6.61 -35.25
C ILE D 433 -14.85 5.67 -34.53
N ASP D 434 -15.59 6.15 -33.52
CA ASP D 434 -16.64 5.29 -32.94
C ASP D 434 -17.95 5.62 -33.64
N LYS D 435 -17.81 6.48 -34.65
CA LYS D 435 -18.90 6.91 -35.53
C LYS D 435 -18.48 6.52 -36.97
N ASN D 436 -19.39 6.29 -37.94
CA ASN D 436 -20.87 6.36 -37.86
C ASN D 436 -21.42 7.69 -37.36
N THR D 437 -21.17 8.78 -38.12
CA THR D 437 -21.40 10.19 -37.74
C THR D 437 -22.30 10.40 -36.54
N GLU D 438 -21.90 11.28 -35.63
CA GLU D 438 -22.72 11.48 -34.44
C GLU D 438 -24.14 11.80 -34.90
N ARG D 439 -24.24 12.48 -36.03
CA ARG D 439 -25.53 12.65 -36.67
C ARG D 439 -26.14 11.29 -37.01
N ASP D 440 -25.33 10.34 -37.49
CA ASP D 440 -25.82 9.00 -37.82
C ASP D 440 -26.32 8.27 -36.57
N LEU D 441 -25.53 8.29 -35.50
CA LEU D 441 -25.94 7.64 -34.24
C LEU D 441 -27.14 8.34 -33.58
N GLN D 442 -27.13 9.67 -33.57
CA GLN D 442 -28.29 10.42 -33.13
C GLN D 442 -29.52 10.13 -33.98
N LEU D 443 -29.35 10.19 -35.31
CA LEU D 443 -30.39 9.80 -36.26
C LEU D 443 -30.93 8.44 -35.98
N SER D 444 -30.04 7.57 -35.51
CA SER D 444 -30.35 6.18 -35.30
C SER D 444 -31.27 5.95 -34.13
N VAL D 445 -31.03 6.73 -33.08
CA VAL D 445 -31.90 6.67 -31.92
C VAL D 445 -33.22 7.30 -32.29
N GLU D 446 -33.17 8.44 -32.98
CA GLU D 446 -34.35 9.14 -33.45
C GLU D 446 -35.22 8.26 -34.36
N SER D 447 -34.54 7.48 -35.20
CA SER D 447 -35.23 6.63 -36.14
C SER D 447 -35.93 5.47 -35.46
N ALA D 448 -35.21 4.75 -34.60
CA ALA D 448 -35.74 3.56 -33.94
C ALA D 448 -36.71 3.88 -32.80
N ALA D 449 -36.59 5.09 -32.25
CA ALA D 449 -37.36 5.50 -31.08
C ALA D 449 -38.82 5.80 -31.37
N LYS D 450 -39.14 6.04 -32.64
CA LYS D 450 -40.52 6.25 -33.09
C LYS D 450 -41.40 5.12 -32.62
N ARG D 451 -40.82 3.94 -32.71
CA ARG D 451 -41.46 2.69 -32.33
C ARG D 451 -41.93 2.77 -30.88
N LEU D 452 -41.08 3.30 -30.01
CA LEU D 452 -41.48 3.57 -28.63
C LEU D 452 -42.44 4.76 -28.56
N SER D 453 -42.32 5.71 -29.49
CA SER D 453 -43.04 6.99 -29.36
C SER D 453 -44.53 6.82 -29.62
N GLU D 454 -44.90 5.68 -30.19
CA GLU D 454 -46.30 5.30 -30.30
C GLU D 454 -46.94 5.09 -28.91
N GLU D 455 -46.09 4.83 -27.91
CA GLU D 455 -46.49 4.46 -26.56
C GLU D 455 -46.50 5.68 -25.63
N LYS D 456 -46.65 6.85 -26.25
CA LYS D 456 -46.64 8.12 -25.55
C LYS D 456 -45.40 8.35 -24.70
N ILE D 457 -44.24 7.99 -25.23
CA ILE D 457 -43.01 8.23 -24.48
C ILE D 457 -42.05 9.04 -25.32
N GLU D 458 -41.17 9.77 -24.64
CA GLU D 458 -40.11 10.49 -25.33
C GLU D 458 -38.75 9.96 -24.89
N VAL D 459 -37.76 10.07 -25.78
CA VAL D 459 -36.43 9.48 -25.54
C VAL D 459 -35.48 10.45 -24.87
N ILE D 460 -35.01 10.07 -23.69
CA ILE D 460 -34.19 10.94 -22.87
C ILE D 460 -32.70 11.01 -23.22
N ASP D 461 -32.05 9.88 -23.52
CA ASP D 461 -30.62 9.88 -23.85
C ASP D 461 -30.13 8.57 -24.48
N PHE D 462 -28.85 8.49 -24.86
CA PHE D 462 -28.29 7.25 -25.44
C PHE D 462 -26.76 7.22 -25.51
N SER D 463 -26.24 6.05 -25.90
CA SER D 463 -24.80 5.85 -26.16
C SER D 463 -24.55 4.52 -26.89
N SER D 464 -23.29 4.27 -27.27
CA SER D 464 -22.97 3.05 -28.01
C SER D 464 -21.56 2.47 -27.70
N TYR D 465 -21.32 1.22 -28.13
CA TYR D 465 -20.07 0.52 -27.80
C TYR D 465 -19.55 -0.45 -28.90
N ILE D 466 -18.22 -0.54 -28.99
CA ILE D 466 -17.51 -1.46 -29.87
C ILE D 466 -16.93 -2.63 -29.10
N ASP D 467 -17.48 -3.81 -29.30
CA ASP D 467 -17.00 -5.00 -28.61
C ASP D 467 -16.00 -5.76 -29.47
N VAL D 468 -14.75 -5.90 -29.02
CA VAL D 468 -13.81 -6.76 -29.76
C VAL D 468 -13.25 -7.84 -28.85
N SER D 469 -14.04 -8.18 -27.83
CA SER D 469 -13.80 -9.38 -27.05
C SER D 469 -14.31 -10.55 -27.85
N THR D 470 -15.49 -10.34 -28.42
CA THR D 470 -16.24 -11.35 -29.14
C THR D 470 -15.81 -11.53 -30.59
N ASP D 471 -16.56 -12.40 -31.26
CA ASP D 471 -16.37 -12.70 -32.66
C ASP D 471 -17.71 -13.22 -33.19
N PRO D 472 -18.29 -12.52 -34.18
CA PRO D 472 -17.77 -11.24 -34.68
C PRO D 472 -18.05 -10.11 -33.69
N GLY D 473 -17.06 -9.24 -33.53
CA GLY D 473 -17.19 -8.11 -32.63
C GLY D 473 -18.44 -7.34 -32.99
N HIS D 474 -19.14 -6.81 -31.99
CA HIS D 474 -20.44 -6.21 -32.29
C HIS D 474 -20.69 -4.84 -31.70
N TYR D 475 -21.67 -4.15 -32.28
CA TYR D 475 -22.08 -2.83 -31.82
C TYR D 475 -23.17 -3.00 -30.76
N ALA D 476 -23.25 -2.03 -29.85
CA ALA D 476 -24.25 -2.05 -28.81
C ALA D 476 -24.88 -0.67 -28.66
N ILE D 477 -26.20 -0.61 -28.70
CA ILE D 477 -26.91 0.64 -28.42
C ILE D 477 -27.66 0.61 -27.10
N PHE D 478 -27.44 1.63 -26.28
CA PHE D 478 -28.13 1.78 -25.00
C PHE D 478 -29.06 2.98 -25.05
N TRP D 479 -30.27 2.80 -24.51
CA TRP D 479 -31.29 3.84 -24.55
C TRP D 479 -31.80 4.24 -23.17
N GLU D 480 -31.81 5.55 -22.89
CA GLU D 480 -32.53 6.08 -21.75
C GLU D 480 -33.85 6.64 -22.21
N ILE D 481 -34.93 6.10 -21.66
CA ILE D 481 -36.30 6.43 -22.11
C ILE D 481 -37.27 6.43 -20.94
N SER D 482 -38.42 7.11 -21.10
CA SER D 482 -39.30 7.38 -19.97
C SER D 482 -40.15 6.21 -19.43
N GLY D 483 -40.38 5.19 -20.26
CA GLY D 483 -41.40 4.22 -19.94
C GLY D 483 -41.05 2.77 -20.14
N GLU D 484 -41.75 1.90 -19.44
CA GLU D 484 -41.60 0.46 -19.65
C GLU D 484 -42.40 0.00 -20.85
N THR D 485 -41.82 -0.89 -21.64
CA THR D 485 -42.57 -1.50 -22.72
C THR D 485 -41.98 -2.86 -23.08
N ASN D 486 -42.75 -3.60 -23.88
CA ASN D 486 -42.53 -5.01 -24.15
C ASN D 486 -41.34 -5.24 -25.04
N GLU D 487 -40.81 -6.45 -24.99
CA GLU D 487 -39.62 -6.79 -25.77
C GLU D 487 -39.81 -6.70 -27.27
N ASP D 488 -40.97 -7.08 -27.80
CA ASP D 488 -41.08 -7.08 -29.26
C ASP D 488 -40.68 -5.71 -29.81
N VAL D 489 -41.31 -4.63 -29.34
CA VAL D 489 -40.96 -3.28 -29.81
C VAL D 489 -39.48 -2.91 -29.67
N LEU D 490 -38.75 -3.52 -28.73
CA LEU D 490 -37.35 -3.14 -28.56
C LEU D 490 -36.47 -3.84 -29.59
N GLN D 491 -36.77 -5.11 -29.86
CA GLN D 491 -36.13 -5.86 -30.94
C GLN D 491 -36.22 -5.09 -32.26
N ASP D 492 -37.40 -4.55 -32.50
CA ASP D 492 -37.65 -3.60 -33.56
C ASP D 492 -36.62 -2.50 -33.65
N CYS D 493 -36.43 -1.85 -32.51
CA CYS D 493 -35.57 -0.70 -32.38
C CYS D 493 -34.10 -0.99 -32.66
N CYS D 494 -33.65 -2.20 -32.38
CA CYS D 494 -32.23 -2.54 -32.63
C CYS D 494 -32.11 -2.63 -34.08
N ASN D 495 -33.06 -3.36 -34.64
CA ASN D 495 -33.13 -3.47 -36.06
C ASN D 495 -33.07 -2.05 -36.61
N CYS D 496 -33.83 -1.14 -36.03
CA CYS D 496 -33.82 0.17 -36.62
C CYS D 496 -32.51 0.95 -36.31
N LEU D 497 -31.88 0.67 -35.19
CA LEU D 497 -30.54 1.20 -34.95
C LEU D 497 -29.59 0.77 -36.07
N ASP D 498 -29.93 -0.32 -36.75
CA ASP D 498 -29.14 -0.77 -37.90
C ASP D 498 -29.41 -0.01 -39.22
N ARG D 499 -30.67 0.09 -39.66
CA ARG D 499 -30.96 0.81 -40.91
C ARG D 499 -30.76 2.29 -40.77
N ALA D 500 -30.62 2.78 -39.55
CA ALA D 500 -30.46 4.21 -39.43
C ALA D 500 -29.01 4.59 -39.64
N PHE D 501 -28.09 3.63 -39.51
CA PHE D 501 -26.69 3.87 -39.84
C PHE D 501 -26.54 3.95 -41.34
N ILE D 502 -26.55 5.18 -41.87
CA ILE D 502 -26.80 5.35 -43.30
C ILE D 502 -25.69 4.94 -44.29
N ASP D 503 -24.42 5.24 -44.00
CA ASP D 503 -23.37 5.06 -45.01
C ASP D 503 -23.22 3.62 -45.51
N ALA D 504 -22.75 3.50 -46.75
CA ALA D 504 -22.41 2.24 -47.43
C ALA D 504 -21.59 1.23 -46.63
N GLY D 505 -20.69 1.74 -45.80
CA GLY D 505 -19.77 0.88 -45.09
C GLY D 505 -20.34 -0.15 -44.14
N TYR D 506 -21.23 0.34 -43.30
CA TYR D 506 -21.87 -0.36 -42.23
C TYR D 506 -22.70 -1.42 -42.85
N VAL D 507 -23.37 -1.04 -43.94
CA VAL D 507 -24.15 -1.97 -44.73
C VAL D 507 -23.32 -3.07 -45.34
N SER D 508 -22.11 -2.79 -45.81
CA SER D 508 -21.30 -3.85 -46.40
C SER D 508 -20.75 -4.82 -45.37
N SER D 509 -20.33 -4.28 -44.23
CA SER D 509 -19.81 -5.08 -43.13
C SER D 509 -20.77 -6.16 -42.69
N ARG D 510 -21.80 -5.72 -41.99
CA ARG D 510 -22.65 -6.66 -41.32
C ARG D 510 -23.51 -7.42 -42.33
N LYS D 511 -23.72 -6.86 -43.52
CA LYS D 511 -24.33 -7.69 -44.58
C LYS D 511 -23.46 -8.91 -44.87
N CYS D 512 -22.22 -8.65 -45.28
CA CYS D 512 -21.20 -9.66 -45.25
C CYS D 512 -21.26 -10.38 -43.90
N LYS D 513 -20.87 -9.71 -42.80
CA LYS D 513 -21.03 -10.07 -41.37
C LYS D 513 -19.72 -10.15 -40.57
N THR D 514 -18.66 -9.52 -41.05
CA THR D 514 -17.36 -9.57 -40.35
C THR D 514 -17.34 -8.78 -39.06
N ILE D 515 -18.36 -7.97 -38.83
CA ILE D 515 -18.55 -7.31 -37.53
C ILE D 515 -19.95 -7.66 -37.06
N GLY D 516 -20.10 -7.95 -35.77
CA GLY D 516 -21.35 -8.47 -35.23
C GLY D 516 -22.61 -7.63 -35.42
N ALA D 517 -23.74 -8.31 -35.42
CA ALA D 517 -25.03 -7.61 -35.35
C ALA D 517 -25.04 -6.64 -34.16
N LEU D 518 -25.86 -5.60 -34.27
CA LEU D 518 -25.97 -4.63 -33.23
C LEU D 518 -26.89 -5.15 -32.16
N GLU D 519 -26.41 -5.19 -30.93
CA GLU D 519 -27.22 -5.57 -29.79
C GLU D 519 -27.72 -4.31 -29.09
N LEU D 520 -29.02 -4.06 -29.11
CA LEU D 520 -29.44 -2.92 -28.32
C LEU D 520 -29.71 -3.43 -26.91
N ARG D 521 -28.90 -2.97 -25.97
CA ARG D 521 -29.14 -3.27 -24.60
C ARG D 521 -29.84 -2.04 -24.04
N VAL D 522 -31.18 -2.04 -24.08
CA VAL D 522 -31.96 -0.97 -23.48
C VAL D 522 -31.76 -0.98 -21.99
N VAL D 523 -31.30 0.14 -21.49
CA VAL D 523 -31.05 0.31 -20.09
C VAL D 523 -32.07 1.31 -19.57
N ALA D 524 -32.02 1.52 -18.27
CA ALA D 524 -33.12 2.23 -17.63
C ALA D 524 -32.83 3.70 -17.34
N LYS D 525 -33.90 4.43 -17.04
CA LYS D 525 -33.83 5.87 -16.76
C LYS D 525 -32.72 6.29 -15.81
N GLY D 526 -32.19 7.48 -16.08
CA GLY D 526 -31.24 8.12 -15.20
C GLY D 526 -29.84 7.56 -15.28
N THR D 527 -29.61 6.68 -16.24
CA THR D 527 -28.33 6.05 -16.44
C THR D 527 -27.32 7.05 -16.98
N PHE D 528 -27.77 7.77 -18.01
CA PHE D 528 -26.95 8.79 -18.61
C PHE D 528 -27.05 10.03 -17.73
N ARG D 529 -28.15 10.13 -16.98
CA ARG D 529 -28.24 11.12 -15.93
C ARG D 529 -27.20 10.80 -14.86
N LYS D 530 -26.93 9.51 -14.61
CA LYS D 530 -25.81 9.13 -13.73
C LYS D 530 -24.49 9.59 -14.33
N ILE D 531 -24.37 9.47 -15.64
CA ILE D 531 -23.19 9.98 -16.34
C ILE D 531 -23.10 11.48 -16.11
N GLN D 532 -24.25 12.13 -16.13
CA GLN D 532 -24.24 13.58 -16.00
C GLN D 532 -23.88 13.95 -14.58
N GLU D 533 -24.55 13.29 -13.66
CA GLU D 533 -24.31 13.51 -12.27
C GLU D 533 -22.87 13.20 -11.85
N HIS D 534 -22.21 12.26 -12.53
CA HIS D 534 -20.80 12.02 -12.23
C HIS D 534 -19.87 13.10 -12.81
N PHE D 535 -20.29 13.78 -13.88
CA PHE D 535 -19.38 14.72 -14.53
C PHE D 535 -19.24 16.01 -13.71
N LEU D 536 -20.33 16.62 -13.29
CA LEU D 536 -20.22 17.96 -12.70
C LEU D 536 -19.65 17.79 -11.34
N GLY D 537 -19.90 16.62 -10.77
CA GLY D 537 -19.31 16.27 -9.51
C GLY D 537 -17.81 16.19 -9.72
N LEU D 538 -17.38 15.76 -10.90
CA LEU D 538 -15.97 15.50 -11.16
C LEU D 538 -15.14 16.72 -10.85
N GLY D 539 -14.07 16.51 -10.09
CA GLY D 539 -13.25 17.59 -9.60
C GLY D 539 -12.38 18.29 -10.62
N SER D 540 -12.87 19.42 -11.10
CA SER D 540 -12.08 20.32 -11.94
C SER D 540 -12.87 21.62 -12.18
N SER D 541 -13.81 21.60 -13.11
CA SER D 541 -14.75 22.71 -13.21
C SER D 541 -16.08 22.28 -13.81
N ALA D 542 -16.99 23.23 -13.97
CA ALA D 542 -18.35 22.89 -14.39
C ALA D 542 -18.43 22.40 -15.84
N GLY D 543 -17.48 22.82 -16.66
CA GLY D 543 -17.40 22.38 -18.04
C GLY D 543 -17.11 20.91 -17.90
N GLN D 544 -17.99 20.07 -18.43
CA GLN D 544 -17.88 18.62 -18.38
C GLN D 544 -19.16 17.88 -18.85
N PHE D 545 -20.10 18.49 -19.56
CA PHE D 545 -21.32 17.69 -19.88
C PHE D 545 -21.38 17.02 -21.26
N LYS D 546 -20.27 16.93 -21.96
CA LYS D 546 -20.37 16.41 -23.31
C LYS D 546 -20.19 14.91 -23.31
N MET D 547 -21.33 14.20 -23.30
CA MET D 547 -21.35 12.77 -23.17
C MET D 547 -20.97 12.12 -24.50
N PRO D 548 -19.87 11.34 -24.53
CA PRO D 548 -19.48 10.65 -25.77
C PRO D 548 -20.54 9.64 -26.21
N ARG D 549 -20.73 9.51 -27.52
CA ARG D 549 -21.87 8.76 -28.05
C ARG D 549 -21.63 7.27 -28.31
N CYS D 550 -20.41 6.90 -28.63
CA CYS D 550 -20.07 5.48 -28.85
C CYS D 550 -18.71 5.16 -28.24
N VAL D 551 -18.61 3.99 -27.60
CA VAL D 551 -17.43 3.75 -26.78
C VAL D 551 -16.57 2.55 -27.24
N LYS D 552 -15.30 2.85 -27.54
CA LYS D 552 -14.28 1.87 -27.90
C LYS D 552 -13.90 1.17 -26.61
N PRO D 553 -13.21 0.01 -26.67
CA PRO D 553 -12.59 -0.52 -25.45
C PRO D 553 -11.57 0.46 -24.87
N SER D 554 -11.94 1.73 -24.80
CA SER D 554 -11.15 2.76 -24.13
C SER D 554 -12.06 3.71 -23.35
N ASN D 555 -13.36 3.40 -23.29
CA ASN D 555 -14.35 4.16 -22.51
C ASN D 555 -15.04 3.28 -21.46
N ALA D 556 -15.10 3.73 -20.21
CA ALA D 556 -15.44 2.79 -19.12
C ALA D 556 -16.53 3.17 -18.13
N LYS D 557 -16.80 4.46 -17.96
CA LYS D 557 -17.78 4.94 -17.00
C LYS D 557 -19.20 4.61 -17.44
N VAL D 558 -19.47 4.78 -18.74
CA VAL D 558 -20.72 4.40 -19.32
C VAL D 558 -20.74 2.88 -19.39
N LEU D 559 -19.53 2.29 -19.38
CA LEU D 559 -19.30 0.86 -19.64
C LEU D 559 -19.67 -0.04 -18.48
N GLN D 560 -19.32 0.35 -17.25
CA GLN D 560 -19.77 -0.42 -16.08
C GLN D 560 -21.27 -0.32 -15.94
N ILE D 561 -21.76 0.88 -16.21
CA ILE D 561 -23.16 1.14 -16.01
C ILE D 561 -23.91 0.60 -17.25
N LEU D 562 -23.26 -0.08 -18.18
CA LEU D 562 -24.03 -0.57 -19.32
C LEU D 562 -24.72 -1.93 -19.12
N CYS D 563 -24.03 -2.88 -18.49
CA CYS D 563 -24.40 -4.29 -18.64
C CYS D 563 -25.47 -4.84 -17.71
N GLU D 564 -25.30 -4.72 -16.41
CA GLU D 564 -26.21 -5.43 -15.49
C GLU D 564 -27.66 -4.94 -15.57
N ASN D 565 -27.92 -3.73 -16.05
CA ASN D 565 -29.32 -3.34 -16.29
C ASN D 565 -29.73 -3.42 -17.73
N VAL D 566 -29.34 -4.49 -18.41
CA VAL D 566 -30.02 -4.77 -19.66
C VAL D 566 -31.49 -4.98 -19.30
N VAL D 567 -32.27 -3.89 -19.23
CA VAL D 567 -33.71 -4.05 -18.93
C VAL D 567 -34.26 -4.96 -20.00
N SER D 568 -33.58 -4.91 -21.14
CA SER D 568 -33.68 -5.91 -22.16
C SER D 568 -32.40 -5.86 -22.99
N SER D 569 -31.90 -7.01 -23.42
CA SER D 569 -30.75 -7.01 -24.32
C SER D 569 -30.98 -7.89 -25.53
N TYR D 570 -31.06 -7.31 -26.72
CA TYR D 570 -31.34 -8.14 -27.88
C TYR D 570 -30.48 -7.91 -29.11
N PHE D 571 -30.23 -9.03 -29.77
CA PHE D 571 -29.32 -9.10 -30.91
C PHE D 571 -30.22 -9.21 -32.13
N SER D 572 -30.01 -8.35 -33.12
CA SER D 572 -30.96 -8.18 -34.21
C SER D 572 -31.44 -9.52 -34.77
N THR D 573 -32.71 -9.82 -34.58
CA THR D 573 -33.30 -11.01 -35.17
C THR D 573 -33.37 -10.81 -36.67
N ALA D 574 -33.11 -9.61 -37.12
CA ALA D 574 -32.93 -9.39 -38.55
C ALA D 574 -31.63 -10.07 -38.98
N PHE D 575 -31.13 -9.73 -40.15
CA PHE D 575 -29.88 -10.33 -40.65
C PHE D 575 -29.95 -11.85 -40.80
N LEU E 10 -58.79 22.04 -46.86
CA LEU E 10 -58.29 21.03 -45.91
C LEU E 10 -58.92 19.66 -46.16
N PRO E 11 -58.09 18.60 -46.19
CA PRO E 11 -58.53 17.22 -46.41
C PRO E 11 -59.25 16.69 -45.20
N ILE E 12 -60.51 16.31 -45.34
CA ILE E 12 -61.23 15.83 -44.15
C ILE E 12 -61.27 14.29 -44.07
N LEU E 13 -60.60 13.71 -43.07
CA LEU E 13 -60.63 12.24 -42.89
C LEU E 13 -61.62 11.74 -41.85
N LEU E 14 -62.61 10.99 -42.32
CA LEU E 14 -63.44 10.18 -41.45
C LEU E 14 -62.59 8.97 -41.08
N ASP E 15 -62.52 8.65 -39.79
CA ASP E 15 -61.67 7.57 -39.33
C ASP E 15 -62.16 6.86 -38.07
N TYR E 16 -61.50 5.75 -37.75
CA TYR E 16 -61.87 4.92 -36.61
C TYR E 16 -60.56 4.40 -36.04
N TRP E 17 -60.44 4.39 -34.70
CA TRP E 17 -59.16 4.12 -34.06
C TRP E 17 -58.57 2.71 -34.31
N PRO E 18 -59.38 1.66 -34.35
CA PRO E 18 -58.70 0.38 -34.57
C PRO E 18 -58.83 -0.09 -36.01
N SER E 19 -58.82 0.82 -36.96
CA SER E 19 -58.99 0.41 -38.35
C SER E 19 -57.64 0.22 -39.06
N MET E 20 -57.31 -1.03 -39.32
CA MET E 20 -56.12 -1.36 -40.11
C MET E 20 -56.24 -0.64 -41.43
N PHE E 21 -57.49 -0.49 -41.87
CA PHE E 21 -57.83 0.16 -43.13
C PHE E 21 -57.87 1.67 -42.98
N GLY E 22 -58.42 2.13 -41.85
CA GLY E 22 -58.38 3.53 -41.45
C GLY E 22 -56.94 3.99 -41.44
N MET E 23 -56.10 3.14 -40.83
CA MET E 23 -54.67 3.34 -40.77
C MET E 23 -54.05 3.45 -42.17
N ARG E 24 -54.40 2.53 -43.06
CA ARG E 24 -53.89 2.53 -44.42
C ARG E 24 -53.94 3.91 -45.07
N ALA E 25 -55.06 4.60 -44.86
CA ALA E 25 -55.19 5.96 -45.33
C ALA E 25 -54.23 6.86 -44.56
N ARG E 26 -54.35 6.84 -43.25
CA ARG E 26 -53.48 7.65 -42.37
C ARG E 26 -52.01 7.43 -42.72
N VAL E 27 -51.59 6.17 -42.90
CA VAL E 27 -50.22 5.86 -43.32
C VAL E 27 -49.87 6.61 -44.60
N ALA E 28 -50.69 6.35 -45.63
CA ALA E 28 -50.53 6.98 -46.93
C ALA E 28 -50.31 8.45 -46.84
N LEU E 29 -51.35 9.15 -46.36
CA LEU E 29 -51.28 10.59 -46.19
C LEU E 29 -49.99 11.02 -45.50
N ARG E 30 -49.80 10.55 -44.27
CA ARG E 30 -48.67 11.04 -43.50
C ARG E 30 -47.33 10.70 -44.14
N GLU E 31 -47.29 9.66 -44.97
CA GLU E 31 -46.09 9.34 -45.72
C GLU E 31 -45.89 10.39 -46.81
N LYS E 32 -46.98 10.95 -47.31
CA LYS E 32 -46.82 11.80 -48.47
C LYS E 32 -46.39 13.22 -48.14
N GLY E 33 -47.14 13.91 -47.27
CA GLY E 33 -46.77 15.26 -46.88
C GLY E 33 -47.96 16.20 -46.90
N VAL E 34 -49.00 15.84 -46.15
CA VAL E 34 -50.20 16.66 -46.13
C VAL E 34 -50.54 16.94 -44.66
N GLU E 35 -51.16 18.09 -44.38
CA GLU E 35 -51.73 18.31 -43.06
C GLU E 35 -53.24 18.20 -43.15
N PHE E 36 -53.78 17.28 -42.38
CA PHE E 36 -55.15 16.83 -42.57
C PHE E 36 -55.80 16.70 -41.21
N GLU E 37 -57.13 16.52 -41.18
CA GLU E 37 -57.78 16.35 -39.89
C GLU E 37 -58.52 15.01 -39.74
N TYR E 38 -58.41 14.46 -38.55
CA TYR E 38 -58.94 13.14 -38.27
C TYR E 38 -60.18 13.27 -37.40
N ARG E 39 -61.22 12.51 -37.70
CA ARG E 39 -62.45 12.59 -36.91
C ARG E 39 -62.91 11.19 -36.60
N GLU E 40 -63.20 10.95 -35.32
CA GLU E 40 -63.34 9.60 -34.81
C GLU E 40 -64.79 9.14 -34.91
N GLU E 41 -64.95 7.90 -35.35
CA GLU E 41 -66.25 7.49 -35.79
C GLU E 41 -66.88 6.55 -34.78
N ASP E 42 -67.98 7.01 -34.21
CA ASP E 42 -68.84 6.14 -33.47
C ASP E 42 -69.82 5.55 -34.47
N PHE E 43 -69.48 4.36 -34.99
CA PHE E 43 -70.22 3.82 -36.12
C PHE E 43 -71.70 3.55 -35.85
N SER E 44 -72.13 3.75 -34.61
CA SER E 44 -73.55 3.86 -34.33
C SER E 44 -74.03 5.21 -34.83
N ASN E 45 -73.14 6.20 -34.97
CA ASN E 45 -73.56 7.39 -35.70
C ASN E 45 -72.65 7.69 -36.86
N LYS E 46 -73.01 7.15 -38.01
CA LYS E 46 -72.29 7.34 -39.23
C LYS E 46 -72.62 8.77 -39.58
N SER E 47 -71.60 9.58 -39.85
CA SER E 47 -71.78 11.00 -40.00
C SER E 47 -72.74 11.39 -41.13
N PRO E 48 -73.37 12.57 -40.97
CA PRO E 48 -74.11 13.22 -42.06
C PRO E 48 -73.27 13.27 -43.32
N LEU E 49 -71.97 13.55 -43.17
CA LEU E 49 -71.08 13.65 -44.31
C LEU E 49 -70.53 12.26 -44.67
N LEU E 50 -70.51 11.34 -43.69
CA LEU E 50 -70.16 9.95 -43.97
C LEU E 50 -71.28 9.28 -44.73
N LEU E 51 -72.49 9.38 -44.18
CA LEU E 51 -73.64 8.76 -44.80
C LEU E 51 -73.84 9.34 -46.20
N GLN E 52 -73.52 10.62 -46.37
CA GLN E 52 -73.49 11.22 -47.71
C GLN E 52 -72.36 10.63 -48.57
N SER E 53 -71.21 10.35 -47.98
CA SER E 53 -70.05 9.87 -48.74
C SER E 53 -70.25 8.48 -49.33
N ASN E 54 -70.77 7.57 -48.53
CA ASN E 54 -71.01 6.21 -48.95
C ASN E 54 -72.31 5.69 -48.31
N PRO E 55 -73.45 6.15 -48.88
CA PRO E 55 -74.79 5.87 -48.38
C PRO E 55 -75.08 4.39 -48.26
N ILE E 56 -74.21 3.59 -48.86
CA ILE E 56 -74.43 2.14 -48.92
C ILE E 56 -73.53 1.37 -47.95
N HIS E 57 -72.27 1.19 -48.35
CA HIS E 57 -71.28 0.55 -47.50
C HIS E 57 -71.15 1.25 -46.17
N LYS E 58 -71.20 2.58 -46.25
CA LYS E 58 -71.18 3.46 -45.10
C LYS E 58 -69.83 3.37 -44.41
N LYS E 59 -68.80 3.14 -45.22
CA LYS E 59 -67.46 2.85 -44.72
C LYS E 59 -66.45 3.90 -45.10
N ILE E 60 -65.55 4.16 -44.15
CA ILE E 60 -64.40 5.04 -44.30
C ILE E 60 -63.20 4.10 -44.43
N PRO E 61 -61.96 4.61 -44.57
CA PRO E 61 -61.40 5.94 -44.80
C PRO E 61 -62.07 6.72 -45.88
N VAL E 62 -62.87 7.69 -45.45
CA VAL E 62 -63.27 8.71 -46.38
C VAL E 62 -62.25 9.84 -46.28
N LEU E 63 -61.56 10.12 -47.37
CA LEU E 63 -60.78 11.33 -47.44
C LEU E 63 -61.62 12.26 -48.29
N VAL E 64 -61.89 13.46 -47.78
CA VAL E 64 -62.72 14.38 -48.54
C VAL E 64 -61.90 15.52 -49.09
N HIS E 65 -61.67 15.51 -50.41
CA HIS E 65 -60.95 16.59 -51.06
C HIS E 65 -61.85 17.34 -52.03
N ASN E 66 -61.88 18.66 -51.85
CA ASN E 66 -62.70 19.55 -52.68
C ASN E 66 -64.18 19.29 -52.48
N GLY E 67 -64.47 18.77 -51.29
CA GLY E 67 -65.82 18.36 -50.95
C GLY E 67 -66.25 17.17 -51.76
N LYS E 68 -65.28 16.39 -52.23
CA LYS E 68 -65.56 15.14 -52.92
C LYS E 68 -65.03 13.96 -52.12
N PRO E 69 -65.97 13.16 -51.60
CA PRO E 69 -65.64 11.98 -50.82
C PRO E 69 -64.83 10.97 -51.64
N VAL E 70 -63.74 10.48 -51.05
CA VAL E 70 -62.99 9.43 -51.68
C VAL E 70 -63.01 8.22 -50.72
N CYS E 71 -63.43 7.06 -51.24
CA CYS E 71 -63.56 5.86 -50.42
C CYS E 71 -62.56 4.78 -50.83
N GLU E 72 -62.57 3.71 -50.07
CA GLU E 72 -61.77 2.50 -50.32
C GLU E 72 -60.28 2.70 -50.07
N SER E 73 -59.70 1.77 -49.30
CA SER E 73 -58.38 1.91 -48.70
C SER E 73 -57.29 1.87 -49.74
N LEU E 74 -57.42 0.92 -50.66
CA LEU E 74 -56.49 0.79 -51.75
C LEU E 74 -56.67 1.96 -52.68
N ASN E 75 -57.94 2.34 -52.87
CA ASN E 75 -58.31 3.54 -53.60
C ASN E 75 -57.71 4.78 -52.95
N VAL E 76 -58.08 5.02 -51.70
CA VAL E 76 -57.60 6.17 -50.95
C VAL E 76 -56.08 6.29 -50.97
N VAL E 77 -55.36 5.18 -50.89
CA VAL E 77 -53.90 5.28 -50.87
C VAL E 77 -53.31 5.60 -52.24
N GLN E 78 -53.89 5.09 -53.34
CA GLN E 78 -53.42 5.58 -54.64
C GLN E 78 -54.01 6.96 -54.91
N TYR E 79 -55.17 7.25 -54.34
CA TYR E 79 -55.71 8.61 -54.37
C TYR E 79 -54.70 9.57 -53.80
N VAL E 80 -54.02 9.12 -52.75
CA VAL E 80 -53.00 9.89 -52.08
C VAL E 80 -51.89 10.19 -53.07
N ASP E 81 -51.55 9.21 -53.91
CA ASP E 81 -50.44 9.41 -54.84
C ASP E 81 -50.75 10.47 -55.88
N GLU E 82 -51.96 10.40 -56.43
CA GLU E 82 -52.32 11.27 -57.54
C GLU E 82 -52.64 12.67 -57.09
N ALA E 83 -52.84 12.83 -55.80
CA ALA E 83 -53.15 14.15 -55.27
C ALA E 83 -51.90 15.02 -55.11
N TRP E 84 -50.77 14.44 -54.71
CA TRP E 84 -49.54 15.23 -54.64
C TRP E 84 -48.40 14.60 -55.46
N PRO E 85 -48.46 14.72 -56.80
CA PRO E 85 -47.52 14.05 -57.72
C PRO E 85 -46.17 14.76 -57.94
N GLU E 86 -45.47 15.13 -56.88
CA GLU E 86 -44.17 15.80 -57.09
C GLU E 86 -43.07 15.30 -56.16
N LYS E 87 -43.44 14.89 -54.95
CA LYS E 87 -42.44 14.57 -53.89
C LYS E 87 -42.21 13.09 -53.63
N ASN E 88 -43.25 12.40 -53.18
CA ASN E 88 -43.14 11.01 -52.74
C ASN E 88 -44.09 10.10 -53.49
N PRO E 89 -43.61 9.50 -54.58
CA PRO E 89 -44.38 8.42 -55.22
C PRO E 89 -44.22 7.16 -54.42
N PHE E 90 -45.21 6.28 -54.44
CA PHE E 90 -45.11 5.04 -53.70
C PHE E 90 -44.90 3.86 -54.66
N PHE E 91 -45.06 4.14 -55.95
CA PHE E 91 -44.67 3.18 -56.99
C PHE E 91 -43.34 3.56 -57.55
N PRO E 92 -42.68 2.62 -58.25
CA PRO E 92 -41.52 3.01 -59.04
C PRO E 92 -41.98 3.61 -60.38
N SER E 93 -41.05 3.88 -61.29
CA SER E 93 -41.44 4.40 -62.60
C SER E 93 -42.10 3.36 -63.52
N ASP E 94 -41.69 2.09 -63.38
CA ASP E 94 -42.17 1.01 -64.26
C ASP E 94 -43.62 0.55 -64.04
N PRO E 95 -44.25 0.06 -65.12
CA PRO E 95 -45.49 -0.72 -65.27
C PRO E 95 -45.51 -2.01 -64.50
N TYR E 96 -44.42 -2.75 -64.65
CA TYR E 96 -44.26 -4.00 -63.95
C TYR E 96 -44.35 -3.73 -62.46
N GLY E 97 -43.49 -2.84 -61.97
CA GLY E 97 -43.48 -2.42 -60.57
C GLY E 97 -44.84 -1.99 -60.08
N ARG E 98 -45.56 -1.20 -60.89
CA ARG E 98 -46.94 -0.84 -60.62
C ARG E 98 -47.75 -2.09 -60.43
N ALA E 99 -47.61 -3.01 -61.38
CA ALA E 99 -48.38 -4.23 -61.42
C ALA E 99 -48.12 -5.14 -60.24
N GLN E 100 -46.86 -5.39 -59.93
CA GLN E 100 -46.45 -6.23 -58.79
C GLN E 100 -46.96 -5.75 -57.47
N ALA E 101 -46.93 -4.44 -57.31
CA ALA E 101 -47.20 -3.81 -56.02
C ALA E 101 -48.69 -3.72 -55.75
N ARG E 102 -49.49 -3.51 -56.79
CA ARG E 102 -50.93 -3.57 -56.60
C ARG E 102 -51.28 -5.03 -56.46
N PHE E 103 -50.61 -5.85 -57.25
CA PHE E 103 -50.72 -7.31 -57.17
C PHE E 103 -50.57 -7.83 -55.76
N TRP E 104 -49.50 -7.42 -55.10
CA TRP E 104 -49.32 -7.83 -53.73
C TRP E 104 -50.27 -6.98 -52.82
N ALA E 105 -50.80 -5.84 -53.30
CA ALA E 105 -51.82 -5.12 -52.50
C ALA E 105 -53.14 -5.87 -52.42
N ASP E 106 -53.53 -6.53 -53.51
CA ASP E 106 -54.75 -7.33 -53.50
C ASP E 106 -54.57 -8.55 -52.62
N PHE E 107 -53.32 -9.00 -52.52
CA PHE E 107 -52.97 -10.12 -51.68
C PHE E 107 -53.24 -9.90 -50.22
N VAL E 108 -52.74 -8.77 -49.71
CA VAL E 108 -52.95 -8.42 -48.31
C VAL E 108 -54.43 -8.51 -48.02
N ASP E 109 -55.21 -7.97 -48.94
CA ASP E 109 -56.65 -7.80 -48.76
C ASP E 109 -57.51 -9.05 -48.69
N LYS E 110 -57.23 -10.06 -49.52
CA LYS E 110 -58.07 -11.27 -49.53
C LYS E 110 -57.74 -12.25 -48.42
N LYS E 111 -56.73 -13.11 -48.62
CA LYS E 111 -56.59 -14.26 -47.73
C LYS E 111 -55.84 -13.89 -46.47
N PHE E 112 -55.00 -12.86 -46.58
CA PHE E 112 -54.24 -12.36 -45.44
C PHE E 112 -55.14 -11.69 -44.39
N THR E 113 -56.12 -10.92 -44.83
CA THR E 113 -57.10 -10.27 -43.95
C THR E 113 -58.08 -11.23 -43.30
N ASP E 114 -58.62 -12.17 -44.10
CA ASP E 114 -59.64 -13.13 -43.65
C ASP E 114 -59.17 -14.12 -42.57
N ALA E 115 -58.02 -14.76 -42.77
CA ALA E 115 -57.49 -15.67 -41.76
C ALA E 115 -57.04 -14.91 -40.52
N GLN E 116 -56.59 -13.68 -40.70
CA GLN E 116 -56.28 -12.81 -39.56
C GLN E 116 -57.56 -12.63 -38.79
N PHE E 117 -58.60 -12.23 -39.50
CA PHE E 117 -59.94 -12.21 -38.96
C PHE E 117 -60.29 -13.55 -38.31
N LYS E 118 -59.81 -14.65 -38.89
CA LYS E 118 -60.07 -15.95 -38.28
C LYS E 118 -59.34 -16.10 -36.95
N VAL E 119 -58.09 -15.65 -36.88
CA VAL E 119 -57.29 -15.88 -35.67
C VAL E 119 -57.68 -14.99 -34.50
N TRP E 120 -58.21 -13.80 -34.74
CA TRP E 120 -58.66 -12.97 -33.63
C TRP E 120 -60.17 -12.88 -33.53
N GLY E 121 -60.87 -13.41 -34.52
CA GLY E 121 -62.33 -13.31 -34.49
C GLY E 121 -62.98 -14.58 -34.00
N LYS E 122 -62.42 -15.72 -34.39
CA LYS E 122 -63.12 -17.00 -34.25
C LYS E 122 -62.29 -18.10 -33.55
N LYS E 123 -62.97 -19.08 -32.95
CA LYS E 123 -62.30 -20.11 -32.14
C LYS E 123 -62.52 -21.55 -32.61
N GLY E 124 -61.76 -22.47 -32.03
CA GLY E 124 -61.99 -23.89 -32.30
C GLY E 124 -61.72 -24.30 -33.74
N GLU E 125 -62.75 -24.80 -34.43
CA GLU E 125 -62.58 -25.39 -35.78
C GLU E 125 -62.07 -24.37 -36.80
N GLU E 126 -62.63 -23.17 -36.73
CA GLU E 126 -62.23 -22.12 -37.64
C GLU E 126 -60.84 -21.63 -37.30
N GLN E 127 -60.51 -21.66 -36.01
CA GLN E 127 -59.34 -20.94 -35.53
C GLN E 127 -58.06 -21.42 -36.17
N GLU E 128 -57.81 -22.73 -36.11
CA GLU E 128 -56.58 -23.31 -36.65
C GLU E 128 -56.56 -23.17 -38.14
N ALA E 129 -57.73 -23.24 -38.76
CA ALA E 129 -57.84 -22.90 -40.17
C ALA E 129 -57.19 -21.53 -40.38
N GLY E 130 -57.70 -20.51 -39.70
CA GLY E 130 -57.11 -19.19 -39.82
C GLY E 130 -55.66 -19.10 -39.39
N LYS E 131 -55.26 -19.98 -38.46
CA LYS E 131 -53.88 -19.99 -37.98
C LYS E 131 -52.94 -20.56 -39.02
N LYS E 132 -53.30 -21.71 -39.60
CA LYS E 132 -52.46 -22.23 -40.66
C LYS E 132 -52.59 -21.39 -41.93
N GLU E 133 -53.75 -20.82 -42.17
CA GLU E 133 -53.89 -19.87 -43.27
C GLU E 133 -53.03 -18.62 -43.04
N PHE E 134 -53.00 -18.07 -41.82
CA PHE E 134 -52.24 -16.83 -41.70
C PHE E 134 -50.75 -17.12 -41.62
N ILE E 135 -50.36 -18.28 -41.10
CA ILE E 135 -48.92 -18.58 -41.07
C ILE E 135 -48.44 -18.80 -42.49
N GLU E 136 -49.30 -19.33 -43.34
CA GLU E 136 -48.90 -19.53 -44.72
C GLU E 136 -48.74 -18.15 -45.37
N ALA E 137 -49.64 -17.21 -45.04
CA ALA E 137 -49.57 -15.87 -45.59
C ALA E 137 -48.25 -15.18 -45.27
N VAL E 138 -47.83 -15.23 -44.02
CA VAL E 138 -46.62 -14.53 -43.59
C VAL E 138 -45.38 -15.15 -44.23
N LYS E 139 -45.44 -16.45 -44.53
CA LYS E 139 -44.32 -17.13 -45.21
C LYS E 139 -44.19 -16.65 -46.66
N ILE E 140 -45.28 -16.69 -47.43
CA ILE E 140 -45.20 -16.34 -48.85
C ILE E 140 -44.76 -14.87 -48.97
N LEU E 141 -45.27 -14.10 -48.02
CA LEU E 141 -44.74 -12.78 -47.68
C LEU E 141 -43.23 -12.76 -47.40
N GLU E 142 -42.78 -13.61 -46.49
CA GLU E 142 -41.39 -13.65 -46.08
C GLU E 142 -40.46 -13.81 -47.27
N SER E 143 -40.83 -14.70 -48.20
CA SER E 143 -39.92 -15.04 -49.30
C SER E 143 -40.12 -14.14 -50.53
N GLU E 144 -41.18 -13.35 -50.57
CA GLU E 144 -41.27 -12.29 -51.58
C GLU E 144 -40.63 -11.03 -51.00
N LEU E 145 -40.65 -10.88 -49.68
CA LEU E 145 -39.89 -9.80 -49.04
C LEU E 145 -38.42 -10.08 -49.28
N GLY E 146 -38.05 -11.34 -49.08
CA GLY E 146 -36.75 -11.88 -49.44
C GLY E 146 -35.55 -11.09 -48.97
N ASP E 147 -35.48 -9.83 -49.40
CA ASP E 147 -34.30 -9.01 -49.18
C ASP E 147 -34.65 -7.55 -49.23
N LYS E 148 -35.65 -7.22 -50.05
CA LYS E 148 -35.98 -5.84 -50.34
C LYS E 148 -36.32 -5.04 -49.09
N PRO E 149 -35.73 -3.84 -48.98
CA PRO E 149 -35.89 -2.95 -47.84
C PRO E 149 -37.37 -2.70 -47.53
N TYR E 150 -38.15 -2.34 -48.54
CA TYR E 150 -39.60 -2.30 -48.41
C TYR E 150 -40.23 -3.32 -49.36
N PHE E 151 -41.19 -2.89 -50.19
CA PHE E 151 -41.96 -3.85 -51.00
C PHE E 151 -42.26 -3.40 -52.43
N GLY E 152 -42.90 -2.25 -52.54
CA GLY E 152 -43.40 -1.77 -53.82
C GLY E 152 -42.36 -1.08 -54.67
N GLY E 153 -41.15 -0.97 -54.15
CA GLY E 153 -40.07 -0.29 -54.83
C GLY E 153 -38.91 -0.20 -53.87
N ASP E 154 -37.85 0.52 -54.27
CA ASP E 154 -36.66 0.53 -53.46
C ASP E 154 -36.84 1.39 -52.21
N SER E 155 -37.81 2.30 -52.25
CA SER E 155 -38.16 3.08 -51.08
C SER E 155 -39.59 2.80 -50.61
N PHE E 156 -39.98 3.47 -49.54
CA PHE E 156 -41.31 3.29 -48.95
C PHE E 156 -42.40 3.35 -50.00
N GLY E 157 -43.12 2.24 -50.12
CA GLY E 157 -44.08 2.09 -51.19
C GLY E 157 -45.51 1.88 -50.76
N TYR E 158 -46.36 1.80 -51.77
CA TYR E 158 -47.78 1.47 -51.69
C TYR E 158 -48.19 0.34 -50.77
N VAL E 159 -47.49 -0.77 -50.90
CA VAL E 159 -47.95 -1.98 -50.26
C VAL E 159 -47.30 -2.11 -48.88
N ASP E 160 -46.22 -1.35 -48.66
CA ASP E 160 -45.83 -1.10 -47.30
C ASP E 160 -47.05 -0.57 -46.58
N ILE E 161 -47.69 0.41 -47.20
CA ILE E 161 -48.88 1.05 -46.64
C ILE E 161 -50.02 0.03 -46.49
N SER E 162 -50.11 -0.92 -47.40
CA SER E 162 -51.15 -1.95 -47.31
C SER E 162 -51.00 -2.79 -46.04
N LEU E 163 -49.87 -3.44 -45.90
CA LEU E 163 -49.69 -4.43 -44.84
C LEU E 163 -48.90 -3.92 -43.61
N ILE E 164 -48.46 -2.66 -43.61
CA ILE E 164 -47.81 -2.14 -42.41
C ILE E 164 -48.83 -2.13 -41.28
N THR E 165 -50.09 -1.99 -41.66
CA THR E 165 -51.11 -1.67 -40.69
C THR E 165 -51.67 -2.91 -40.01
N PHE E 166 -50.99 -4.04 -40.22
CA PHE E 166 -51.43 -5.30 -39.64
C PHE E 166 -50.55 -5.74 -38.47
N SER E 167 -49.46 -5.01 -38.22
CA SER E 167 -48.53 -5.34 -37.13
C SER E 167 -48.95 -4.85 -35.76
N SER E 168 -49.87 -3.87 -35.67
CA SER E 168 -50.41 -3.51 -34.38
C SER E 168 -51.35 -4.60 -33.89
N TRP E 169 -51.82 -5.39 -34.85
CA TRP E 169 -52.69 -6.54 -34.55
C TRP E 169 -51.92 -7.83 -34.35
N PHE E 170 -50.60 -7.77 -34.46
CA PHE E 170 -49.80 -8.98 -34.31
C PHE E 170 -49.88 -9.50 -32.90
N GLN E 171 -49.82 -8.60 -31.91
CA GLN E 171 -49.92 -8.97 -30.51
C GLN E 171 -51.22 -9.69 -30.25
N ALA E 172 -52.30 -9.15 -30.77
CA ALA E 172 -53.59 -9.86 -30.76
C ALA E 172 -53.47 -11.23 -31.40
N TYR E 173 -52.85 -11.28 -32.58
CA TYR E 173 -52.63 -12.56 -33.25
C TYR E 173 -51.68 -13.43 -32.44
N GLU E 174 -50.86 -12.78 -31.62
CA GLU E 174 -49.88 -13.45 -30.76
C GLU E 174 -50.52 -14.08 -29.52
N LYS E 175 -51.60 -13.50 -29.01
CA LYS E 175 -52.14 -13.94 -27.72
C LYS E 175 -53.39 -14.84 -27.80
N PHE E 176 -54.40 -14.47 -28.60
CA PHE E 176 -55.55 -15.37 -28.82
C PHE E 176 -55.07 -16.63 -29.55
N GLY E 177 -54.34 -16.43 -30.64
CA GLY E 177 -53.71 -17.55 -31.31
C GLY E 177 -52.75 -18.26 -30.38
N ASN E 178 -52.43 -17.65 -29.23
CA ASN E 178 -51.37 -18.07 -28.29
C ASN E 178 -50.12 -18.56 -29.04
N PHE E 179 -49.91 -17.99 -30.21
CA PHE E 179 -48.86 -18.37 -31.14
C PHE E 179 -47.62 -17.55 -30.93
N SER E 180 -46.87 -17.46 -32.01
CA SER E 180 -45.79 -16.53 -32.16
C SER E 180 -45.58 -16.54 -33.66
N ILE E 181 -45.68 -15.38 -34.29
CA ILE E 181 -45.65 -15.34 -35.74
C ILE E 181 -44.24 -14.97 -36.19
N GLU E 182 -43.34 -14.94 -35.22
CA GLU E 182 -41.94 -14.61 -35.46
C GLU E 182 -41.10 -15.86 -35.59
N SER E 183 -41.52 -16.96 -34.99
CA SER E 183 -40.75 -18.19 -35.07
C SER E 183 -40.71 -18.80 -36.50
N GLU E 184 -41.86 -18.94 -37.16
CA GLU E 184 -41.85 -19.50 -38.53
C GLU E 184 -41.44 -18.46 -39.56
N SER E 185 -41.84 -17.22 -39.32
CA SER E 185 -41.47 -16.13 -40.23
C SER E 185 -41.12 -14.86 -39.44
N PRO E 186 -39.82 -14.65 -39.14
CA PRO E 186 -39.39 -13.53 -38.28
C PRO E 186 -39.10 -12.22 -39.02
N LYS E 187 -38.70 -12.34 -40.28
CA LYS E 187 -38.33 -11.15 -41.05
C LYS E 187 -39.50 -10.23 -41.33
N LEU E 188 -40.71 -10.79 -41.38
CA LEU E 188 -41.88 -9.97 -41.71
C LEU E 188 -42.14 -8.95 -40.64
N ILE E 189 -42.23 -9.42 -39.40
CA ILE E 189 -42.40 -8.47 -38.32
C ILE E 189 -41.14 -7.61 -38.29
N ALA E 190 -39.97 -8.23 -38.50
CA ALA E 190 -38.68 -7.50 -38.58
C ALA E 190 -38.74 -6.30 -39.55
N TRP E 191 -39.48 -6.50 -40.62
CA TRP E 191 -39.72 -5.42 -41.57
C TRP E 191 -40.80 -4.49 -41.05
N ALA E 192 -41.82 -5.08 -40.43
CA ALA E 192 -42.98 -4.35 -39.93
C ALA E 192 -42.61 -3.18 -39.02
N LYS E 193 -41.78 -3.49 -38.04
CA LYS E 193 -41.42 -2.54 -36.99
C LYS E 193 -40.16 -1.79 -37.42
N ARG E 194 -39.77 -2.05 -38.65
CA ARG E 194 -38.76 -1.24 -39.31
C ARG E 194 -39.40 0.06 -39.75
N CYS E 195 -40.40 -0.07 -40.60
CA CYS E 195 -41.10 1.06 -41.18
C CYS E 195 -41.90 1.81 -40.11
N MET E 196 -41.98 1.24 -38.91
CA MET E 196 -42.52 1.99 -37.78
C MET E 196 -41.73 3.28 -37.58
N GLU E 197 -40.47 3.28 -38.03
CA GLU E 197 -39.60 4.45 -37.95
C GLU E 197 -40.12 5.64 -38.77
N LYS E 198 -40.94 5.35 -39.78
CA LYS E 198 -41.53 6.40 -40.60
C LYS E 198 -42.68 7.08 -39.84
N GLU E 199 -42.77 8.40 -39.94
CA GLU E 199 -43.76 9.14 -39.16
C GLU E 199 -45.17 8.84 -39.65
N SER E 200 -45.25 8.27 -40.85
CA SER E 200 -46.52 7.94 -41.47
C SER E 200 -47.35 7.01 -40.59
N VAL E 201 -46.66 6.23 -39.74
CA VAL E 201 -47.33 5.27 -38.88
C VAL E 201 -47.05 5.50 -37.37
N SER E 202 -45.90 6.11 -37.05
CA SER E 202 -45.51 6.36 -35.64
C SER E 202 -46.36 7.45 -34.98
N LYS E 203 -47.34 7.95 -35.72
CA LYS E 203 -48.35 8.83 -35.16
C LYS E 203 -49.74 8.32 -35.53
N SER E 204 -49.81 7.52 -36.61
CA SER E 204 -51.09 7.12 -37.18
C SER E 204 -51.74 5.98 -36.41
N LEU E 205 -50.92 5.16 -35.77
CA LEU E 205 -51.35 3.88 -35.23
C LEU E 205 -51.46 3.85 -33.72
N PRO E 206 -52.69 3.71 -33.20
CA PRO E 206 -52.97 3.47 -31.78
C PRO E 206 -52.21 2.26 -31.23
N ASP E 207 -52.12 2.19 -29.92
CA ASP E 207 -51.29 1.19 -29.26
C ASP E 207 -51.78 -0.22 -29.52
N SER E 208 -50.88 -1.17 -29.29
CA SER E 208 -51.19 -2.57 -29.53
C SER E 208 -52.01 -3.17 -28.40
N GLU E 209 -51.76 -2.74 -27.17
CA GLU E 209 -52.52 -3.25 -26.04
C GLU E 209 -53.99 -2.81 -26.07
N LYS E 210 -54.24 -1.74 -26.82
CA LYS E 210 -55.60 -1.19 -26.93
C LYS E 210 -56.38 -1.92 -27.99
N ILE E 211 -55.72 -2.24 -29.10
CA ILE E 211 -56.30 -3.10 -30.11
C ILE E 211 -56.48 -4.47 -29.48
N VAL E 212 -55.47 -4.92 -28.73
CA VAL E 212 -55.50 -6.20 -28.04
C VAL E 212 -56.65 -6.15 -27.05
N ALA E 213 -57.01 -4.95 -26.64
CA ALA E 213 -58.19 -4.77 -25.82
C ALA E 213 -59.47 -4.92 -26.67
N TYR E 214 -59.39 -4.55 -27.94
CA TYR E 214 -60.59 -4.43 -28.78
C TYR E 214 -61.10 -5.78 -29.29
N ALA E 215 -60.19 -6.67 -29.72
CA ALA E 215 -60.57 -8.02 -30.14
C ALA E 215 -61.05 -8.76 -28.91
N ALA E 216 -60.44 -8.42 -27.76
CA ALA E 216 -60.79 -9.01 -26.47
C ALA E 216 -62.25 -8.70 -26.13
N GLU E 217 -62.62 -7.46 -26.41
CA GLU E 217 -63.99 -7.03 -26.25
C GLU E 217 -64.83 -7.71 -27.32
N TYR E 218 -64.23 -7.89 -28.50
CA TYR E 218 -64.94 -8.51 -29.63
C TYR E 218 -65.15 -9.99 -29.37
N ARG E 219 -64.29 -10.55 -28.54
CA ARG E 219 -64.36 -11.97 -28.27
C ARG E 219 -65.36 -12.32 -27.17
N LYS E 220 -65.36 -11.51 -26.11
CA LYS E 220 -66.27 -11.75 -25.01
C LYS E 220 -67.70 -11.68 -25.56
N ASN E 221 -67.95 -10.70 -26.44
CA ASN E 221 -69.30 -10.52 -26.98
C ASN E 221 -69.81 -11.75 -27.73
N ASN E 222 -68.90 -12.49 -28.36
CA ASN E 222 -69.31 -13.51 -29.32
C ASN E 222 -68.67 -14.87 -29.05
N LEU E 223 -68.97 -15.43 -27.89
CA LEU E 223 -68.51 -16.77 -27.56
C LEU E 223 -69.64 -17.80 -27.57
N LEU F 10 -43.69 -6.71 -79.33
CA LEU F 10 -45.08 -7.01 -79.02
C LEU F 10 -45.36 -7.35 -77.56
N PRO F 11 -46.11 -6.48 -76.85
CA PRO F 11 -46.91 -6.93 -75.72
C PRO F 11 -47.55 -8.28 -75.93
N ILE F 12 -47.45 -9.08 -74.88
CA ILE F 12 -47.89 -10.45 -74.88
C ILE F 12 -48.84 -10.55 -73.71
N LEU F 13 -50.11 -10.89 -73.98
CA LEU F 13 -51.15 -10.73 -72.96
C LEU F 13 -51.63 -12.04 -72.32
N LEU F 14 -51.30 -12.19 -71.05
CA LEU F 14 -51.81 -13.29 -70.26
C LEU F 14 -53.29 -13.07 -70.08
N ASP F 15 -54.13 -14.04 -70.42
CA ASP F 15 -55.56 -13.74 -70.31
C ASP F 15 -56.43 -14.96 -70.08
N TYR F 16 -57.72 -14.78 -70.41
CA TYR F 16 -58.75 -15.79 -70.24
C TYR F 16 -59.94 -15.24 -71.02
N TRP F 17 -60.40 -16.00 -72.01
CA TRP F 17 -61.39 -15.49 -72.95
C TRP F 17 -62.73 -15.20 -72.31
N PRO F 18 -63.09 -15.89 -71.22
CA PRO F 18 -64.36 -15.43 -70.65
C PRO F 18 -64.18 -14.37 -69.54
N SER F 19 -62.95 -14.11 -69.12
CA SER F 19 -62.65 -13.05 -68.16
C SER F 19 -63.07 -11.64 -68.63
N MET F 20 -63.83 -10.94 -67.79
CA MET F 20 -64.21 -9.57 -68.10
C MET F 20 -63.03 -8.62 -68.00
N PHE F 21 -62.16 -8.90 -67.06
CA PHE F 21 -61.04 -8.03 -66.72
C PHE F 21 -59.95 -8.08 -67.78
N GLY F 22 -59.69 -9.29 -68.26
CA GLY F 22 -58.74 -9.47 -69.33
C GLY F 22 -59.35 -8.98 -70.61
N MET F 23 -60.68 -8.99 -70.66
CA MET F 23 -61.39 -8.31 -71.74
C MET F 23 -61.26 -6.80 -71.64
N ARG F 24 -61.20 -6.25 -70.42
CA ARG F 24 -60.91 -4.83 -70.27
C ARG F 24 -59.64 -4.51 -71.03
N ALA F 25 -58.59 -5.27 -70.72
CA ALA F 25 -57.27 -5.08 -71.30
C ALA F 25 -57.25 -5.19 -72.81
N ARG F 26 -57.97 -6.19 -73.30
CA ARG F 26 -58.05 -6.43 -74.74
C ARG F 26 -58.64 -5.20 -75.41
N VAL F 27 -59.74 -4.70 -74.83
CA VAL F 27 -60.43 -3.53 -75.36
C VAL F 27 -59.56 -2.27 -75.31
N ALA F 28 -58.73 -2.16 -74.28
CA ALA F 28 -57.87 -0.98 -74.11
C ALA F 28 -56.84 -0.87 -75.21
N LEU F 29 -56.08 -1.94 -75.40
CA LEU F 29 -55.09 -2.01 -76.46
C LEU F 29 -55.70 -1.88 -77.87
N ARG F 30 -56.86 -2.51 -78.07
CA ARG F 30 -57.52 -2.47 -79.37
C ARG F 30 -58.17 -1.13 -79.63
N GLU F 31 -58.49 -0.41 -78.56
CA GLU F 31 -59.02 0.92 -78.67
C GLU F 31 -57.92 1.81 -79.23
N LYS F 32 -56.69 1.58 -78.76
CA LYS F 32 -55.58 2.48 -79.00
C LYS F 32 -54.96 2.41 -80.38
N GLY F 33 -54.89 1.19 -80.92
CA GLY F 33 -54.31 0.96 -82.23
C GLY F 33 -53.00 0.22 -82.11
N VAL F 34 -52.73 -0.29 -80.92
CA VAL F 34 -51.58 -1.16 -80.68
C VAL F 34 -51.95 -2.62 -81.04
N GLU F 35 -51.06 -3.26 -81.80
CA GLU F 35 -51.30 -4.54 -82.50
C GLU F 35 -50.73 -5.72 -81.71
N PHE F 36 -51.35 -6.08 -80.60
CA PHE F 36 -50.71 -7.02 -79.67
C PHE F 36 -50.97 -8.49 -79.94
N GLU F 37 -50.36 -9.34 -79.12
CA GLU F 37 -50.47 -10.79 -79.24
C GLU F 37 -51.19 -11.31 -78.01
N TYR F 38 -52.27 -12.06 -78.23
CA TYR F 38 -53.11 -12.57 -77.15
C TYR F 38 -52.83 -14.02 -76.76
N ARG F 39 -52.37 -14.25 -75.52
CA ARG F 39 -52.14 -15.65 -75.06
C ARG F 39 -53.12 -16.19 -74.03
N GLU F 40 -53.70 -17.34 -74.35
CA GLU F 40 -54.71 -17.97 -73.53
C GLU F 40 -54.07 -18.65 -72.33
N GLU F 41 -54.72 -18.62 -71.17
CA GLU F 41 -54.15 -19.28 -70.02
C GLU F 41 -54.91 -20.50 -69.60
N ASP F 42 -54.18 -21.48 -69.10
CA ASP F 42 -54.69 -22.74 -68.66
C ASP F 42 -54.50 -22.70 -67.16
N PHE F 43 -55.54 -22.36 -66.40
CA PHE F 43 -55.33 -22.16 -64.96
C PHE F 43 -54.90 -23.46 -64.27
N SER F 44 -55.12 -24.58 -64.94
CA SER F 44 -54.61 -25.85 -64.46
C SER F 44 -53.14 -26.02 -64.85
N ASN F 45 -52.86 -25.86 -66.14
CA ASN F 45 -51.50 -25.91 -66.62
C ASN F 45 -51.06 -24.52 -67.05
N LYS F 46 -50.85 -23.66 -66.06
CA LYS F 46 -50.49 -22.27 -66.34
C LYS F 46 -49.14 -22.16 -67.04
N SER F 47 -49.11 -21.30 -68.05
CA SER F 47 -47.89 -21.06 -68.81
C SER F 47 -46.80 -20.58 -67.85
N PRO F 48 -45.54 -20.95 -68.12
CA PRO F 48 -44.46 -20.53 -67.20
C PRO F 48 -44.28 -19.02 -67.14
N LEU F 49 -44.66 -18.30 -68.19
CA LEU F 49 -44.53 -16.85 -68.15
C LEU F 49 -45.56 -16.25 -67.18
N LEU F 50 -46.77 -16.81 -67.14
CA LEU F 50 -47.77 -16.43 -66.14
C LEU F 50 -47.23 -16.60 -64.70
N LEU F 51 -46.54 -17.70 -64.45
CA LEU F 51 -46.01 -17.98 -63.12
C LEU F 51 -44.76 -17.15 -62.85
N GLN F 52 -43.88 -17.01 -63.84
CA GLN F 52 -42.73 -16.12 -63.64
C GLN F 52 -43.11 -14.64 -63.62
N SER F 53 -44.18 -14.29 -64.33
CA SER F 53 -44.66 -12.92 -64.30
C SER F 53 -45.33 -12.74 -62.94
N ASN F 54 -45.95 -13.82 -62.47
CA ASN F 54 -46.70 -13.80 -61.21
C ASN F 54 -46.80 -15.16 -60.56
N PRO F 55 -45.85 -15.43 -59.65
CA PRO F 55 -45.75 -16.62 -58.81
C PRO F 55 -46.68 -16.50 -57.63
N ILE F 56 -47.39 -15.38 -57.55
CA ILE F 56 -48.05 -14.99 -56.32
C ILE F 56 -49.61 -15.03 -56.46
N HIS F 57 -50.31 -14.10 -57.15
CA HIS F 57 -51.75 -14.37 -57.41
C HIS F 57 -51.85 -15.42 -58.49
N LYS F 58 -50.90 -15.36 -59.42
CA LYS F 58 -50.89 -16.19 -60.62
C LYS F 58 -52.14 -15.89 -61.43
N LYS F 59 -52.49 -14.62 -61.56
CA LYS F 59 -53.76 -14.26 -62.18
C LYS F 59 -53.65 -13.37 -63.42
N ILE F 60 -54.70 -13.38 -64.23
CA ILE F 60 -54.73 -12.61 -65.46
C ILE F 60 -55.65 -11.40 -65.30
N PRO F 61 -55.55 -10.41 -66.21
CA PRO F 61 -54.60 -10.33 -67.32
C PRO F 61 -53.23 -9.81 -66.91
N VAL F 62 -52.26 -9.95 -67.81
CA VAL F 62 -50.90 -9.46 -67.62
C VAL F 62 -50.31 -9.08 -68.99
N LEU F 63 -49.65 -7.93 -69.07
CA LEU F 63 -49.13 -7.46 -70.34
C LEU F 63 -47.58 -7.37 -70.31
N VAL F 64 -46.91 -8.17 -71.13
CA VAL F 64 -45.43 -8.13 -71.19
C VAL F 64 -44.91 -7.21 -72.26
N HIS F 65 -44.33 -6.10 -71.82
CA HIS F 65 -43.90 -4.98 -72.63
C HIS F 65 -42.51 -4.53 -72.16
N ASN F 66 -41.55 -4.48 -73.07
CA ASN F 66 -40.19 -4.05 -72.75
C ASN F 66 -39.55 -4.82 -71.58
N GLY F 67 -39.90 -6.10 -71.46
CA GLY F 67 -39.36 -6.92 -70.37
C GLY F 67 -40.06 -6.61 -69.07
N LYS F 68 -41.20 -5.96 -69.15
CA LYS F 68 -41.92 -5.59 -67.93
C LYS F 68 -43.41 -5.92 -68.07
N PRO F 69 -43.85 -6.97 -67.37
CA PRO F 69 -45.23 -7.46 -67.34
C PRO F 69 -46.17 -6.66 -66.44
N VAL F 70 -47.40 -6.46 -66.89
CA VAL F 70 -48.38 -5.71 -66.08
C VAL F 70 -49.62 -6.51 -65.72
N CYS F 71 -49.76 -6.84 -64.44
CA CYS F 71 -50.89 -7.63 -63.92
C CYS F 71 -52.04 -6.80 -63.38
N GLU F 72 -53.17 -7.48 -63.13
CA GLU F 72 -54.46 -6.95 -62.70
C GLU F 72 -55.08 -6.08 -63.80
N SER F 73 -56.41 -6.05 -63.87
CA SER F 73 -57.12 -5.46 -65.00
C SER F 73 -57.02 -3.95 -65.10
N LEU F 74 -57.30 -3.27 -64.00
CA LEU F 74 -57.23 -1.83 -63.98
C LEU F 74 -55.79 -1.38 -64.20
N ASN F 75 -54.86 -2.08 -63.55
CA ASN F 75 -53.45 -1.72 -63.70
C ASN F 75 -52.95 -1.83 -65.14
N VAL F 76 -53.44 -2.85 -65.86
CA VAL F 76 -53.13 -3.00 -67.28
C VAL F 76 -53.71 -1.82 -68.05
N VAL F 77 -54.93 -1.43 -67.70
CA VAL F 77 -55.61 -0.35 -68.42
C VAL F 77 -54.93 1.01 -68.28
N GLN F 78 -54.62 1.39 -67.04
CA GLN F 78 -53.89 2.63 -66.79
C GLN F 78 -52.57 2.56 -67.51
N TYR F 79 -51.91 1.41 -67.41
CA TYR F 79 -50.64 1.22 -68.12
C TYR F 79 -50.76 1.45 -69.61
N VAL F 80 -51.85 0.99 -70.22
CA VAL F 80 -52.09 1.26 -71.64
C VAL F 80 -52.25 2.76 -71.88
N ASP F 81 -52.89 3.45 -70.93
CA ASP F 81 -53.10 4.90 -71.04
C ASP F 81 -51.88 5.79 -70.82
N GLU F 82 -51.01 5.41 -69.88
CA GLU F 82 -49.87 6.26 -69.54
C GLU F 82 -48.57 5.82 -70.24
N ALA F 83 -48.55 4.60 -70.76
CA ALA F 83 -47.45 4.19 -71.64
C ALA F 83 -47.67 4.63 -73.08
N TRP F 84 -48.93 4.81 -73.46
CA TRP F 84 -49.28 5.33 -74.79
C TRP F 84 -50.22 6.50 -74.67
N PRO F 85 -49.70 7.66 -74.22
CA PRO F 85 -50.51 8.86 -73.92
C PRO F 85 -50.58 9.88 -75.08
N GLU F 86 -50.95 9.44 -76.28
CA GLU F 86 -50.79 10.29 -77.47
C GLU F 86 -52.04 10.53 -78.35
N LYS F 87 -53.03 9.64 -78.31
CA LYS F 87 -54.12 9.77 -79.30
C LYS F 87 -55.52 9.91 -78.69
N ASN F 88 -56.06 8.78 -78.25
CA ASN F 88 -57.40 8.71 -77.67
C ASN F 88 -57.31 8.54 -76.15
N PRO F 89 -57.32 9.65 -75.40
CA PRO F 89 -56.95 9.55 -73.98
C PRO F 89 -58.05 8.90 -73.14
N PHE F 90 -57.68 7.89 -72.36
CA PHE F 90 -58.63 7.23 -71.48
C PHE F 90 -59.10 8.17 -70.39
N PHE F 91 -58.20 9.04 -69.93
CA PHE F 91 -58.48 9.98 -68.86
C PHE F 91 -58.59 11.38 -69.43
N PRO F 92 -59.34 12.27 -68.75
CA PRO F 92 -59.33 13.70 -69.12
C PRO F 92 -58.09 14.40 -68.59
N SER F 93 -58.15 15.72 -68.42
CA SER F 93 -56.96 16.46 -67.99
C SER F 93 -56.93 16.79 -66.50
N ASP F 94 -58.08 17.17 -65.94
CA ASP F 94 -58.18 17.64 -64.56
C ASP F 94 -58.06 16.51 -63.52
N PRO F 95 -57.64 16.86 -62.29
CA PRO F 95 -57.29 15.80 -61.33
C PRO F 95 -58.48 15.19 -60.61
N TYR F 96 -59.56 15.95 -60.40
CA TYR F 96 -60.77 15.40 -59.79
C TYR F 96 -61.44 14.36 -60.72
N GLY F 97 -61.65 14.75 -61.97
CA GLY F 97 -62.17 13.83 -62.98
C GLY F 97 -61.34 12.55 -63.07
N ARG F 98 -60.03 12.65 -62.84
CA ARG F 98 -59.21 11.45 -62.70
C ARG F 98 -59.69 10.64 -61.52
N ALA F 99 -60.01 11.33 -60.44
CA ALA F 99 -60.43 10.66 -59.22
C ALA F 99 -61.81 10.04 -59.38
N GLN F 100 -62.68 10.68 -60.14
CA GLN F 100 -64.02 10.17 -60.28
C GLN F 100 -64.01 8.97 -61.23
N ALA F 101 -63.14 9.00 -62.23
CA ALA F 101 -62.96 7.87 -63.13
C ALA F 101 -62.47 6.70 -62.31
N ARG F 102 -61.48 6.97 -61.45
CA ARG F 102 -60.97 5.99 -60.50
C ARG F 102 -62.02 5.59 -59.45
N PHE F 103 -62.70 6.59 -58.89
CA PHE F 103 -63.83 6.34 -57.98
C PHE F 103 -64.82 5.37 -58.61
N TRP F 104 -65.11 5.57 -59.87
CA TRP F 104 -66.05 4.67 -60.54
C TRP F 104 -65.44 3.36 -60.97
N ALA F 105 -64.15 3.35 -61.30
CA ALA F 105 -63.48 2.08 -61.58
C ALA F 105 -63.58 1.21 -60.35
N ASP F 106 -63.47 1.86 -59.21
CA ASP F 106 -63.51 1.18 -57.94
C ASP F 106 -64.90 0.60 -57.66
N PHE F 107 -65.94 1.31 -58.08
CA PHE F 107 -67.32 0.80 -57.90
C PHE F 107 -67.59 -0.50 -58.68
N VAL F 108 -67.33 -0.45 -59.98
CA VAL F 108 -67.64 -1.59 -60.83
C VAL F 108 -66.78 -2.81 -60.49
N ASP F 109 -65.56 -2.58 -59.96
CA ASP F 109 -64.70 -3.69 -59.60
C ASP F 109 -65.03 -4.38 -58.26
N LYS F 110 -65.63 -3.68 -57.31
CA LYS F 110 -65.90 -4.29 -56.01
C LYS F 110 -67.36 -4.60 -55.72
N LYS F 111 -68.19 -3.57 -55.59
CA LYS F 111 -69.60 -3.82 -55.22
C LYS F 111 -70.43 -4.32 -56.42
N PHE F 112 -70.15 -3.80 -57.61
CA PHE F 112 -70.87 -4.20 -58.80
C PHE F 112 -70.41 -5.61 -59.22
N THR F 113 -69.10 -5.78 -59.35
CA THR F 113 -68.53 -7.09 -59.66
C THR F 113 -68.98 -8.17 -58.70
N ASP F 114 -69.00 -7.85 -57.40
CA ASP F 114 -69.50 -8.80 -56.42
C ASP F 114 -71.00 -9.01 -56.58
N ALA F 115 -71.71 -7.97 -57.04
CA ALA F 115 -73.15 -8.07 -57.23
C ALA F 115 -73.49 -9.06 -58.34
N GLN F 116 -72.83 -8.92 -59.49
CA GLN F 116 -72.99 -9.85 -60.59
C GLN F 116 -72.36 -11.23 -60.30
N PHE F 117 -71.33 -11.21 -59.47
CA PHE F 117 -70.70 -12.44 -58.98
C PHE F 117 -71.75 -13.36 -58.37
N LYS F 118 -72.54 -12.79 -57.48
CA LYS F 118 -73.65 -13.48 -56.84
C LYS F 118 -74.75 -13.78 -57.85
N VAL F 119 -74.79 -13.03 -58.94
CA VAL F 119 -75.80 -13.31 -59.96
C VAL F 119 -75.49 -14.62 -60.69
N TRP F 120 -74.35 -14.66 -61.39
CA TRP F 120 -74.04 -15.84 -62.23
C TRP F 120 -73.41 -17.01 -61.46
N GLY F 121 -73.00 -16.78 -60.22
CA GLY F 121 -72.29 -17.82 -59.48
C GLY F 121 -72.96 -18.38 -58.23
N LYS F 122 -74.20 -17.98 -57.98
CA LYS F 122 -74.87 -18.41 -56.74
C LYS F 122 -76.28 -18.94 -56.99
N LYS F 123 -76.92 -19.42 -55.91
CA LYS F 123 -78.29 -19.87 -55.99
C LYS F 123 -79.06 -19.49 -54.73
N GLY F 124 -80.39 -19.58 -54.77
CA GLY F 124 -81.20 -19.31 -53.59
C GLY F 124 -81.08 -17.88 -53.10
N GLU F 125 -80.84 -17.70 -51.81
CA GLU F 125 -80.73 -16.38 -51.18
C GLU F 125 -79.68 -15.46 -51.75
N GLU F 126 -78.47 -15.96 -51.95
CA GLU F 126 -77.41 -15.11 -52.46
C GLU F 126 -77.77 -14.65 -53.87
N GLN F 127 -78.44 -15.52 -54.62
CA GLN F 127 -78.89 -15.15 -55.94
C GLN F 127 -79.91 -14.01 -55.84
N GLU F 128 -80.84 -14.10 -54.89
CA GLU F 128 -81.91 -13.10 -54.77
C GLU F 128 -81.50 -11.72 -54.19
N ALA F 129 -80.75 -11.69 -53.09
CA ALA F 129 -80.30 -10.42 -52.53
C ALA F 129 -79.31 -9.83 -53.51
N GLY F 130 -78.68 -10.70 -54.30
CA GLY F 130 -77.75 -10.27 -55.30
C GLY F 130 -78.46 -9.72 -56.52
N LYS F 131 -79.71 -10.15 -56.73
CA LYS F 131 -80.52 -9.57 -57.78
C LYS F 131 -80.91 -8.14 -57.41
N LYS F 132 -81.34 -7.99 -56.16
CA LYS F 132 -81.61 -6.69 -55.56
C LYS F 132 -80.39 -5.74 -55.59
N GLU F 133 -79.19 -6.27 -55.34
CA GLU F 133 -77.98 -5.46 -55.34
C GLU F 133 -77.53 -5.08 -56.73
N PHE F 134 -77.68 -6.02 -57.67
CA PHE F 134 -77.33 -5.78 -59.06
C PHE F 134 -78.16 -4.65 -59.68
N ILE F 135 -79.47 -4.78 -59.62
CA ILE F 135 -80.38 -3.73 -60.12
C ILE F 135 -80.23 -2.39 -59.39
N GLU F 136 -79.94 -2.44 -58.09
CA GLU F 136 -79.71 -1.23 -57.30
C GLU F 136 -78.42 -0.50 -57.69
N ALA F 137 -77.32 -1.25 -57.74
CA ALA F 137 -76.01 -0.70 -58.12
C ALA F 137 -75.99 -0.16 -59.54
N VAL F 138 -76.76 -0.83 -60.39
CA VAL F 138 -76.90 -0.46 -61.79
C VAL F 138 -77.72 0.83 -61.86
N LYS F 139 -78.58 1.00 -60.86
CA LYS F 139 -79.42 2.17 -60.72
C LYS F 139 -78.58 3.39 -60.30
N ILE F 140 -77.59 3.15 -59.44
CA ILE F 140 -76.66 4.17 -59.00
C ILE F 140 -75.76 4.61 -60.16
N LEU F 141 -75.32 3.63 -60.94
CA LEU F 141 -74.52 3.88 -62.12
C LEU F 141 -75.32 4.79 -63.05
N GLU F 142 -76.57 4.42 -63.29
CA GLU F 142 -77.48 5.23 -64.10
C GLU F 142 -77.65 6.64 -63.54
N SER F 143 -77.77 6.75 -62.23
CA SER F 143 -77.86 8.05 -61.55
C SER F 143 -76.67 8.98 -61.81
N GLU F 144 -75.45 8.56 -61.46
CA GLU F 144 -74.30 9.45 -61.61
C GLU F 144 -74.01 9.81 -63.07
N LEU F 145 -74.16 8.85 -63.98
CA LEU F 145 -73.89 9.16 -65.38
C LEU F 145 -74.71 10.37 -65.85
N GLY F 146 -75.71 10.71 -65.03
CA GLY F 146 -76.71 11.68 -65.35
C GLY F 146 -77.33 11.24 -66.66
N ASP F 147 -76.82 11.81 -67.74
CA ASP F 147 -77.03 11.30 -69.09
C ASP F 147 -75.73 11.44 -69.86
N LYS F 148 -74.88 10.40 -69.81
CA LYS F 148 -73.57 10.46 -70.47
C LYS F 148 -73.29 9.24 -71.36
N PRO F 149 -72.69 9.48 -72.55
CA PRO F 149 -72.52 8.45 -73.57
C PRO F 149 -71.47 7.47 -73.13
N TYR F 150 -70.36 7.97 -72.61
CA TYR F 150 -69.30 7.08 -72.16
C TYR F 150 -69.13 7.25 -70.65
N PHE F 151 -67.92 7.11 -70.13
CA PHE F 151 -67.78 7.06 -68.67
C PHE F 151 -66.63 7.93 -68.16
N GLY F 152 -65.53 7.95 -68.90
CA GLY F 152 -64.33 8.61 -68.38
C GLY F 152 -63.70 9.71 -69.20
N GLY F 153 -64.32 10.06 -70.33
CA GLY F 153 -63.86 11.16 -71.16
C GLY F 153 -64.99 11.43 -72.12
N ASP F 154 -64.79 12.28 -73.12
CA ASP F 154 -65.88 12.57 -74.06
C ASP F 154 -66.02 11.47 -75.11
N SER F 155 -65.01 10.60 -75.16
CA SER F 155 -65.13 9.36 -75.93
C SER F 155 -64.97 8.18 -75.01
N PHE F 156 -64.58 7.05 -75.58
CA PHE F 156 -64.42 5.82 -74.81
C PHE F 156 -63.48 6.00 -73.64
N GLY F 157 -64.03 5.98 -72.42
CA GLY F 157 -63.27 6.32 -71.23
C GLY F 157 -62.83 5.19 -70.33
N TYR F 158 -62.02 5.55 -69.35
CA TYR F 158 -61.42 4.61 -68.38
C TYR F 158 -62.41 3.66 -67.70
N VAL F 159 -63.58 4.17 -67.33
CA VAL F 159 -64.52 3.31 -66.61
C VAL F 159 -65.60 2.78 -67.57
N ASP F 160 -65.63 3.31 -68.79
CA ASP F 160 -66.26 2.59 -69.90
C ASP F 160 -65.52 1.26 -70.02
N ILE F 161 -64.20 1.36 -70.03
CA ILE F 161 -63.33 0.22 -70.11
C ILE F 161 -63.61 -0.80 -69.02
N SER F 162 -63.61 -0.34 -67.78
CA SER F 162 -63.87 -1.20 -66.64
C SER F 162 -65.21 -1.90 -66.75
N LEU F 163 -66.23 -1.17 -67.16
CA LEU F 163 -67.61 -1.67 -67.12
C LEU F 163 -68.08 -2.28 -68.45
N ILE F 164 -67.36 -2.05 -69.55
CA ILE F 164 -67.89 -2.53 -70.83
C ILE F 164 -67.88 -4.05 -70.93
N THR F 165 -66.96 -4.70 -70.23
CA THR F 165 -66.79 -6.13 -70.40
C THR F 165 -67.82 -6.89 -69.55
N PHE F 166 -68.68 -6.12 -68.91
CA PHE F 166 -69.83 -6.61 -68.19
C PHE F 166 -71.01 -6.63 -69.13
N SER F 167 -70.81 -6.02 -70.31
CA SER F 167 -71.81 -5.97 -71.36
C SER F 167 -71.77 -7.26 -72.17
N SER F 168 -70.73 -8.04 -72.00
CA SER F 168 -70.73 -9.36 -72.59
C SER F 168 -71.53 -10.28 -71.69
N TRP F 169 -71.54 -9.97 -70.39
CA TRP F 169 -72.24 -10.77 -69.40
C TRP F 169 -73.69 -10.36 -69.15
N PHE F 170 -74.22 -9.37 -69.89
CA PHE F 170 -75.57 -8.88 -69.57
C PHE F 170 -76.59 -9.92 -69.94
N GLN F 171 -76.21 -10.78 -70.87
CA GLN F 171 -77.08 -11.84 -71.34
C GLN F 171 -77.17 -12.92 -70.28
N ALA F 172 -76.07 -13.08 -69.53
CA ALA F 172 -75.99 -14.03 -68.44
C ALA F 172 -76.78 -13.51 -67.25
N TYR F 173 -76.94 -12.21 -67.18
CA TYR F 173 -77.65 -11.64 -66.04
C TYR F 173 -79.10 -11.49 -66.39
N GLU F 174 -79.41 -11.68 -67.67
CA GLU F 174 -80.80 -11.60 -68.10
C GLU F 174 -81.41 -12.99 -68.24
N LYS F 175 -80.61 -14.01 -67.97
CA LYS F 175 -81.09 -15.39 -67.92
C LYS F 175 -80.94 -15.99 -66.52
N PHE F 176 -79.73 -15.95 -65.98
CA PHE F 176 -79.44 -16.55 -64.68
C PHE F 176 -79.99 -15.70 -63.55
N GLY F 177 -79.98 -14.38 -63.71
CA GLY F 177 -80.63 -13.53 -62.73
C GLY F 177 -82.09 -13.37 -63.13
N ASN F 178 -82.41 -13.88 -64.32
CA ASN F 178 -83.76 -13.86 -64.90
C ASN F 178 -84.36 -12.47 -64.87
N PHE F 179 -83.51 -11.46 -64.98
CA PHE F 179 -83.98 -10.07 -64.93
C PHE F 179 -83.96 -9.47 -66.30
N SER F 180 -84.54 -8.29 -66.42
CA SER F 180 -84.31 -7.49 -67.61
C SER F 180 -83.59 -6.25 -67.09
N ILE F 181 -82.35 -6.05 -67.51
CA ILE F 181 -81.63 -4.85 -67.11
C ILE F 181 -82.02 -3.70 -68.04
N GLU F 182 -82.73 -4.02 -69.11
CA GLU F 182 -83.07 -3.03 -70.12
C GLU F 182 -84.34 -2.24 -69.78
N SER F 183 -85.44 -2.93 -69.51
CA SER F 183 -86.69 -2.23 -69.20
C SER F 183 -86.55 -1.32 -67.96
N GLU F 184 -85.76 -1.80 -67.01
CA GLU F 184 -85.49 -1.05 -65.79
C GLU F 184 -84.40 -0.02 -66.06
N SER F 185 -83.40 -0.40 -66.84
CA SER F 185 -82.31 0.51 -67.16
C SER F 185 -81.81 0.31 -68.58
N PRO F 186 -82.51 0.88 -69.58
CA PRO F 186 -82.09 0.63 -70.96
C PRO F 186 -80.81 1.37 -71.24
N LYS F 187 -80.57 2.41 -70.45
CA LYS F 187 -79.53 3.38 -70.70
C LYS F 187 -78.15 2.75 -70.58
N LEU F 188 -78.00 1.77 -69.68
CA LEU F 188 -76.69 1.16 -69.48
C LEU F 188 -76.39 0.07 -70.50
N ILE F 189 -77.35 -0.78 -70.80
CA ILE F 189 -77.07 -1.84 -71.76
C ILE F 189 -76.99 -1.21 -73.15
N ALA F 190 -77.73 -0.12 -73.34
CA ALA F 190 -77.66 0.61 -74.61
C ALA F 190 -76.45 1.54 -74.67
N TRP F 191 -75.96 1.96 -73.50
CA TRP F 191 -74.65 2.60 -73.44
C TRP F 191 -73.63 1.65 -74.01
N ALA F 192 -73.78 0.38 -73.62
CA ALA F 192 -72.96 -0.70 -74.09
C ALA F 192 -73.19 -0.93 -75.58
N LYS F 193 -74.45 -0.90 -76.03
CA LYS F 193 -74.73 -1.14 -77.44
C LYS F 193 -74.14 -0.04 -78.32
N ARG F 194 -73.92 1.14 -77.75
CA ARG F 194 -73.16 2.17 -78.47
C ARG F 194 -71.69 1.82 -78.42
N CYS F 195 -71.26 1.30 -77.28
CA CYS F 195 -69.86 0.97 -77.06
C CYS F 195 -69.43 -0.25 -77.84
N MET F 196 -70.40 -0.99 -78.38
CA MET F 196 -70.13 -2.13 -79.23
C MET F 196 -70.11 -1.75 -80.71
N GLU F 197 -70.31 -0.45 -80.98
CA GLU F 197 -70.22 0.10 -82.34
C GLU F 197 -68.76 0.42 -82.66
N LYS F 198 -67.92 0.42 -81.63
CA LYS F 198 -66.49 0.51 -81.85
C LYS F 198 -65.92 -0.92 -81.96
N GLU F 199 -64.76 -1.07 -82.59
CA GLU F 199 -64.22 -2.41 -82.84
C GLU F 199 -63.60 -3.02 -81.59
N SER F 200 -63.19 -2.17 -80.65
CA SER F 200 -62.59 -2.67 -79.40
C SER F 200 -63.54 -3.65 -78.68
N VAL F 201 -64.84 -3.39 -78.72
CA VAL F 201 -65.78 -4.23 -78.00
C VAL F 201 -66.42 -5.22 -78.96
N SER F 202 -66.26 -4.94 -80.25
CA SER F 202 -66.72 -5.80 -81.33
C SER F 202 -65.67 -6.78 -81.79
N LYS F 203 -64.59 -6.92 -81.02
CA LYS F 203 -63.56 -7.92 -81.32
C LYS F 203 -62.93 -8.52 -80.05
N SER F 204 -62.86 -7.73 -78.98
CA SER F 204 -62.23 -8.22 -77.74
C SER F 204 -63.17 -9.14 -76.97
N LEU F 205 -64.46 -8.78 -76.93
CA LEU F 205 -65.41 -9.56 -76.15
C LEU F 205 -66.05 -10.64 -77.02
N PRO F 206 -65.87 -11.93 -76.63
CA PRO F 206 -66.45 -13.13 -77.24
C PRO F 206 -67.96 -13.06 -77.37
N ASP F 207 -68.54 -13.92 -78.18
CA ASP F 207 -70.00 -14.00 -78.33
C ASP F 207 -70.63 -14.14 -76.96
N SER F 208 -71.80 -13.52 -76.76
CA SER F 208 -72.45 -13.51 -75.47
C SER F 208 -73.00 -14.88 -75.13
N GLU F 209 -73.40 -15.61 -76.18
CA GLU F 209 -73.89 -16.96 -76.00
C GLU F 209 -72.81 -17.79 -75.34
N LYS F 210 -71.55 -17.46 -75.63
CA LYS F 210 -70.41 -18.22 -75.12
C LYS F 210 -70.18 -18.03 -73.63
N ILE F 211 -70.26 -16.78 -73.17
CA ILE F 211 -70.09 -16.47 -71.75
C ILE F 211 -71.29 -16.98 -70.99
N VAL F 212 -72.46 -16.83 -71.60
CA VAL F 212 -73.69 -17.37 -71.05
C VAL F 212 -73.55 -18.87 -70.85
N ALA F 213 -73.02 -19.57 -71.85
CA ALA F 213 -72.83 -21.00 -71.79
C ALA F 213 -71.81 -21.37 -70.73
N TYR F 214 -70.79 -20.54 -70.55
CA TYR F 214 -69.76 -20.84 -69.54
C TYR F 214 -70.25 -20.72 -68.10
N ALA F 215 -70.98 -19.64 -67.81
CA ALA F 215 -71.48 -19.43 -66.47
C ALA F 215 -72.41 -20.59 -66.05
N ALA F 216 -73.18 -21.10 -67.00
CA ALA F 216 -73.97 -22.29 -66.78
C ALA F 216 -73.02 -23.48 -66.58
N GLU F 217 -71.90 -23.48 -67.29
CA GLU F 217 -70.96 -24.60 -67.19
C GLU F 217 -70.23 -24.63 -65.84
N TYR F 218 -69.74 -23.48 -65.41
CA TYR F 218 -69.14 -23.35 -64.10
C TYR F 218 -70.14 -23.79 -63.02
N ARG F 219 -71.40 -23.43 -63.21
CA ARG F 219 -72.45 -23.88 -62.31
C ARG F 219 -72.54 -25.39 -62.23
N LYS F 220 -72.39 -26.06 -63.37
CA LYS F 220 -72.41 -27.51 -63.36
C LYS F 220 -71.25 -28.06 -62.53
N ASN F 221 -70.04 -27.63 -62.85
CA ASN F 221 -68.80 -28.09 -62.21
C ASN F 221 -68.75 -27.98 -60.69
N ASN F 222 -69.24 -26.86 -60.12
CA ASN F 222 -69.28 -26.66 -58.67
C ASN F 222 -70.71 -26.65 -58.12
N LEU F 223 -70.92 -27.00 -56.86
CA LEU F 223 -72.27 -27.05 -56.33
C LEU F 223 -72.36 -26.32 -54.99
#